data_6HU2
#
_entry.id   6HU2
#
_cell.length_a   71.290
_cell.length_b   71.330
_cell.length_c   99.080
_cell.angle_alpha   75.72
_cell.angle_beta   78.17
_cell.angle_gamma   85.61
#
_symmetry.space_group_name_H-M   'P 1'
#
loop_
_entity.id
_entity.type
_entity.pdbx_description
1 polymer 'Histone deacetylase'
2 non-polymer 'ZINC ION'
3 non-polymer 'POTASSIUM ION'
4 non-polymer 4-methyl-~{N}-oxidanyl-3-[(phenylmethyl)amino]benzamide
5 non-polymer DIMETHYLFORMAMIDE
6 non-polymer GLYCEROL
7 water water
#
_entity_poly.entity_id   1
_entity_poly.type   'polypeptide(L)'
_entity_poly.pdbx_seq_one_letter_code
;HMSVGIVYGDQYRQLCCSSPKFGDRYALVMDLINAYKLIPELSRVPPLQWDSPSRMYEAVTAFHSTEYVDALKKLQMLHC
EEKELTADDELLMDSFSLNYDCPGFPSVFDYSLAAVQGSLAAASALICRHCEVVINWGGGWHHAKRSEASGFCYLNDIVL
AIHRLVSSTPPETSPNRQTRVLYVDLDLHHGDGVEEAFWYSPRVVTFSVHHASPGFFPGTGTWNMVDNDKLPIFLNGAGR
GRFSAFNLPLEEGINDLDWSNAIGPILDSLNIVIQPSYVVVQCGADCLATDPHRIFRLTNFYPNLNLDSDCDSECSLSGY
LYAIKKILSWKVPTLILGGGGYNFPDTARLWTRVTALTIEEVKGKKMTISPEIPEHSYFSRYGPDFELDIDYFPHESHNK
TLDSIQKHHRRILEQLRNYADLNKLIYDYDQVYQLYNLTGMGSLVPR
;
_entity_poly.pdbx_strand_id   A,B,C,D
#
loop_
_chem_comp.id
_chem_comp.type
_chem_comp.name
_chem_comp.formula
DMF non-polymer DIMETHYLFORMAMIDE 'C3 H7 N O'
GOL non-polymer GLYCEROL 'C3 H8 O3'
K non-polymer 'POTASSIUM ION' 'K 1'
T34 non-polymer 4-methyl-~{N}-oxidanyl-3-[(phenylmethyl)amino]benzamide 'C15 H16 N2 O2'
ZN non-polymer 'ZINC ION' 'Zn 2'
#
# COMPACT_ATOMS: atom_id res chain seq x y z
N SER A 3 -30.49 15.89 -18.40
CA SER A 3 -30.33 14.54 -18.91
C SER A 3 -30.65 13.52 -17.80
N VAL A 4 -31.36 12.46 -18.16
CA VAL A 4 -31.64 11.34 -17.26
C VAL A 4 -30.87 10.14 -17.79
N GLY A 5 -30.02 9.53 -16.94
CA GLY A 5 -29.26 8.36 -17.32
C GLY A 5 -29.82 7.08 -16.74
N ILE A 6 -29.48 5.95 -17.34
CA ILE A 6 -29.87 4.65 -16.79
C ILE A 6 -28.78 3.62 -17.09
N VAL A 7 -28.43 2.81 -16.09
CA VAL A 7 -27.33 1.85 -16.24
C VAL A 7 -27.86 0.60 -16.93
N TYR A 8 -27.26 0.23 -18.06
CA TYR A 8 -27.45 -1.10 -18.62
C TYR A 8 -26.36 -1.41 -19.63
N GLY A 9 -26.40 -2.64 -20.16
CA GLY A 9 -25.41 -3.17 -21.08
C GLY A 9 -25.63 -4.66 -21.27
N ASP A 10 -25.08 -5.26 -22.32
CA ASP A 10 -25.38 -6.67 -22.59
C ASP A 10 -24.76 -7.57 -21.53
N GLN A 11 -23.48 -7.37 -21.21
CA GLN A 11 -22.86 -8.19 -20.18
C GLN A 11 -23.45 -7.88 -18.81
N TYR A 12 -23.79 -6.61 -18.56
CA TYR A 12 -24.41 -6.23 -17.29
C TYR A 12 -25.73 -6.97 -17.08
N ARG A 13 -26.57 -7.03 -18.13
CA ARG A 13 -27.84 -7.74 -18.05
C ARG A 13 -27.63 -9.23 -17.74
N GLN A 14 -26.63 -9.86 -18.36
CA GLN A 14 -26.38 -11.28 -18.09
C GLN A 14 -26.00 -11.52 -16.64
N LEU A 15 -25.07 -10.71 -16.10
CA LEU A 15 -24.65 -10.87 -14.71
C LEU A 15 -25.77 -10.55 -13.73
N CYS A 16 -26.55 -9.47 -13.97
CA CYS A 16 -27.66 -9.15 -13.07
C CYS A 16 -28.74 -10.22 -13.06
N CYS A 17 -28.77 -11.10 -14.07
CA CYS A 17 -29.75 -12.17 -14.16
C CYS A 17 -29.18 -13.54 -13.79
N SER A 18 -28.02 -13.59 -13.15
CA SER A 18 -27.35 -14.87 -12.92
C SER A 18 -27.51 -15.39 -11.51
N SER A 19 -28.34 -14.70 -10.61
CA SER A 19 -28.41 -15.18 -9.23
C SER A 19 -29.63 -16.06 -9.02
N PRO A 20 -29.53 -17.03 -8.10
CA PRO A 20 -30.71 -17.88 -7.83
C PRO A 20 -31.88 -17.12 -7.22
N LYS A 21 -31.62 -16.11 -6.38
CA LYS A 21 -32.73 -15.45 -5.69
C LYS A 21 -33.52 -14.53 -6.61
N PHE A 22 -32.83 -13.70 -7.40
CA PHE A 22 -33.53 -12.67 -8.17
C PHE A 22 -33.74 -13.04 -9.63
N GLY A 23 -33.18 -14.16 -10.08
CA GLY A 23 -33.51 -14.72 -11.39
C GLY A 23 -33.41 -13.69 -12.51
N ASP A 24 -34.44 -13.67 -13.38
CA ASP A 24 -34.49 -12.77 -14.53
C ASP A 24 -35.23 -11.47 -14.23
N ARG A 25 -35.33 -11.06 -12.96
CA ARG A 25 -36.08 -9.84 -12.62
C ARG A 25 -35.58 -8.62 -13.39
N TYR A 26 -34.25 -8.45 -13.46
CA TYR A 26 -33.67 -7.26 -14.11
C TYR A 26 -34.01 -7.20 -15.60
N ALA A 27 -34.13 -8.36 -16.25
CA ALA A 27 -34.52 -8.38 -17.66
C ALA A 27 -35.98 -7.97 -17.85
N LEU A 28 -36.86 -8.43 -16.96
CA LEU A 28 -38.25 -7.96 -17.00
C LEU A 28 -38.33 -6.45 -16.83
N VAL A 29 -37.60 -5.92 -15.85
CA VAL A 29 -37.62 -4.47 -15.60
C VAL A 29 -37.19 -3.72 -16.86
N MET A 30 -35.99 -4.02 -17.38
CA MET A 30 -35.47 -3.26 -18.51
C MET A 30 -36.28 -3.51 -19.79
N ASP A 31 -36.82 -4.72 -20.00
CA ASP A 31 -37.64 -4.95 -21.19
C ASP A 31 -39.02 -4.30 -21.11
N LEU A 32 -39.56 -4.08 -19.90
CA LEU A 32 -40.82 -3.35 -19.83
C LEU A 32 -40.59 -1.86 -20.08
N ILE A 33 -39.54 -1.29 -19.49
CA ILE A 33 -39.10 0.07 -19.80
C ILE A 33 -38.89 0.24 -21.31
N ASN A 34 -38.24 -0.75 -21.95
CA ASN A 34 -38.03 -0.71 -23.40
C ASN A 34 -39.36 -0.85 -24.15
N ALA A 35 -40.24 -1.74 -23.69
CA ALA A 35 -41.53 -1.94 -24.33
C ALA A 35 -42.37 -0.67 -24.34
N TYR A 36 -42.23 0.18 -23.33
CA TYR A 36 -42.98 1.42 -23.27
C TYR A 36 -42.26 2.59 -23.95
N LYS A 37 -41.20 2.31 -24.71
CA LYS A 37 -40.52 3.30 -25.55
C LYS A 37 -39.84 4.40 -24.74
N LEU A 38 -39.36 4.07 -23.54
CA LEU A 38 -38.65 5.07 -22.74
C LEU A 38 -37.16 5.12 -23.03
N ILE A 39 -36.59 4.07 -23.66
CA ILE A 39 -35.13 4.03 -23.86
C ILE A 39 -34.60 5.21 -24.66
N PRO A 40 -35.23 5.61 -25.77
CA PRO A 40 -34.72 6.79 -26.49
C PRO A 40 -34.73 8.09 -25.69
N GLU A 41 -35.51 8.18 -24.61
CA GLU A 41 -35.48 9.38 -23.77
C GLU A 41 -34.29 9.40 -22.82
N LEU A 42 -33.55 8.29 -22.68
CA LEU A 42 -32.58 8.13 -21.62
C LEU A 42 -31.16 7.97 -22.16
N SER A 43 -30.20 8.49 -21.40
CA SER A 43 -28.78 8.34 -21.71
C SER A 43 -28.27 7.04 -21.09
N ARG A 44 -27.78 6.11 -21.93
CA ARG A 44 -27.22 4.88 -21.36
C ARG A 44 -25.91 5.19 -20.64
N VAL A 45 -25.80 4.75 -19.39
CA VAL A 45 -24.60 4.90 -18.58
C VAL A 45 -23.93 3.53 -18.49
N PRO A 46 -22.73 3.35 -19.06
CA PRO A 46 -22.08 2.03 -19.04
C PRO A 46 -21.48 1.73 -17.68
N PRO A 47 -21.56 0.48 -17.20
CA PRO A 47 -20.93 0.13 -15.94
C PRO A 47 -19.42 0.35 -15.97
N LEU A 48 -18.87 0.73 -14.82
CA LEU A 48 -17.44 0.99 -14.72
C LEU A 48 -16.64 -0.30 -14.90
N GLN A 49 -15.52 -0.20 -15.62
CA GLN A 49 -14.52 -1.26 -15.65
C GLN A 49 -13.17 -0.69 -15.23
N TRP A 50 -12.31 -1.57 -14.71
CA TRP A 50 -11.02 -1.21 -14.14
C TRP A 50 -9.87 -1.65 -15.03
N ASP A 51 -8.73 -0.99 -14.86
CA ASP A 51 -7.54 -1.21 -15.66
C ASP A 51 -6.62 -2.29 -15.12
N SER A 52 -6.97 -2.93 -14.00
CA SER A 52 -6.15 -4.00 -13.46
C SER A 52 -6.87 -4.62 -12.26
N PRO A 53 -6.46 -5.82 -11.85
CA PRO A 53 -7.00 -6.38 -10.61
C PRO A 53 -6.72 -5.51 -9.40
N SER A 54 -5.55 -4.85 -9.33
CA SER A 54 -5.22 -4.01 -8.17
C SER A 54 -6.13 -2.80 -8.09
N ARG A 55 -6.51 -2.24 -9.24
CA ARG A 55 -7.43 -1.10 -9.24
C ARG A 55 -8.81 -1.52 -8.78
N MET A 56 -9.26 -2.70 -9.19
CA MET A 56 -10.57 -3.18 -8.74
C MET A 56 -10.57 -3.36 -7.23
N TYR A 57 -9.53 -4.02 -6.68
CA TYR A 57 -9.45 -4.23 -5.23
C TYR A 57 -9.40 -2.90 -4.48
N GLU A 58 -8.65 -1.93 -5.01
CA GLU A 58 -8.58 -0.63 -4.34
C GLU A 58 -9.96 0.03 -4.27
N ALA A 59 -10.78 -0.15 -5.31
CA ALA A 59 -12.11 0.45 -5.31
C ALA A 59 -13.04 -0.24 -4.31
N VAL A 60 -13.04 -1.58 -4.30
CA VAL A 60 -14.00 -2.30 -3.46
C VAL A 60 -13.60 -2.21 -1.99
N THR A 61 -12.30 -2.25 -1.69
CA THR A 61 -11.83 -2.18 -0.32
C THR A 61 -11.76 -0.75 0.22
N ALA A 62 -12.29 0.23 -0.52
CA ALA A 62 -12.63 1.51 0.10
C ALA A 62 -13.62 1.33 1.24
N PHE A 63 -14.48 0.31 1.16
CA PHE A 63 -15.37 -0.04 2.25
C PHE A 63 -15.11 -1.44 2.80
N HIS A 64 -15.04 -2.46 1.94
CA HIS A 64 -14.95 -3.84 2.40
C HIS A 64 -13.49 -4.23 2.71
N SER A 65 -13.32 -5.17 3.64
CA SER A 65 -11.97 -5.63 3.99
C SER A 65 -11.40 -6.52 2.89
N THR A 66 -10.06 -6.52 2.76
CA THR A 66 -9.45 -7.35 1.72
C THR A 66 -9.78 -8.83 1.96
N GLU A 67 -9.76 -9.27 3.22
CA GLU A 67 -10.01 -10.68 3.50
C GLU A 67 -11.41 -11.10 3.10
N TYR A 68 -12.40 -10.22 3.29
CA TYR A 68 -13.76 -10.54 2.84
C TYR A 68 -13.82 -10.63 1.32
N VAL A 69 -13.20 -9.67 0.62
CA VAL A 69 -13.19 -9.71 -0.84
C VAL A 69 -12.48 -10.97 -1.34
N ASP A 70 -11.33 -11.31 -0.74
CA ASP A 70 -10.65 -12.56 -1.06
C ASP A 70 -11.58 -13.76 -0.87
N ALA A 71 -12.32 -13.79 0.25
CA ALA A 71 -13.19 -14.93 0.55
C ALA A 71 -14.34 -15.03 -0.46
N LEU A 72 -14.90 -13.89 -0.86
CA LEU A 72 -15.99 -13.91 -1.83
C LEU A 72 -15.51 -14.39 -3.21
N LYS A 73 -14.33 -13.95 -3.64
CA LYS A 73 -13.74 -14.47 -4.87
C LYS A 73 -13.49 -15.97 -4.78
N LYS A 74 -12.98 -16.44 -3.63
CA LYS A 74 -12.72 -17.88 -3.51
C LYS A 74 -14.03 -18.68 -3.54
N LEU A 75 -15.09 -18.13 -2.94
CA LEU A 75 -16.40 -18.79 -2.98
C LEU A 75 -16.88 -19.02 -4.41
N GLN A 76 -16.71 -18.03 -5.29
CA GLN A 76 -17.04 -18.22 -6.70
C GLN A 76 -16.21 -19.33 -7.32
N MET A 77 -14.89 -19.28 -7.14
CA MET A 77 -14.02 -20.32 -7.69
C MET A 77 -14.47 -21.71 -7.25
N LEU A 78 -14.78 -21.86 -5.95
CA LEU A 78 -15.13 -23.17 -5.42
C LEU A 78 -16.44 -23.67 -6.01
N HIS A 79 -17.39 -22.78 -6.23
CA HIS A 79 -18.67 -23.15 -6.82
C HIS A 79 -18.59 -23.34 -8.33
N CYS A 80 -17.46 -23.02 -8.96
CA CYS A 80 -17.25 -23.34 -10.37
C CYS A 80 -16.56 -24.69 -10.57
N GLU A 81 -16.37 -25.46 -9.50
CA GLU A 81 -15.86 -26.83 -9.57
C GLU A 81 -16.89 -27.78 -8.97
N GLU A 82 -16.79 -29.05 -9.34
CA GLU A 82 -17.83 -30.01 -8.95
C GLU A 82 -17.76 -30.38 -7.48
N LYS A 83 -16.57 -30.41 -6.89
CA LYS A 83 -16.38 -30.95 -5.55
C LYS A 83 -16.88 -29.97 -4.49
N GLU A 84 -17.38 -30.54 -3.40
CA GLU A 84 -17.88 -29.77 -2.26
C GLU A 84 -16.73 -29.15 -1.47
N LEU A 85 -17.09 -28.25 -0.57
CA LEU A 85 -16.08 -27.51 0.19
C LEU A 85 -15.45 -28.42 1.24
N THR A 86 -14.20 -28.13 1.57
CA THR A 86 -13.57 -28.79 2.71
C THR A 86 -14.11 -28.22 4.01
N ALA A 87 -13.80 -28.90 5.13
CA ALA A 87 -14.24 -28.41 6.43
C ALA A 87 -13.62 -27.05 6.74
N ASP A 88 -12.34 -26.87 6.40
CA ASP A 88 -11.70 -25.56 6.61
C ASP A 88 -12.32 -24.47 5.73
N ASP A 89 -12.73 -24.82 4.50
CA ASP A 89 -13.37 -23.81 3.65
C ASP A 89 -14.77 -23.43 4.16
N GLU A 90 -15.52 -24.39 4.73
CA GLU A 90 -16.80 -24.07 5.34
C GLU A 90 -16.64 -23.06 6.49
N LEU A 91 -15.63 -23.27 7.35
CA LEU A 91 -15.39 -22.36 8.47
C LEU A 91 -15.02 -20.97 7.99
N LEU A 92 -14.17 -20.90 6.97
CA LEU A 92 -13.81 -19.61 6.38
C LEU A 92 -15.05 -18.84 5.93
N MET A 93 -15.91 -19.48 5.13
CA MET A 93 -17.10 -18.81 4.60
C MET A 93 -18.06 -18.42 5.72
N ASP A 94 -18.25 -19.32 6.69
CA ASP A 94 -19.09 -19.01 7.84
C ASP A 94 -18.61 -17.78 8.59
N SER A 95 -17.30 -17.55 8.64
CA SER A 95 -16.80 -16.39 9.39
C SER A 95 -17.13 -15.06 8.72
N PHE A 96 -17.60 -15.09 7.47
CA PHE A 96 -18.06 -13.90 6.75
C PHE A 96 -19.55 -13.91 6.46
N SER A 97 -20.30 -14.84 7.08
CA SER A 97 -21.73 -15.07 6.87
C SER A 97 -22.06 -15.40 5.42
N LEU A 98 -21.12 -16.03 4.71
CA LEU A 98 -21.36 -16.47 3.34
C LEU A 98 -22.04 -17.84 3.35
N ASN A 99 -23.30 -17.83 3.81
CA ASN A 99 -24.04 -19.07 4.02
C ASN A 99 -25.52 -18.71 4.17
N TYR A 100 -26.34 -19.74 4.35
CA TYR A 100 -27.77 -19.58 4.59
C TYR A 100 -28.40 -18.60 3.60
N ASP A 101 -28.68 -17.36 4.04
CA ASP A 101 -29.30 -16.36 3.16
C ASP A 101 -28.38 -15.86 2.05
N CYS A 102 -27.07 -16.02 2.20
CA CYS A 102 -26.10 -15.53 1.21
C CYS A 102 -25.22 -16.68 0.76
N PRO A 103 -25.78 -17.63 0.01
CA PRO A 103 -25.01 -18.82 -0.38
C PRO A 103 -24.07 -18.52 -1.55
N GLY A 104 -23.15 -19.45 -1.79
CA GLY A 104 -22.35 -19.40 -3.00
C GLY A 104 -23.14 -19.87 -4.22
N PHE A 105 -22.72 -19.38 -5.38
CA PHE A 105 -23.19 -19.87 -6.67
C PHE A 105 -22.16 -19.49 -7.72
N PRO A 106 -22.21 -20.10 -8.92
CA PRO A 106 -21.05 -20.04 -9.81
C PRO A 106 -20.63 -18.63 -10.25
N SER A 107 -21.51 -17.64 -10.18
CA SER A 107 -21.11 -16.28 -10.54
C SER A 107 -21.26 -15.29 -9.39
N VAL A 108 -21.20 -15.76 -8.12
CA VAL A 108 -21.57 -14.89 -6.99
C VAL A 108 -20.70 -13.63 -6.93
N PHE A 109 -19.42 -13.74 -7.28
CA PHE A 109 -18.56 -12.56 -7.21
C PHE A 109 -18.79 -11.63 -8.39
N ASP A 110 -18.89 -12.16 -9.61
CA ASP A 110 -19.16 -11.32 -10.77
C ASP A 110 -20.52 -10.65 -10.66
N TYR A 111 -21.51 -11.36 -10.13
CA TYR A 111 -22.84 -10.80 -9.90
C TYR A 111 -22.78 -9.62 -8.94
N SER A 112 -22.13 -9.83 -7.79
CA SER A 112 -22.04 -8.79 -6.76
C SER A 112 -21.26 -7.59 -7.25
N LEU A 113 -20.13 -7.84 -7.91
CA LEU A 113 -19.28 -6.76 -8.41
C LEU A 113 -20.02 -5.91 -9.44
N ALA A 114 -20.89 -6.54 -10.24
CA ALA A 114 -21.58 -5.82 -11.30
C ALA A 114 -22.41 -4.67 -10.73
N ALA A 115 -23.12 -4.90 -9.63
CA ALA A 115 -23.90 -3.81 -9.04
C ALA A 115 -23.00 -2.65 -8.62
N VAL A 116 -21.81 -2.97 -8.11
CA VAL A 116 -20.83 -1.95 -7.76
C VAL A 116 -20.39 -1.19 -8.98
N GLN A 117 -20.10 -1.91 -10.08
CA GLN A 117 -19.68 -1.25 -11.30
C GLN A 117 -20.77 -0.30 -11.80
N GLY A 118 -22.03 -0.73 -11.71
CA GLY A 118 -23.12 0.11 -12.18
C GLY A 118 -23.29 1.37 -11.35
N SER A 119 -23.29 1.23 -10.02
CA SER A 119 -23.57 2.38 -9.18
C SER A 119 -22.39 3.34 -9.07
N LEU A 120 -21.16 2.84 -9.23
CA LEU A 120 -20.01 3.75 -9.28
C LEU A 120 -20.05 4.58 -10.57
N ALA A 121 -20.40 3.95 -11.69
CA ALA A 121 -20.53 4.71 -12.93
C ALA A 121 -21.65 5.73 -12.83
N ALA A 122 -22.75 5.37 -12.17
CA ALA A 122 -23.85 6.33 -11.96
C ALA A 122 -23.38 7.55 -11.18
N ALA A 123 -22.60 7.32 -10.12
CA ALA A 123 -22.09 8.46 -9.34
C ALA A 123 -21.19 9.36 -10.18
N SER A 124 -20.28 8.77 -10.97
CA SER A 124 -19.40 9.58 -11.80
C SER A 124 -20.18 10.43 -12.80
N ALA A 125 -21.23 9.85 -13.40
CA ALA A 125 -22.05 10.62 -14.35
C ALA A 125 -22.69 11.84 -13.69
N LEU A 126 -23.10 11.71 -12.41
CA LEU A 126 -23.62 12.86 -11.66
C LEU A 126 -22.51 13.86 -11.34
N ILE A 127 -21.33 13.37 -10.94
CA ILE A 127 -20.23 14.25 -10.54
C ILE A 127 -19.77 15.12 -11.72
N CYS A 128 -19.58 14.50 -12.88
CA CYS A 128 -19.16 15.25 -14.06
CA CYS A 128 -19.16 15.24 -14.07
C CYS A 128 -20.29 16.03 -14.69
N ARG A 129 -21.48 16.03 -14.08
CA ARG A 129 -22.67 16.74 -14.57
C ARG A 129 -23.10 16.28 -15.96
N HIS A 130 -22.78 15.05 -16.33
CA HIS A 130 -23.33 14.51 -17.58
C HIS A 130 -24.83 14.27 -17.47
N CYS A 131 -25.31 13.85 -16.30
CA CYS A 131 -26.71 13.60 -16.06
C CYS A 131 -27.15 14.34 -14.80
N GLU A 132 -28.43 14.76 -14.80
CA GLU A 132 -29.01 15.32 -13.59
C GLU A 132 -29.54 14.23 -12.66
N VAL A 133 -30.03 13.13 -13.21
CA VAL A 133 -30.49 11.96 -12.45
C VAL A 133 -29.98 10.71 -13.17
N VAL A 134 -29.51 9.71 -12.40
CA VAL A 134 -29.15 8.41 -12.96
C VAL A 134 -29.88 7.31 -12.20
N ILE A 135 -30.39 6.34 -12.95
CA ILE A 135 -31.13 5.19 -12.43
C ILE A 135 -30.26 3.95 -12.58
N ASN A 136 -30.21 3.11 -11.54
CA ASN A 136 -29.60 1.78 -11.66
C ASN A 136 -30.52 0.75 -10.99
N TRP A 137 -31.40 0.13 -11.81
CA TRP A 137 -32.24 -0.92 -11.25
C TRP A 137 -31.47 -2.22 -10.97
N GLY A 138 -30.17 -2.25 -11.22
CA GLY A 138 -29.35 -3.39 -10.86
C GLY A 138 -28.68 -3.28 -9.51
N GLY A 139 -28.79 -2.13 -8.83
CA GLY A 139 -28.14 -1.89 -7.58
C GLY A 139 -29.12 -1.72 -6.42
N GLY A 140 -28.57 -1.30 -5.29
CA GLY A 140 -29.39 -1.03 -4.11
C GLY A 140 -29.21 -2.01 -2.96
N TRP A 141 -28.04 -2.62 -2.84
CA TRP A 141 -27.86 -3.75 -1.93
C TRP A 141 -27.40 -3.26 -0.55
N HIS A 142 -28.39 -2.83 0.25
CA HIS A 142 -28.13 -1.97 1.40
C HIS A 142 -27.75 -2.72 2.68
N HIS A 143 -27.82 -4.05 2.71
CA HIS A 143 -27.53 -4.79 3.94
C HIS A 143 -26.08 -5.23 4.09
N ALA A 144 -25.27 -5.18 3.03
CA ALA A 144 -23.92 -5.73 3.13
C ALA A 144 -23.04 -4.84 4.02
N LYS A 145 -22.21 -5.48 4.84
CA LYS A 145 -21.31 -4.80 5.78
C LYS A 145 -19.86 -4.95 5.33
N ARG A 146 -18.96 -4.27 6.05
CA ARG A 146 -17.54 -4.28 5.71
C ARG A 146 -17.01 -5.71 5.47
N SER A 147 -17.29 -6.63 6.39
CA SER A 147 -16.76 -8.01 6.33
C SER A 147 -17.87 -9.04 6.49
N GLU A 148 -19.06 -8.79 5.94
CA GLU A 148 -20.16 -9.71 6.20
C GLU A 148 -21.23 -9.56 5.12
N ALA A 149 -21.62 -10.67 4.50
CA ALA A 149 -22.79 -10.69 3.63
C ALA A 149 -24.04 -10.75 4.48
N SER A 150 -25.14 -10.16 3.99
CA SER A 150 -26.38 -10.13 4.75
C SER A 150 -27.57 -9.90 3.81
N GLY A 151 -28.63 -10.68 3.99
CA GLY A 151 -29.88 -10.39 3.28
C GLY A 151 -29.77 -10.44 1.77
N PHE A 152 -29.00 -11.41 1.26
CA PHE A 152 -28.63 -11.58 -0.15
C PHE A 152 -27.92 -10.37 -0.72
N CYS A 153 -27.36 -9.52 0.13
CA CYS A 153 -26.45 -8.45 -0.26
C CYS A 153 -25.03 -8.90 0.03
N TYR A 154 -24.17 -8.94 -0.99
CA TYR A 154 -22.79 -9.40 -0.82
C TYR A 154 -21.78 -8.25 -0.81
N LEU A 155 -22.00 -7.22 -1.63
CA LEU A 155 -21.16 -6.03 -1.71
C LEU A 155 -22.06 -4.81 -1.68
N ASN A 156 -21.69 -3.81 -0.90
CA ASN A 156 -22.61 -2.68 -0.72
C ASN A 156 -22.28 -1.63 -1.79
N ASP A 157 -22.92 -1.77 -2.96
CA ASP A 157 -22.77 -0.77 -4.03
C ASP A 157 -23.23 0.62 -3.59
N ILE A 158 -24.18 0.70 -2.67
CA ILE A 158 -24.66 2.01 -2.23
C ILE A 158 -23.58 2.75 -1.47
N VAL A 159 -22.96 2.08 -0.49
CA VAL A 159 -21.91 2.73 0.30
C VAL A 159 -20.79 3.24 -0.60
N LEU A 160 -20.39 2.44 -1.59
CA LEU A 160 -19.27 2.82 -2.43
C LEU A 160 -19.64 4.01 -3.33
N ALA A 161 -20.87 4.03 -3.85
CA ALA A 161 -21.33 5.18 -4.63
C ALA A 161 -21.35 6.46 -3.78
N ILE A 162 -21.91 6.38 -2.56
CA ILE A 162 -21.96 7.56 -1.68
C ILE A 162 -20.56 8.04 -1.36
N HIS A 163 -19.65 7.11 -1.07
CA HIS A 163 -18.27 7.48 -0.79
C HIS A 163 -17.64 8.26 -1.96
N ARG A 164 -17.89 7.82 -3.19
CA ARG A 164 -17.38 8.56 -4.33
C ARG A 164 -17.98 9.96 -4.40
N LEU A 165 -19.26 10.10 -4.07
CA LEU A 165 -19.92 11.40 -4.12
C LEU A 165 -19.35 12.37 -3.07
N VAL A 166 -19.22 11.93 -1.80
CA VAL A 166 -18.75 12.85 -0.76
C VAL A 166 -17.29 13.21 -0.94
N SER A 167 -16.51 12.36 -1.59
CA SER A 167 -15.08 12.61 -1.76
C SER A 167 -14.78 13.39 -3.03
N SER A 168 -15.79 13.93 -3.71
CA SER A 168 -15.59 14.59 -4.99
C SER A 168 -15.34 16.09 -4.87
N THR A 169 -15.51 16.66 -3.67
CA THR A 169 -15.26 18.08 -3.44
C THR A 169 -13.79 18.46 -3.67
N ARG A 177 -20.24 25.12 3.10
CA ARG A 177 -19.08 25.09 2.20
C ARG A 177 -18.52 23.68 2.06
N GLN A 178 -19.37 22.66 2.19
CA GLN A 178 -18.93 21.27 2.20
C GLN A 178 -19.92 20.41 1.41
N THR A 179 -19.44 19.25 0.96
CA THR A 179 -20.30 18.30 0.26
C THR A 179 -21.09 17.48 1.27
N ARG A 180 -22.41 17.46 1.13
CA ARG A 180 -23.27 16.63 1.97
C ARG A 180 -24.16 15.76 1.10
N VAL A 181 -24.40 14.53 1.55
CA VAL A 181 -25.26 13.56 0.87
C VAL A 181 -26.41 13.19 1.80
N LEU A 182 -27.62 13.22 1.25
CA LEU A 182 -28.80 12.68 1.93
C LEU A 182 -29.18 11.36 1.27
N TYR A 183 -29.21 10.29 2.08
CA TYR A 183 -29.59 8.95 1.64
C TYR A 183 -31.00 8.66 2.15
N VAL A 184 -31.87 8.22 1.24
CA VAL A 184 -33.29 7.95 1.51
C VAL A 184 -33.56 6.50 1.14
N ASP A 185 -33.98 5.70 2.13
CA ASP A 185 -34.15 4.25 1.95
C ASP A 185 -35.63 3.91 2.06
N LEU A 186 -36.28 3.64 0.92
CA LEU A 186 -37.72 3.37 0.88
C LEU A 186 -38.07 1.87 0.95
N ASP A 187 -37.07 1.01 1.01
CA ASP A 187 -37.28 -0.44 1.10
C ASP A 187 -38.16 -0.81 2.31
N LEU A 188 -38.84 -1.96 2.20
CA LEU A 188 -39.57 -2.50 3.36
C LEU A 188 -38.67 -2.73 4.56
N HIS A 189 -37.39 -3.05 4.33
CA HIS A 189 -36.44 -3.41 5.37
C HIS A 189 -35.56 -2.22 5.75
N HIS A 190 -35.13 -2.20 7.01
CA HIS A 190 -34.20 -1.17 7.47
C HIS A 190 -32.87 -1.23 6.69
N GLY A 191 -32.39 -0.08 6.23
CA GLY A 191 -31.11 -0.02 5.54
C GLY A 191 -29.92 -0.01 6.49
N ASP A 192 -29.64 -1.14 7.14
CA ASP A 192 -28.68 -1.13 8.24
C ASP A 192 -27.23 -0.97 7.76
N GLY A 193 -26.88 -1.59 6.63
CA GLY A 193 -25.49 -1.55 6.19
C GLY A 193 -25.04 -0.14 5.84
N VAL A 194 -25.89 0.61 5.14
CA VAL A 194 -25.54 2.00 4.81
C VAL A 194 -25.51 2.86 6.06
N GLU A 195 -26.50 2.69 6.95
CA GLU A 195 -26.53 3.46 8.19
C GLU A 195 -25.27 3.23 8.99
N GLU A 196 -24.86 1.97 9.12
CA GLU A 196 -23.66 1.64 9.89
C GLU A 196 -22.40 2.22 9.26
N ALA A 197 -22.30 2.18 7.93
CA ALA A 197 -21.08 2.66 7.27
C ALA A 197 -20.83 4.13 7.55
N PHE A 198 -21.88 4.90 7.77
CA PHE A 198 -21.76 6.34 7.95
C PHE A 198 -22.19 6.79 9.34
N TRP A 199 -22.23 5.84 10.29
CA TRP A 199 -22.62 6.12 11.67
C TRP A 199 -21.83 7.26 12.32
N TYR A 200 -20.56 7.45 11.95
CA TYR A 200 -19.73 8.52 12.50
C TYR A 200 -19.54 9.71 11.56
N SER A 201 -20.27 9.78 10.46
CA SER A 201 -20.04 10.80 9.44
C SER A 201 -21.21 11.78 9.40
N PRO A 202 -21.02 13.04 9.80
CA PRO A 202 -22.13 14.01 9.72
C PRO A 202 -22.47 14.43 8.29
N ARG A 203 -21.55 14.26 7.33
CA ARG A 203 -21.77 14.73 5.97
C ARG A 203 -22.62 13.77 5.13
N VAL A 204 -22.90 12.58 5.63
CA VAL A 204 -23.84 11.66 4.99
C VAL A 204 -24.98 11.43 5.97
N VAL A 205 -26.12 12.09 5.74
CA VAL A 205 -27.29 11.85 6.57
C VAL A 205 -28.08 10.71 5.96
N THR A 206 -28.42 9.69 6.77
CA THR A 206 -29.20 8.55 6.30
C THR A 206 -30.60 8.59 6.92
N PHE A 207 -31.60 8.18 6.12
CA PHE A 207 -33.00 8.15 6.55
C PHE A 207 -33.67 6.94 5.94
N SER A 208 -34.12 6.01 6.79
CA SER A 208 -34.78 4.78 6.38
C SER A 208 -36.18 4.76 6.95
N VAL A 209 -37.17 4.45 6.09
CA VAL A 209 -38.52 4.13 6.52
C VAL A 209 -38.77 2.67 6.19
N HIS A 210 -39.44 1.94 7.10
CA HIS A 210 -39.41 0.48 7.00
C HIS A 210 -40.36 -0.13 8.01
N HIS A 211 -40.66 -1.42 7.82
CA HIS A 211 -41.35 -2.17 8.87
C HIS A 211 -40.32 -2.62 9.89
N ALA A 212 -40.71 -2.60 11.17
CA ALA A 212 -39.94 -3.26 12.22
C ALA A 212 -40.90 -3.91 13.19
N SER A 213 -40.57 -5.11 13.67
CA SER A 213 -41.39 -5.85 14.63
C SER A 213 -40.54 -7.01 15.16
N PRO A 214 -40.91 -7.59 16.31
CA PRO A 214 -40.05 -8.61 16.92
C PRO A 214 -39.80 -9.77 15.98
N GLY A 215 -38.52 -10.11 15.79
CA GLY A 215 -38.13 -11.19 14.92
C GLY A 215 -38.02 -10.87 13.44
N PHE A 216 -38.43 -9.69 13.01
CA PHE A 216 -38.42 -9.31 11.59
C PHE A 216 -37.05 -8.75 11.18
N PHE A 217 -36.55 -9.21 10.03
CA PHE A 217 -35.23 -8.83 9.51
C PHE A 217 -35.11 -7.33 9.22
N PRO A 218 -33.94 -6.70 9.52
CA PRO A 218 -32.78 -7.27 10.24
C PRO A 218 -32.82 -7.04 11.75
N GLY A 219 -33.83 -6.34 12.23
CA GLY A 219 -34.02 -6.14 13.66
C GLY A 219 -33.72 -4.73 14.13
N THR A 220 -33.00 -3.94 13.35
CA THR A 220 -32.59 -2.60 13.76
C THR A 220 -33.55 -1.55 13.18
N GLY A 221 -33.21 -0.28 13.35
CA GLY A 221 -34.05 0.80 12.87
C GLY A 221 -35.24 1.11 13.76
N THR A 222 -35.14 0.81 15.06
CA THR A 222 -36.26 1.04 15.98
C THR A 222 -35.71 1.16 17.40
N TRP A 223 -36.62 1.24 18.37
CA TRP A 223 -36.25 1.30 19.79
C TRP A 223 -35.27 0.19 20.13
N ASN A 224 -34.27 0.52 20.94
CA ASN A 224 -33.22 -0.42 21.31
C ASN A 224 -33.14 -0.61 22.82
N LEU A 231 -36.19 2.48 30.24
CA LEU A 231 -36.94 2.35 29.00
C LEU A 231 -36.01 2.58 27.79
N PRO A 232 -36.25 1.88 26.69
CA PRO A 232 -35.32 1.94 25.55
C PRO A 232 -35.37 3.30 24.85
N ILE A 233 -34.42 3.49 23.94
CA ILE A 233 -34.30 4.75 23.18
C ILE A 233 -33.81 4.45 21.77
N PHE A 234 -33.95 5.44 20.89
CA PHE A 234 -33.41 5.41 19.53
C PHE A 234 -31.95 5.85 19.50
N LEU A 235 -31.06 4.98 19.04
CA LEU A 235 -29.71 5.40 18.66
C LEU A 235 -29.74 6.13 17.31
N ASN A 236 -28.80 7.07 17.12
CA ASN A 236 -28.91 7.95 15.95
C ASN A 236 -27.57 8.46 15.43
N GLY A 237 -26.50 7.71 15.64
CA GLY A 237 -25.16 8.13 15.26
C GLY A 237 -24.26 8.31 16.47
N ALA A 238 -22.99 8.54 16.18
CA ALA A 238 -21.98 8.64 17.24
C ALA A 238 -20.83 9.53 16.82
N GLY A 239 -20.06 9.95 17.82
CA GLY A 239 -18.97 10.88 17.56
C GLY A 239 -19.48 12.14 16.89
N ARG A 240 -18.76 12.58 15.86
CA ARG A 240 -19.25 13.73 15.12
C ARG A 240 -20.47 13.42 14.28
N GLY A 241 -20.83 12.14 14.16
CA GLY A 241 -22.03 11.72 13.46
C GLY A 241 -23.26 11.63 14.34
N ARG A 242 -23.19 12.10 15.59
CA ARG A 242 -24.38 12.06 16.44
C ARG A 242 -25.54 12.81 15.78
N PHE A 243 -26.75 12.22 15.87
CA PHE A 243 -28.01 12.73 15.33
C PHE A 243 -28.12 12.65 13.81
N SER A 244 -27.18 11.97 13.13
CA SER A 244 -27.16 11.99 11.67
C SER A 244 -27.73 10.73 11.03
N ALA A 245 -28.25 9.78 11.80
CA ALA A 245 -28.93 8.61 11.25
C ALA A 245 -30.38 8.64 11.73
N PHE A 246 -31.31 8.78 10.78
CA PHE A 246 -32.75 8.92 11.00
C PHE A 246 -33.48 7.62 10.63
N ASN A 247 -34.55 7.33 11.37
CA ASN A 247 -35.33 6.11 11.19
C ASN A 247 -36.81 6.34 11.48
N LEU A 248 -37.67 5.75 10.66
CA LEU A 248 -39.11 5.74 10.91
C LEU A 248 -39.65 4.32 10.76
N PRO A 249 -39.86 3.60 11.86
CA PRO A 249 -40.47 2.27 11.76
C PRO A 249 -41.99 2.37 11.82
N LEU A 250 -42.63 1.57 10.98
CA LEU A 250 -44.08 1.64 10.79
C LEU A 250 -44.68 0.25 10.95
N GLU A 251 -45.91 0.22 11.47
CA GLU A 251 -46.61 -1.04 11.68
C GLU A 251 -47.12 -1.60 10.35
N GLU A 252 -47.39 -2.91 10.34
CA GLU A 252 -47.86 -3.55 9.12
C GLU A 252 -49.23 -3.00 8.72
N GLY A 253 -49.51 -3.07 7.43
CA GLY A 253 -50.81 -2.70 6.89
C GLY A 253 -50.94 -1.30 6.34
N ILE A 254 -49.87 -0.50 6.34
CA ILE A 254 -50.00 0.91 5.98
C ILE A 254 -50.27 1.05 4.48
N ASN A 255 -51.10 2.04 4.11
CA ASN A 255 -51.50 2.26 2.73
C ASN A 255 -50.75 3.47 2.13
N ASP A 256 -51.03 3.77 0.85
CA ASP A 256 -50.30 4.83 0.15
C ASP A 256 -50.41 6.17 0.88
N LEU A 257 -51.63 6.58 1.22
CA LEU A 257 -51.84 7.93 1.76
C LEU A 257 -51.16 8.09 3.11
N ASP A 258 -51.33 7.11 4.01
CA ASP A 258 -50.74 7.20 5.35
C ASP A 258 -49.22 7.13 5.30
N TRP A 259 -48.65 6.23 4.49
CA TRP A 259 -47.21 6.20 4.31
C TRP A 259 -46.69 7.52 3.71
N SER A 260 -47.43 8.11 2.77
CA SER A 260 -47.04 9.38 2.15
C SER A 260 -47.03 10.51 3.18
N ASN A 261 -48.10 10.62 3.96
CA ASN A 261 -48.19 11.64 5.01
C ASN A 261 -47.16 11.41 6.12
N ALA A 262 -46.76 10.15 6.33
CA ALA A 262 -45.77 9.85 7.36
C ALA A 262 -44.39 10.38 7.00
N ILE A 263 -43.96 10.26 5.74
CA ILE A 263 -42.59 10.61 5.40
C ILE A 263 -42.46 11.94 4.65
N GLY A 264 -43.54 12.47 4.10
CA GLY A 264 -43.51 13.71 3.35
C GLY A 264 -42.88 14.88 4.10
N PRO A 265 -43.39 15.20 5.29
CA PRO A 265 -42.80 16.32 6.06
C PRO A 265 -41.37 16.06 6.51
N ILE A 266 -41.00 14.81 6.80
CA ILE A 266 -39.61 14.51 7.14
C ILE A 266 -38.68 14.81 5.96
N LEU A 267 -39.01 14.27 4.77
CA LEU A 267 -38.22 14.54 3.58
C LEU A 267 -38.02 16.05 3.36
N ASP A 268 -39.13 16.80 3.34
CA ASP A 268 -39.04 18.24 3.11
C ASP A 268 -38.17 18.93 4.14
N SER A 269 -38.25 18.52 5.41
CA SER A 269 -37.43 19.18 6.42
C SER A 269 -35.97 18.76 6.33
N LEU A 270 -35.67 17.51 5.95
CA LEU A 270 -34.27 17.12 5.77
C LEU A 270 -33.62 17.94 4.66
N ASN A 271 -34.34 18.15 3.55
CA ASN A 271 -33.81 18.94 2.45
C ASN A 271 -33.59 20.40 2.86
N ILE A 272 -34.57 20.99 3.56
CA ILE A 272 -34.44 22.38 4.01
C ILE A 272 -33.21 22.54 4.90
N VAL A 273 -33.06 21.67 5.89
CA VAL A 273 -32.02 21.86 6.89
C VAL A 273 -30.66 21.41 6.37
N ILE A 274 -30.59 20.24 5.73
CA ILE A 274 -29.27 19.71 5.36
C ILE A 274 -28.74 20.37 4.10
N GLN A 275 -29.62 20.74 3.17
CA GLN A 275 -29.25 21.27 1.86
C GLN A 275 -28.22 20.38 1.15
N PRO A 276 -28.59 19.14 0.83
CA PRO A 276 -27.59 18.20 0.29
C PRO A 276 -27.10 18.58 -1.10
N SER A 277 -25.85 18.19 -1.39
CA SER A 277 -25.31 18.33 -2.74
C SER A 277 -25.76 17.21 -3.66
N TYR A 278 -26.09 16.05 -3.10
CA TYR A 278 -26.60 14.92 -3.86
C TYR A 278 -27.63 14.22 -3.00
N VAL A 279 -28.60 13.57 -3.66
CA VAL A 279 -29.54 12.69 -2.99
C VAL A 279 -29.40 11.29 -3.58
N VAL A 280 -29.39 10.27 -2.73
CA VAL A 280 -29.36 8.87 -3.16
C VAL A 280 -30.60 8.19 -2.58
N VAL A 281 -31.41 7.59 -3.45
CA VAL A 281 -32.65 6.94 -3.05
C VAL A 281 -32.55 5.44 -3.33
N GLN A 282 -32.85 4.64 -2.32
CA GLN A 282 -33.04 3.20 -2.53
C GLN A 282 -34.55 2.96 -2.63
N CYS A 283 -34.98 2.29 -3.69
CA CYS A 283 -36.40 2.19 -4.02
CA CYS A 283 -36.39 2.18 -4.05
C CYS A 283 -36.84 0.74 -4.09
N GLY A 284 -36.39 -0.08 -3.13
CA GLY A 284 -36.84 -1.46 -3.05
C GLY A 284 -38.35 -1.57 -3.09
N ALA A 285 -38.86 -2.52 -3.87
CA ALA A 285 -40.28 -2.61 -4.20
C ALA A 285 -41.03 -3.61 -3.33
N ASP A 286 -40.44 -4.08 -2.23
CA ASP A 286 -41.11 -5.07 -1.41
C ASP A 286 -42.16 -4.46 -0.47
N CYS A 287 -42.37 -3.14 -0.54
CA CYS A 287 -43.52 -2.52 0.14
C CYS A 287 -44.82 -2.67 -0.65
N LEU A 288 -44.79 -3.12 -1.90
CA LEU A 288 -46.04 -3.21 -2.68
C LEU A 288 -47.03 -4.17 -2.02
N ALA A 289 -48.32 -3.84 -2.13
CA ALA A 289 -49.35 -4.70 -1.55
C ALA A 289 -49.31 -6.12 -2.11
N THR A 290 -48.78 -6.31 -3.31
CA THR A 290 -48.77 -7.62 -3.96
C THR A 290 -47.44 -8.35 -3.84
N ASP A 291 -46.48 -7.77 -3.13
CA ASP A 291 -45.26 -8.49 -2.81
C ASP A 291 -45.60 -9.68 -1.91
N PRO A 292 -44.93 -10.82 -2.06
CA PRO A 292 -45.24 -11.98 -1.19
C PRO A 292 -44.96 -11.75 0.31
N HIS A 293 -44.21 -10.70 0.70
CA HIS A 293 -44.11 -10.39 2.13
C HIS A 293 -45.47 -10.08 2.71
N ARG A 294 -46.32 -9.37 1.96
CA ARG A 294 -47.67 -8.98 2.36
C ARG A 294 -47.65 -8.23 3.70
N ILE A 295 -46.81 -7.20 3.77
CA ILE A 295 -46.65 -6.38 4.98
C ILE A 295 -47.30 -5.01 4.81
N PHE A 296 -46.79 -4.20 3.87
CA PHE A 296 -47.36 -2.89 3.56
C PHE A 296 -48.31 -3.02 2.38
N ARG A 297 -49.05 -1.94 2.11
CA ARG A 297 -50.08 -1.94 1.06
C ARG A 297 -49.87 -0.82 0.07
N LEU A 298 -48.62 -0.55 -0.32
CA LEU A 298 -48.42 0.49 -1.31
C LEU A 298 -48.74 -0.04 -2.71
N THR A 299 -48.97 0.88 -3.65
CA THR A 299 -49.29 0.53 -5.03
C THR A 299 -48.32 1.24 -5.98
N ASN A 300 -48.54 1.02 -7.29
CA ASN A 300 -47.90 1.82 -8.34
C ASN A 300 -48.89 2.75 -9.01
N PHE A 301 -50.01 3.08 -8.35
CA PHE A 301 -51.08 3.80 -9.03
C PHE A 301 -50.69 5.25 -9.31
N TYR A 302 -51.09 5.75 -10.47
CA TYR A 302 -50.77 7.13 -10.87
C TYR A 302 -52.03 7.74 -11.48
N PRO A 303 -52.82 8.49 -10.70
CA PRO A 303 -54.09 9.11 -11.13
C PRO A 303 -53.99 9.98 -12.39
N SER A 316 -55.98 8.06 -5.21
CA SER A 316 -54.91 7.32 -4.50
C SER A 316 -53.61 7.26 -5.32
N LEU A 317 -52.61 8.00 -4.85
CA LEU A 317 -51.31 8.11 -5.52
C LEU A 317 -50.30 7.18 -4.83
N SER A 318 -49.61 6.36 -5.62
CA SER A 318 -48.55 5.50 -5.12
C SER A 318 -47.62 6.22 -4.15
N GLY A 319 -47.41 5.63 -2.98
CA GLY A 319 -46.46 6.21 -2.04
C GLY A 319 -45.09 6.42 -2.65
N TYR A 320 -44.62 5.45 -3.44
CA TYR A 320 -43.33 5.55 -4.12
C TYR A 320 -43.27 6.75 -5.06
N LEU A 321 -44.31 6.92 -5.89
CA LEU A 321 -44.29 8.02 -6.88
C LEU A 321 -44.41 9.37 -6.20
N TYR A 322 -45.20 9.43 -5.11
CA TYR A 322 -45.27 10.65 -4.29
C TYR A 322 -43.88 11.04 -3.77
N ALA A 323 -43.13 10.08 -3.22
CA ALA A 323 -41.82 10.37 -2.64
C ALA A 323 -40.80 10.78 -3.70
N ILE A 324 -40.76 10.07 -4.83
CA ILE A 324 -39.77 10.38 -5.86
C ILE A 324 -40.05 11.75 -6.44
N LYS A 325 -41.32 12.05 -6.71
CA LYS A 325 -41.69 13.35 -7.25
C LYS A 325 -41.27 14.46 -6.30
N LYS A 326 -41.47 14.27 -5.00
CA LYS A 326 -41.08 15.29 -4.05
C LYS A 326 -39.56 15.49 -4.06
N ILE A 327 -38.80 14.40 -4.01
CA ILE A 327 -37.34 14.49 -4.01
C ILE A 327 -36.84 15.17 -5.28
N LEU A 328 -37.41 14.81 -6.43
CA LEU A 328 -36.98 15.43 -7.68
C LEU A 328 -37.37 16.91 -7.75
N SER A 329 -38.40 17.36 -7.02
CA SER A 329 -38.74 18.78 -7.04
C SER A 329 -37.67 19.66 -6.41
N TRP A 330 -36.71 19.07 -5.69
CA TRP A 330 -35.65 19.83 -5.05
C TRP A 330 -34.60 20.30 -6.03
N LYS A 331 -34.53 19.67 -7.21
CA LYS A 331 -33.53 19.98 -8.24
C LYS A 331 -32.11 19.77 -7.70
N VAL A 332 -31.89 18.67 -7.00
CA VAL A 332 -30.56 18.26 -6.53
C VAL A 332 -30.14 17.05 -7.35
N PRO A 333 -28.90 16.94 -7.83
CA PRO A 333 -28.49 15.74 -8.55
C PRO A 333 -28.78 14.48 -7.74
N THR A 334 -29.44 13.49 -8.37
CA THR A 334 -30.05 12.38 -7.64
C THR A 334 -29.72 11.02 -8.25
N LEU A 335 -29.37 10.06 -7.40
CA LEU A 335 -29.15 8.68 -7.78
C LEU A 335 -30.35 7.85 -7.30
N ILE A 336 -30.95 7.06 -8.19
CA ILE A 336 -32.11 6.24 -7.87
C ILE A 336 -31.73 4.78 -8.07
N LEU A 337 -31.85 3.98 -7.02
CA LEU A 337 -31.42 2.59 -7.06
C LEU A 337 -32.59 1.64 -6.77
N GLY A 338 -32.43 0.39 -7.18
CA GLY A 338 -33.39 -0.65 -6.88
C GLY A 338 -33.25 -1.21 -5.47
N GLY A 339 -33.38 -2.51 -5.33
CA GLY A 339 -33.30 -3.17 -4.04
C GLY A 339 -34.18 -4.42 -4.01
N GLY A 340 -34.84 -4.62 -2.88
CA GLY A 340 -35.79 -5.71 -2.75
C GLY A 340 -36.94 -5.59 -3.74
N GLY A 341 -37.72 -6.67 -3.82
CA GLY A 341 -38.91 -6.75 -4.67
C GLY A 341 -39.03 -8.15 -5.23
N TYR A 342 -39.96 -8.95 -4.68
CA TYR A 342 -40.00 -10.39 -4.94
C TYR A 342 -41.19 -10.83 -5.78
N ASN A 343 -42.04 -9.90 -6.21
CA ASN A 343 -43.02 -10.12 -7.27
C ASN A 343 -42.40 -9.46 -8.50
N PHE A 344 -41.79 -10.26 -9.39
CA PHE A 344 -40.99 -9.67 -10.47
C PHE A 344 -41.82 -8.82 -11.44
N PRO A 345 -42.96 -9.28 -11.95
CA PRO A 345 -43.70 -8.40 -12.87
C PRO A 345 -44.23 -7.14 -12.21
N ASP A 346 -44.70 -7.23 -10.95
CA ASP A 346 -45.14 -6.02 -10.25
C ASP A 346 -43.99 -5.09 -9.90
N THR A 347 -42.79 -5.62 -9.66
CA THR A 347 -41.63 -4.74 -9.46
C THR A 347 -41.30 -3.98 -10.74
N ALA A 348 -41.35 -4.66 -11.89
CA ALA A 348 -41.18 -3.98 -13.17
C ALA A 348 -42.29 -2.95 -13.41
N ARG A 349 -43.54 -3.27 -13.08
CA ARG A 349 -44.63 -2.30 -13.22
C ARG A 349 -44.35 -1.04 -12.42
N LEU A 350 -43.84 -1.18 -11.19
CA LEU A 350 -43.52 -0.01 -10.39
C LEU A 350 -42.35 0.77 -10.97
N TRP A 351 -41.24 0.07 -11.25
CA TRP A 351 -40.01 0.78 -11.65
C TRP A 351 -40.15 1.42 -13.02
N THR A 352 -41.01 0.87 -13.88
CA THR A 352 -41.32 1.51 -15.15
C THR A 352 -42.02 2.85 -14.93
N ARG A 353 -42.97 2.90 -13.99
CA ARG A 353 -43.61 4.18 -13.68
C ARG A 353 -42.64 5.17 -13.02
N VAL A 354 -41.73 4.68 -12.15
CA VAL A 354 -40.72 5.57 -11.58
C VAL A 354 -39.82 6.14 -12.69
N THR A 355 -39.47 5.30 -13.67
CA THR A 355 -38.60 5.77 -14.74
C THR A 355 -39.29 6.84 -15.58
N ALA A 356 -40.57 6.63 -15.89
CA ALA A 356 -41.32 7.61 -16.67
C ALA A 356 -41.50 8.92 -15.90
N LEU A 357 -41.78 8.83 -14.59
CA LEU A 357 -41.93 10.03 -13.77
C LEU A 357 -40.64 10.84 -13.72
N THR A 358 -39.49 10.17 -13.58
CA THR A 358 -38.21 10.90 -13.58
C THR A 358 -38.01 11.66 -14.88
N ILE A 359 -38.31 11.03 -16.02
CA ILE A 359 -38.20 11.72 -17.31
C ILE A 359 -39.07 12.96 -17.34
N GLU A 360 -40.32 12.85 -16.86
CA GLU A 360 -41.26 13.98 -16.88
C GLU A 360 -40.77 15.14 -16.02
N GLU A 361 -40.36 14.85 -14.79
CA GLU A 361 -39.99 15.92 -13.87
C GLU A 361 -38.69 16.59 -14.30
N VAL A 362 -37.74 15.81 -14.83
CA VAL A 362 -36.42 16.36 -15.12
C VAL A 362 -36.43 17.10 -16.45
N LYS A 363 -37.01 16.48 -17.48
CA LYS A 363 -37.03 17.08 -18.81
C LYS A 363 -38.22 18.00 -19.05
N GLY A 364 -39.25 17.94 -18.21
CA GLY A 364 -40.46 18.70 -18.47
C GLY A 364 -41.24 18.22 -19.66
N LYS A 365 -41.22 16.92 -19.92
CA LYS A 365 -41.69 16.36 -21.19
C LYS A 365 -42.70 15.26 -20.87
N LYS A 366 -43.97 15.47 -21.21
CA LYS A 366 -45.02 14.55 -20.76
C LYS A 366 -44.77 13.16 -21.32
N MET A 367 -44.98 12.14 -20.47
CA MET A 367 -44.87 10.75 -20.87
C MET A 367 -46.25 10.13 -20.77
N THR A 368 -46.73 9.56 -21.88
CA THR A 368 -48.06 8.93 -21.94
C THR A 368 -47.87 7.41 -21.99
N ILE A 369 -48.12 6.75 -20.86
CA ILE A 369 -47.97 5.30 -20.76
C ILE A 369 -49.34 4.64 -20.94
N SER A 370 -49.44 3.72 -21.90
CA SER A 370 -50.68 3.00 -22.12
C SER A 370 -51.07 2.17 -20.89
N PRO A 371 -52.36 2.11 -20.54
CA PRO A 371 -52.77 1.31 -19.37
C PRO A 371 -52.59 -0.19 -19.55
N GLU A 372 -52.29 -0.62 -20.77
CA GLU A 372 -52.19 -2.03 -21.12
C GLU A 372 -50.73 -2.35 -21.41
N ILE A 373 -50.24 -3.44 -20.83
CA ILE A 373 -48.87 -3.92 -21.08
C ILE A 373 -48.66 -4.09 -22.57
N PRO A 374 -47.65 -3.46 -23.16
CA PRO A 374 -47.38 -3.69 -24.59
C PRO A 374 -46.86 -5.11 -24.82
N GLU A 375 -47.06 -5.58 -26.04
CA GLU A 375 -46.49 -6.87 -26.44
C GLU A 375 -44.97 -6.77 -26.50
N HIS A 376 -44.30 -7.78 -25.94
CA HIS A 376 -42.84 -7.87 -25.91
C HIS A 376 -42.49 -9.26 -25.37
N SER A 377 -41.20 -9.51 -25.16
CA SER A 377 -40.72 -10.87 -24.92
C SER A 377 -41.32 -11.48 -23.65
N TYR A 378 -41.54 -10.67 -22.61
CA TYR A 378 -42.08 -11.15 -21.34
C TYR A 378 -43.55 -10.80 -21.14
N PHE A 379 -44.25 -10.44 -22.23
CA PHE A 379 -45.67 -10.11 -22.15
C PHE A 379 -46.47 -11.13 -21.33
N SER A 380 -46.20 -12.42 -21.53
CA SER A 380 -47.02 -13.44 -20.88
C SER A 380 -46.82 -13.50 -19.37
N ARG A 381 -45.75 -12.91 -18.83
CA ARG A 381 -45.58 -12.86 -17.36
C ARG A 381 -46.57 -11.91 -16.68
N TYR A 382 -47.25 -11.04 -17.43
CA TYR A 382 -48.12 -10.03 -16.85
C TYR A 382 -49.58 -10.47 -16.86
N GLY A 383 -49.82 -11.77 -17.06
CA GLY A 383 -51.17 -12.31 -16.99
C GLY A 383 -51.73 -12.33 -15.59
N PRO A 384 -53.03 -12.61 -15.45
CA PRO A 384 -53.93 -12.87 -16.58
C PRO A 384 -54.54 -11.59 -17.15
N ASP A 385 -54.19 -10.45 -16.56
CA ASP A 385 -54.86 -9.18 -16.77
C ASP A 385 -54.13 -8.25 -17.76
N PHE A 386 -52.81 -8.18 -17.71
CA PHE A 386 -52.00 -7.43 -18.68
C PHE A 386 -52.20 -5.93 -18.56
N GLU A 387 -52.58 -5.46 -17.38
CA GLU A 387 -52.69 -4.04 -17.07
C GLU A 387 -51.40 -3.55 -16.42
N LEU A 388 -51.14 -2.24 -16.56
CA LEU A 388 -49.96 -1.65 -15.94
C LEU A 388 -50.14 -1.47 -14.43
N ASP A 389 -51.37 -1.11 -14.01
CA ASP A 389 -51.71 -1.07 -12.59
C ASP A 389 -51.54 -2.44 -11.96
N ILE A 390 -50.99 -2.50 -10.74
CA ILE A 390 -50.96 -3.78 -10.03
C ILE A 390 -52.38 -4.20 -9.66
N ASP A 391 -52.56 -5.50 -9.45
CA ASP A 391 -53.88 -6.10 -9.20
C ASP A 391 -54.19 -6.04 -7.70
N TYR A 392 -54.72 -4.91 -7.26
CA TYR A 392 -54.99 -4.73 -5.83
C TYR A 392 -56.11 -3.72 -5.63
N PHE A 393 -56.94 -3.98 -4.61
CA PHE A 393 -58.10 -3.18 -4.26
C PHE A 393 -57.86 -2.53 -2.91
N PRO A 394 -57.45 -1.25 -2.85
CA PRO A 394 -57.03 -0.63 -1.58
C PRO A 394 -58.15 -0.52 -0.54
N ASP A 403 -51.19 8.73 15.41
CA ASP A 403 -50.87 8.96 16.82
C ASP A 403 -49.47 8.46 17.19
N SER A 404 -49.17 7.21 16.83
CA SER A 404 -47.79 6.75 16.88
C SER A 404 -46.91 7.48 15.87
N ILE A 405 -47.50 7.86 14.72
CA ILE A 405 -46.75 8.60 13.72
C ILE A 405 -46.45 10.02 14.19
N GLN A 406 -47.37 10.63 14.94
CA GLN A 406 -47.17 11.99 15.43
C GLN A 406 -46.07 12.06 16.49
N LYS A 407 -46.01 11.08 17.39
CA LYS A 407 -44.88 11.01 18.33
C LYS A 407 -43.56 10.82 17.59
N HIS A 408 -43.54 10.01 16.52
CA HIS A 408 -42.31 9.85 15.75
C HIS A 408 -41.88 11.16 15.12
N HIS A 409 -42.85 11.94 14.61
CA HIS A 409 -42.55 13.23 14.01
C HIS A 409 -41.96 14.20 15.03
N ARG A 410 -42.51 14.24 16.24
CA ARG A 410 -41.94 15.08 17.29
C ARG A 410 -40.49 14.69 17.58
N ARG A 411 -40.24 13.37 17.72
CA ARG A 411 -38.89 12.88 18.01
C ARG A 411 -37.91 13.22 16.89
N ILE A 412 -38.33 13.01 15.64
CA ILE A 412 -37.44 13.23 14.50
C ILE A 412 -37.12 14.71 14.32
N LEU A 413 -38.10 15.60 14.60
CA LEU A 413 -37.87 17.03 14.47
C LEU A 413 -36.91 17.54 15.54
N GLU A 414 -37.00 17.01 16.76
CA GLU A 414 -36.01 17.33 17.78
C GLU A 414 -34.62 16.83 17.38
N GLN A 415 -34.53 15.65 16.74
CA GLN A 415 -33.24 15.13 16.32
C GLN A 415 -32.62 16.01 15.23
N LEU A 416 -33.45 16.46 14.28
CA LEU A 416 -32.98 17.36 13.23
C LEU A 416 -32.48 18.68 13.80
N ARG A 417 -33.18 19.20 14.82
CA ARG A 417 -32.72 20.41 15.49
C ARG A 417 -31.38 20.17 16.16
N ASN A 418 -31.26 19.05 16.87
CA ASN A 418 -29.98 18.69 17.49
C ASN A 418 -28.89 18.53 16.45
N TYR A 419 -29.21 17.89 15.32
CA TYR A 419 -28.22 17.73 14.26
C TYR A 419 -27.77 19.09 13.73
N ALA A 420 -28.70 20.02 13.54
CA ALA A 420 -28.37 21.35 13.06
C ALA A 420 -27.53 22.12 14.07
N ASP A 421 -27.93 22.07 15.34
CA ASP A 421 -27.15 22.71 16.39
C ASP A 421 -25.70 22.22 16.36
N LEU A 422 -25.53 20.89 16.42
CA LEU A 422 -24.20 20.32 16.54
C LEU A 422 -23.33 20.66 15.35
N ASN A 423 -23.93 20.75 14.16
CA ASN A 423 -23.18 21.00 12.95
C ASN A 423 -23.19 22.46 12.53
N LYS A 424 -23.67 23.35 13.41
CA LYS A 424 -23.69 24.79 13.16
C LYS A 424 -24.33 25.11 11.81
N LEU A 425 -25.50 24.52 11.58
CA LEU A 425 -26.26 24.78 10.37
C LEU A 425 -27.34 25.82 10.64
N ILE A 426 -27.62 26.64 9.63
CA ILE A 426 -28.57 27.74 9.73
C ILE A 426 -29.89 27.30 9.14
N TYR A 427 -30.97 27.47 9.89
CA TYR A 427 -32.28 27.02 9.44
C TYR A 427 -33.38 27.80 10.16
N ASP A 428 -34.53 27.90 9.50
CA ASP A 428 -35.70 28.57 10.06
C ASP A 428 -36.54 27.55 10.83
N TYR A 429 -36.49 27.62 12.16
CA TYR A 429 -37.21 26.64 12.97
C TYR A 429 -38.72 26.75 12.78
N ASP A 430 -39.23 27.98 12.64
CA ASP A 430 -40.66 28.15 12.42
C ASP A 430 -41.11 27.48 11.14
N GLN A 431 -40.39 27.73 10.03
CA GLN A 431 -40.78 27.19 8.74
C GLN A 431 -40.74 25.66 8.71
N VAL A 432 -39.77 25.06 9.40
CA VAL A 432 -39.68 23.60 9.42
C VAL A 432 -40.75 23.01 10.33
N TYR A 433 -41.00 23.65 11.48
CA TYR A 433 -42.08 23.20 12.37
C TYR A 433 -43.42 23.21 11.65
N GLN A 434 -43.68 24.22 10.81
CA GLN A 434 -44.94 24.28 10.08
C GLN A 434 -45.15 23.04 9.21
N LEU A 435 -44.07 22.48 8.67
CA LEU A 435 -44.19 21.33 7.76
C LEU A 435 -44.96 20.18 8.39
N TYR A 436 -44.85 20.00 9.70
CA TYR A 436 -45.54 18.91 10.36
C TYR A 436 -46.91 19.33 10.88
N SER B 3 9.05 -9.00 -50.47
CA SER B 3 8.78 -7.61 -50.15
C SER B 3 8.06 -7.46 -48.80
N VAL B 4 8.59 -6.58 -47.95
CA VAL B 4 7.94 -6.22 -46.69
C VAL B 4 7.48 -4.77 -46.80
N GLY B 5 6.15 -4.57 -46.76
CA GLY B 5 5.55 -3.24 -46.81
C GLY B 5 5.23 -2.65 -45.45
N ILE B 6 5.20 -1.32 -45.37
CA ILE B 6 4.80 -0.62 -44.15
C ILE B 6 3.97 0.61 -44.54
N VAL B 7 2.89 0.85 -43.81
CA VAL B 7 1.96 1.94 -44.13
C VAL B 7 2.46 3.24 -43.53
N TYR B 8 2.65 4.26 -44.36
N TYR B 8 2.59 4.27 -44.36
CA TYR B 8 2.89 5.59 -43.84
CA TYR B 8 3.04 5.59 -43.90
C TYR B 8 2.67 6.62 -44.95
C TYR B 8 2.70 6.62 -44.97
N GLY B 9 2.60 7.88 -44.52
CA GLY B 9 2.41 8.99 -45.43
C GLY B 9 2.42 10.25 -44.58
N ASP B 10 2.62 11.38 -45.25
CA ASP B 10 2.71 12.65 -44.52
C ASP B 10 1.39 12.96 -43.81
N GLN B 11 0.28 12.94 -44.55
CA GLN B 11 -1.01 13.25 -43.95
C GLN B 11 -1.45 12.15 -42.98
N TYR B 12 -1.17 10.90 -43.33
CA TYR B 12 -1.45 9.77 -42.46
C TYR B 12 -0.82 9.99 -41.09
N ARG B 13 0.46 10.40 -41.07
CA ARG B 13 1.14 10.62 -39.80
C ARG B 13 0.47 11.73 -38.99
N GLN B 14 0.12 12.84 -39.62
CA GLN B 14 -0.56 13.92 -38.91
C GLN B 14 -1.85 13.43 -38.27
N LEU B 15 -2.68 12.70 -39.05
CA LEU B 15 -3.97 12.23 -38.55
C LEU B 15 -3.80 11.18 -37.44
N CYS B 16 -2.82 10.27 -37.58
CA CYS B 16 -2.57 9.29 -36.53
C CYS B 16 -2.05 9.92 -35.24
N CYS B 17 -1.49 11.12 -35.30
CA CYS B 17 -0.97 11.81 -34.11
C CYS B 17 -1.92 12.88 -33.59
N SER B 18 -3.18 12.89 -34.03
CA SER B 18 -4.12 13.97 -33.72
C SER B 18 -5.07 13.65 -32.56
N SER B 19 -4.91 12.44 -31.86
CA SER B 19 -5.92 12.07 -30.89
C SER B 19 -5.48 12.43 -29.47
N PRO B 20 -6.43 12.74 -28.57
CA PRO B 20 -6.05 13.02 -27.18
C PRO B 20 -5.40 11.84 -26.47
N LYS B 21 -5.84 10.61 -26.73
CA LYS B 21 -5.30 9.50 -25.95
C LYS B 21 -3.93 9.04 -26.46
N PHE B 22 -3.72 8.92 -27.76
CA PHE B 22 -2.47 8.32 -28.24
C PHE B 22 -1.43 9.36 -28.64
N GLY B 23 -1.74 10.65 -28.54
CA GLY B 23 -0.74 11.70 -28.73
C GLY B 23 0.14 11.47 -29.95
N ASP B 24 1.45 11.57 -29.77
CA ASP B 24 2.41 11.43 -30.87
C ASP B 24 3.05 10.04 -30.91
N ARG B 25 2.38 9.02 -30.38
CA ARG B 25 2.97 7.68 -30.34
C ARG B 25 3.37 7.19 -31.72
N TYR B 26 2.49 7.36 -32.71
CA TYR B 26 2.79 6.86 -34.06
C TYR B 26 4.04 7.51 -34.62
N ALA B 27 4.28 8.79 -34.30
CA ALA B 27 5.47 9.47 -34.80
C ALA B 27 6.74 8.96 -34.13
N LEU B 28 6.71 8.70 -32.81
CA LEU B 28 7.87 8.06 -32.19
C LEU B 28 8.18 6.71 -32.85
N VAL B 29 7.17 5.89 -33.07
CA VAL B 29 7.36 4.56 -33.64
C VAL B 29 8.04 4.67 -35.01
N MET B 30 7.44 5.42 -35.93
CA MET B 30 7.98 5.50 -37.28
C MET B 30 9.33 6.20 -37.35
N ASP B 31 9.57 7.19 -36.49
CA ASP B 31 10.88 7.85 -36.50
C ASP B 31 11.97 6.98 -35.87
N LEU B 32 11.61 6.13 -34.91
CA LEU B 32 12.61 5.20 -34.39
C LEU B 32 13.00 4.18 -35.45
N ILE B 33 12.02 3.68 -36.20
CA ILE B 33 12.29 2.77 -37.31
C ILE B 33 13.17 3.45 -38.35
N ASN B 34 12.90 4.73 -38.61
CA ASN B 34 13.72 5.52 -39.55
C ASN B 34 15.12 5.73 -39.01
N ALA B 35 15.27 6.03 -37.72
CA ALA B 35 16.57 6.33 -37.15
C ALA B 35 17.49 5.10 -37.17
N TYR B 36 16.92 3.90 -37.04
CA TYR B 36 17.69 2.66 -37.18
C TYR B 36 17.92 2.26 -38.65
N LYS B 37 17.57 3.13 -39.60
CA LYS B 37 17.83 2.93 -41.03
C LYS B 37 17.07 1.73 -41.60
N LEU B 38 15.86 1.49 -41.10
CA LEU B 38 15.07 0.39 -41.63
C LEU B 38 14.18 0.82 -42.79
N ILE B 39 13.87 2.11 -42.91
CA ILE B 39 12.95 2.57 -43.95
C ILE B 39 13.42 2.18 -45.35
N PRO B 40 14.70 2.29 -45.72
CA PRO B 40 15.11 1.84 -47.06
C PRO B 40 14.90 0.34 -47.32
N GLU B 41 14.72 -0.48 -46.28
CA GLU B 41 14.49 -1.91 -46.51
C GLU B 41 13.03 -2.20 -46.85
N LEU B 42 12.16 -1.22 -46.74
CA LEU B 42 10.73 -1.43 -46.69
C LEU B 42 10.06 -0.72 -47.86
N SER B 43 8.99 -1.32 -48.34
CA SER B 43 8.18 -0.75 -49.41
C SER B 43 7.04 0.05 -48.79
N ARG B 44 7.00 1.37 -49.02
CA ARG B 44 5.92 2.19 -48.48
CA ARG B 44 5.92 2.19 -48.48
C ARG B 44 4.60 1.82 -49.13
N VAL B 45 3.59 1.57 -48.31
CA VAL B 45 2.23 1.28 -48.76
C VAL B 45 1.39 2.52 -48.47
N PRO B 46 0.93 3.26 -49.47
CA PRO B 46 0.13 4.47 -49.19
C PRO B 46 -1.26 4.10 -48.71
N PRO B 47 -1.80 4.85 -47.74
CA PRO B 47 -3.19 4.62 -47.33
C PRO B 47 -4.17 4.80 -48.49
N LEU B 48 -5.21 3.97 -48.49
CA LEU B 48 -6.27 4.02 -49.49
C LEU B 48 -7.04 5.33 -49.44
N GLN B 49 -7.33 5.91 -50.61
CA GLN B 49 -8.25 7.02 -50.74
C GLN B 49 -9.35 6.67 -51.73
N TRP B 50 -10.51 7.31 -51.57
CA TRP B 50 -11.68 7.00 -52.37
C TRP B 50 -11.97 8.09 -53.39
N ASP B 51 -12.80 7.74 -54.38
CA ASP B 51 -13.14 8.62 -55.48
C ASP B 51 -14.39 9.46 -55.22
N SER B 52 -15.07 9.29 -54.09
CA SER B 52 -16.25 10.07 -53.76
C SER B 52 -16.66 9.78 -52.31
N PRO B 53 -17.46 10.66 -51.70
CA PRO B 53 -18.03 10.32 -50.38
C PRO B 53 -18.86 9.04 -50.39
N SER B 54 -19.60 8.75 -51.48
CA SER B 54 -20.39 7.52 -51.50
C SER B 54 -19.51 6.28 -51.48
N ARG B 55 -18.37 6.32 -52.18
CA ARG B 55 -17.47 5.17 -52.17
C ARG B 55 -16.86 4.94 -50.78
N MET B 56 -16.49 6.02 -50.09
CA MET B 56 -15.99 5.89 -48.73
C MET B 56 -17.05 5.30 -47.81
N TYR B 57 -18.29 5.80 -47.90
CA TYR B 57 -19.37 5.26 -47.07
C TYR B 57 -19.60 3.79 -47.35
N GLU B 58 -19.63 3.41 -48.64
CA GLU B 58 -19.83 2.02 -48.99
C GLU B 58 -18.78 1.13 -48.33
N ALA B 59 -17.53 1.60 -48.29
CA ALA B 59 -16.45 0.78 -47.73
C ALA B 59 -16.60 0.65 -46.22
N VAL B 60 -16.87 1.76 -45.53
CA VAL B 60 -16.94 1.71 -44.07
C VAL B 60 -18.18 0.94 -43.61
N THR B 61 -19.32 1.11 -44.30
CA THR B 61 -20.53 0.40 -43.92
C THR B 61 -20.57 -1.03 -44.44
N ALA B 62 -19.48 -1.54 -45.02
CA ALA B 62 -19.36 -2.97 -45.19
C ALA B 62 -19.49 -3.70 -43.84
N PHE B 63 -19.07 -3.05 -42.75
CA PHE B 63 -19.25 -3.56 -41.41
C PHE B 63 -20.12 -2.67 -40.53
N HIS B 64 -19.84 -1.37 -40.46
CA HIS B 64 -20.53 -0.49 -39.52
C HIS B 64 -21.89 -0.07 -40.11
N SER B 65 -22.83 0.27 -39.22
CA SER B 65 -24.15 0.71 -39.69
C SER B 65 -24.07 2.13 -40.24
N THR B 66 -24.98 2.45 -41.16
CA THR B 66 -25.01 3.79 -41.73
C THR B 66 -25.24 4.83 -40.64
N GLU B 67 -26.12 4.52 -39.68
CA GLU B 67 -26.49 5.47 -38.65
C GLU B 67 -25.34 5.73 -37.68
N TYR B 68 -24.51 4.72 -37.40
CA TYR B 68 -23.33 4.95 -36.57
C TYR B 68 -22.30 5.82 -37.30
N VAL B 69 -22.03 5.52 -38.58
CA VAL B 69 -21.09 6.34 -39.33
C VAL B 69 -21.58 7.78 -39.40
N ASP B 70 -22.89 7.97 -39.63
CA ASP B 70 -23.47 9.32 -39.66
C ASP B 70 -23.20 10.06 -38.36
N ALA B 71 -23.38 9.39 -37.23
CA ALA B 71 -23.23 10.05 -35.94
C ALA B 71 -21.78 10.41 -35.66
N LEU B 72 -20.85 9.50 -35.99
CA LEU B 72 -19.43 9.79 -35.83
C LEU B 72 -19.02 10.98 -36.68
N LYS B 73 -19.54 11.07 -37.89
CA LYS B 73 -19.29 12.23 -38.74
C LYS B 73 -19.84 13.49 -38.09
N LYS B 74 -21.08 13.43 -37.58
CA LYS B 74 -21.68 14.56 -36.88
C LYS B 74 -20.86 14.96 -35.66
N LEU B 75 -20.37 13.98 -34.91
CA LEU B 75 -19.59 14.29 -33.71
C LEU B 75 -18.37 15.15 -34.04
N GLN B 76 -17.66 14.83 -35.13
CA GLN B 76 -16.50 15.63 -35.51
C GLN B 76 -16.91 17.04 -35.92
N MET B 77 -17.96 17.15 -36.73
CA MET B 77 -18.46 18.48 -37.10
C MET B 77 -18.74 19.30 -35.86
N LEU B 78 -19.43 18.71 -34.87
CA LEU B 78 -19.80 19.47 -33.68
C LEU B 78 -18.57 19.91 -32.90
N HIS B 79 -17.55 19.06 -32.83
CA HIS B 79 -16.36 19.47 -32.12
C HIS B 79 -15.51 20.47 -32.91
N CYS B 80 -15.72 20.57 -34.21
CA CYS B 80 -15.01 21.60 -34.95
C CYS B 80 -15.65 22.97 -34.80
N GLU B 81 -16.90 23.04 -34.36
CA GLU B 81 -17.51 24.32 -33.97
C GLU B 81 -17.33 24.57 -32.47
N GLU B 84 -21.84 24.20 -28.04
CA GLU B 84 -22.16 23.07 -27.18
C GLU B 84 -23.26 22.20 -27.79
N LEU B 85 -23.30 20.94 -27.37
CA LEU B 85 -24.28 20.00 -27.91
C LEU B 85 -25.69 20.32 -27.39
N THR B 86 -26.68 20.02 -28.23
CA THR B 86 -28.07 20.07 -27.80
C THR B 86 -28.43 18.80 -27.03
N ALA B 87 -29.54 18.88 -26.30
CA ALA B 87 -30.00 17.74 -25.52
C ALA B 87 -30.28 16.54 -26.40
N ASP B 88 -30.79 16.76 -27.61
CA ASP B 88 -30.99 15.63 -28.52
C ASP B 88 -29.68 15.14 -29.12
N ASP B 89 -28.69 16.02 -29.33
CA ASP B 89 -27.41 15.56 -29.83
C ASP B 89 -26.70 14.69 -28.80
N GLU B 90 -26.76 15.09 -27.52
CA GLU B 90 -26.17 14.28 -26.45
C GLU B 90 -26.76 12.87 -26.43
N LEU B 91 -28.09 12.78 -26.53
CA LEU B 91 -28.72 11.46 -26.49
C LEU B 91 -28.29 10.61 -27.68
N LEU B 92 -28.21 11.22 -28.87
CA LEU B 92 -27.77 10.48 -30.05
C LEU B 92 -26.35 9.93 -29.88
N MET B 93 -25.43 10.76 -29.39
CA MET B 93 -24.06 10.28 -29.18
C MET B 93 -24.03 9.17 -28.13
N ASP B 94 -24.80 9.32 -27.04
CA ASP B 94 -24.84 8.29 -26.00
C ASP B 94 -25.40 6.97 -26.53
N SER B 95 -26.34 6.99 -27.48
CA SER B 95 -26.86 5.73 -27.99
C SER B 95 -25.84 4.94 -28.82
N PHE B 96 -24.71 5.55 -29.22
CA PHE B 96 -23.62 4.84 -29.89
C PHE B 96 -22.38 4.74 -29.02
N SER B 97 -22.48 5.09 -27.73
CA SER B 97 -21.37 5.06 -26.78
C SER B 97 -20.24 6.01 -27.18
N LEU B 98 -20.60 7.11 -27.84
CA LEU B 98 -19.63 8.15 -28.18
C LEU B 98 -19.48 9.13 -27.01
N ASN B 99 -18.94 8.58 -25.91
CA ASN B 99 -18.77 9.28 -24.64
C ASN B 99 -17.70 8.56 -23.81
N TYR B 100 -17.45 9.09 -22.61
CA TYR B 100 -16.57 8.50 -21.61
C TYR B 100 -15.24 8.03 -22.19
N ASP B 101 -15.09 6.72 -22.42
CA ASP B 101 -13.87 6.16 -23.00
C ASP B 101 -13.64 6.61 -24.45
N CYS B 102 -14.69 7.02 -25.14
CA CYS B 102 -14.63 7.32 -26.58
C CYS B 102 -15.24 8.69 -26.86
N PRO B 103 -14.60 9.76 -26.39
CA PRO B 103 -15.16 11.09 -26.53
C PRO B 103 -14.92 11.66 -27.92
N GLY B 104 -15.67 12.72 -28.23
CA GLY B 104 -15.39 13.49 -29.43
C GLY B 104 -14.15 14.35 -29.27
N PHE B 105 -13.57 14.68 -30.41
CA PHE B 105 -12.52 15.69 -30.52
C PHE B 105 -12.50 16.16 -31.97
N PRO B 106 -11.87 17.31 -32.26
CA PRO B 106 -12.07 17.92 -33.59
C PRO B 106 -11.73 17.03 -34.77
N SER B 107 -10.87 16.01 -34.63
CA SER B 107 -10.51 15.16 -35.76
C SER B 107 -10.97 13.71 -35.58
N VAL B 108 -12.01 13.47 -34.78
CA VAL B 108 -12.31 12.10 -34.37
C VAL B 108 -12.70 11.23 -35.57
N PHE B 109 -13.40 11.80 -36.57
CA PHE B 109 -13.74 10.97 -37.73
C PHE B 109 -12.53 10.76 -38.63
N ASP B 110 -11.79 11.83 -38.95
CA ASP B 110 -10.62 11.66 -39.81
C ASP B 110 -9.59 10.74 -39.17
N TYR B 111 -9.35 10.89 -37.87
CA TYR B 111 -8.43 10.00 -37.16
C TYR B 111 -8.85 8.54 -37.29
N SER B 112 -10.13 8.25 -37.01
CA SER B 112 -10.65 6.88 -37.07
C SER B 112 -10.59 6.34 -38.49
N LEU B 113 -10.98 7.15 -39.48
CA LEU B 113 -10.98 6.68 -40.85
C LEU B 113 -9.56 6.37 -41.36
N ALA B 114 -8.56 7.09 -40.87
CA ALA B 114 -7.20 6.90 -41.37
C ALA B 114 -6.71 5.48 -41.10
N ALA B 115 -7.00 4.93 -39.91
CA ALA B 115 -6.64 3.54 -39.63
C ALA B 115 -7.30 2.59 -40.62
N VAL B 116 -8.57 2.84 -40.95
CA VAL B 116 -9.26 2.06 -41.98
C VAL B 116 -8.53 2.16 -43.33
N GLN B 117 -8.21 3.39 -43.75
CA GLN B 117 -7.48 3.59 -45.01
C GLN B 117 -6.16 2.84 -45.02
N GLY B 118 -5.42 2.85 -43.91
CA GLY B 118 -4.14 2.15 -43.88
C GLY B 118 -4.29 0.65 -43.94
N SER B 119 -5.23 0.10 -43.19
CA SER B 119 -5.33 -1.36 -43.12
C SER B 119 -5.97 -1.96 -44.37
N LEU B 120 -6.90 -1.23 -45.02
CA LEU B 120 -7.43 -1.66 -46.30
C LEU B 120 -6.34 -1.65 -47.39
N ALA B 121 -5.54 -0.58 -47.44
CA ALA B 121 -4.41 -0.54 -48.37
C ALA B 121 -3.44 -1.70 -48.13
N ALA B 122 -3.17 -2.00 -46.86
CA ALA B 122 -2.29 -3.13 -46.52
C ALA B 122 -2.85 -4.45 -47.05
N ALA B 123 -4.13 -4.71 -46.79
CA ALA B 123 -4.78 -5.90 -47.33
C ALA B 123 -4.63 -5.97 -48.85
N SER B 124 -4.87 -4.86 -49.54
CA SER B 124 -4.77 -4.90 -51.00
C SER B 124 -3.36 -5.22 -51.48
N ALA B 125 -2.34 -4.75 -50.75
CA ALA B 125 -0.96 -5.04 -51.16
C ALA B 125 -0.63 -6.53 -51.04
N LEU B 126 -1.20 -7.21 -50.04
CA LEU B 126 -1.04 -8.67 -49.93
C LEU B 126 -1.80 -9.40 -51.02
N ILE B 127 -3.03 -8.97 -51.33
CA ILE B 127 -3.87 -9.71 -52.27
C ILE B 127 -3.23 -9.76 -53.66
N CYS B 128 -2.77 -8.60 -54.14
CA CYS B 128 -2.11 -8.50 -55.45
C CYS B 128 -0.65 -8.93 -55.40
N ARG B 129 -0.20 -9.46 -54.26
CA ARG B 129 1.12 -10.07 -54.11
C ARG B 129 2.27 -9.09 -54.33
N HIS B 130 2.02 -7.80 -54.08
CA HIS B 130 3.12 -6.84 -54.07
C HIS B 130 4.01 -7.00 -52.83
N CYS B 131 3.45 -7.40 -51.71
CA CYS B 131 4.20 -7.59 -50.47
C CYS B 131 3.84 -8.95 -49.91
N GLU B 132 4.81 -9.59 -49.27
CA GLU B 132 4.55 -10.83 -48.57
C GLU B 132 4.05 -10.57 -47.15
N VAL B 133 4.46 -9.46 -46.55
CA VAL B 133 4.01 -9.01 -45.23
C VAL B 133 3.78 -7.52 -45.35
N VAL B 134 2.76 -6.99 -44.66
CA VAL B 134 2.62 -5.54 -44.53
C VAL B 134 2.37 -5.21 -43.06
N ILE B 135 3.05 -4.16 -42.59
CA ILE B 135 2.93 -3.65 -41.24
C ILE B 135 2.12 -2.35 -41.26
N ASN B 136 1.14 -2.22 -40.35
CA ASN B 136 0.47 -0.92 -40.14
C ASN B 136 0.46 -0.58 -38.66
N TRP B 137 1.42 0.22 -38.20
CA TRP B 137 1.46 0.60 -36.78
C TRP B 137 0.43 1.66 -36.42
N GLY B 138 -0.34 2.15 -37.38
CA GLY B 138 -1.43 3.03 -37.11
C GLY B 138 -2.77 2.35 -37.00
N GLY B 139 -2.84 1.02 -37.20
CA GLY B 139 -4.05 0.27 -37.14
C GLY B 139 -4.08 -0.68 -35.95
N GLY B 140 -5.14 -1.48 -35.88
CA GLY B 140 -5.31 -2.48 -34.83
C GLY B 140 -6.41 -2.23 -33.81
N TRP B 141 -7.47 -1.50 -34.18
CA TRP B 141 -8.47 -1.05 -33.21
C TRP B 141 -9.60 -2.09 -33.06
N HIS B 142 -9.32 -3.11 -32.22
CA HIS B 142 -10.08 -4.35 -32.20
C HIS B 142 -11.40 -4.29 -31.42
N HIS B 143 -11.64 -3.26 -30.61
CA HIS B 143 -12.85 -3.22 -29.79
C HIS B 143 -14.08 -2.66 -30.51
N ALA B 144 -13.93 -1.92 -31.59
CA ALA B 144 -15.08 -1.24 -32.19
C ALA B 144 -16.11 -2.23 -32.74
N LYS B 145 -17.40 -1.96 -32.48
CA LYS B 145 -18.50 -2.81 -32.90
C LYS B 145 -19.29 -2.18 -34.05
N ARG B 146 -20.23 -2.96 -34.60
CA ARG B 146 -21.03 -2.50 -35.74
C ARG B 146 -21.65 -1.12 -35.52
N SER B 147 -22.28 -0.90 -34.36
CA SER B 147 -22.85 0.42 -34.08
C SER B 147 -22.43 0.93 -32.71
N GLU B 148 -21.17 0.74 -32.31
CA GLU B 148 -20.80 1.18 -30.98
C GLU B 148 -19.29 1.38 -30.89
N ALA B 149 -18.87 2.54 -30.38
CA ALA B 149 -17.47 2.76 -30.06
C ALA B 149 -17.14 2.12 -28.72
N SER B 150 -15.90 1.65 -28.59
CA SER B 150 -15.49 0.96 -27.36
C SER B 150 -13.98 1.04 -27.20
N GLY B 151 -13.52 1.38 -26.00
CA GLY B 151 -12.11 1.33 -25.65
C GLY B 151 -11.20 2.17 -26.52
N PHE B 152 -11.64 3.40 -26.79
CA PHE B 152 -11.01 4.37 -27.72
C PHE B 152 -10.83 3.81 -29.14
N CYS B 153 -11.61 2.79 -29.49
CA CYS B 153 -11.72 2.29 -30.86
C CYS B 153 -13.04 2.76 -31.46
N TYR B 154 -12.98 3.57 -32.51
CA TYR B 154 -14.17 4.14 -33.15
C TYR B 154 -14.58 3.40 -34.42
N LEU B 155 -13.62 3.02 -35.27
CA LEU B 155 -13.88 2.23 -36.47
C LEU B 155 -12.99 0.99 -36.42
N ASN B 156 -13.52 -0.16 -36.82
CA ASN B 156 -12.75 -1.39 -36.68
C ASN B 156 -12.02 -1.69 -37.99
N ASP B 157 -10.80 -1.14 -38.11
CA ASP B 157 -10.00 -1.35 -39.30
C ASP B 157 -9.67 -2.82 -39.52
N ILE B 158 -9.59 -3.60 -38.44
CA ILE B 158 -9.22 -5.00 -38.55
C ILE B 158 -10.33 -5.78 -39.23
N VAL B 159 -11.58 -5.61 -38.78
CA VAL B 159 -12.69 -6.31 -39.40
C VAL B 159 -12.78 -5.99 -40.88
N LEU B 160 -12.58 -4.72 -41.23
CA LEU B 160 -12.68 -4.30 -42.63
C LEU B 160 -11.54 -4.87 -43.46
N ALA B 161 -10.33 -4.95 -42.91
CA ALA B 161 -9.22 -5.55 -43.64
C ALA B 161 -9.44 -7.04 -43.87
N ILE B 162 -9.92 -7.74 -42.83
CA ILE B 162 -10.16 -9.18 -42.92
C ILE B 162 -11.23 -9.46 -43.96
N HIS B 163 -12.29 -8.65 -43.98
CA HIS B 163 -13.37 -8.85 -44.94
C HIS B 163 -12.85 -8.69 -46.37
N ARG B 164 -11.92 -7.77 -46.59
CA ARG B 164 -11.33 -7.65 -47.92
C ARG B 164 -10.49 -8.87 -48.27
N LEU B 165 -9.71 -9.39 -47.31
CA LEU B 165 -8.88 -10.56 -47.59
C LEU B 165 -9.75 -11.79 -47.86
N VAL B 166 -10.76 -12.02 -47.01
CA VAL B 166 -11.49 -13.28 -47.07
C VAL B 166 -12.36 -13.34 -48.32
N SER B 167 -12.73 -12.20 -48.88
CA SER B 167 -13.60 -12.14 -50.04
C SER B 167 -12.83 -11.96 -51.35
N SER B 168 -11.51 -12.12 -51.33
CA SER B 168 -10.71 -12.14 -52.54
C SER B 168 -10.52 -13.58 -53.03
N THR B 169 -10.07 -13.70 -54.27
CA THR B 169 -9.79 -15.00 -54.87
C THR B 169 -8.50 -14.93 -55.68
N GLN B 178 -13.01 -21.64 -49.43
CA GLN B 178 -11.64 -22.03 -49.76
C GLN B 178 -10.62 -21.08 -49.12
N THR B 179 -10.84 -19.77 -49.27
CA THR B 179 -9.99 -18.78 -48.63
C THR B 179 -10.35 -18.66 -47.15
N ARG B 180 -9.38 -18.91 -46.27
CA ARG B 180 -9.53 -18.78 -44.84
C ARG B 180 -8.51 -17.80 -44.30
N VAL B 181 -8.91 -17.06 -43.27
CA VAL B 181 -8.05 -16.11 -42.57
C VAL B 181 -7.92 -16.56 -41.11
N LEU B 182 -6.67 -16.60 -40.62
CA LEU B 182 -6.38 -16.79 -39.19
C LEU B 182 -6.07 -15.43 -38.56
N TYR B 183 -6.88 -15.04 -37.58
CA TYR B 183 -6.66 -13.81 -36.83
C TYR B 183 -6.08 -14.14 -35.46
N VAL B 184 -4.99 -13.44 -35.10
CA VAL B 184 -4.22 -13.70 -33.88
C VAL B 184 -4.07 -12.38 -33.13
N ASP B 185 -4.62 -12.33 -31.92
CA ASP B 185 -4.72 -11.09 -31.14
C ASP B 185 -3.83 -11.22 -29.91
N LEU B 186 -2.68 -10.55 -29.93
CA LEU B 186 -1.71 -10.62 -28.84
C LEU B 186 -1.85 -9.49 -27.83
N ASP B 187 -2.78 -8.56 -28.03
CA ASP B 187 -3.01 -7.46 -27.10
C ASP B 187 -3.30 -8.01 -25.70
N LEU B 188 -2.95 -7.22 -24.67
CA LEU B 188 -3.35 -7.52 -23.29
C LEU B 188 -4.85 -7.77 -23.12
N HIS B 189 -5.68 -7.13 -23.95
CA HIS B 189 -7.13 -7.22 -23.82
C HIS B 189 -7.74 -8.19 -24.83
N HIS B 190 -8.90 -8.74 -24.47
CA HIS B 190 -9.65 -9.63 -25.35
C HIS B 190 -10.11 -8.90 -26.62
N GLY B 191 -9.80 -9.48 -27.78
CA GLY B 191 -10.21 -8.89 -29.06
C GLY B 191 -11.68 -9.09 -29.38
N ASP B 192 -12.55 -8.47 -28.59
CA ASP B 192 -13.97 -8.80 -28.62
C ASP B 192 -14.65 -8.35 -29.92
N GLY B 193 -14.26 -7.18 -30.45
CA GLY B 193 -14.94 -6.65 -31.63
C GLY B 193 -14.68 -7.48 -32.87
N VAL B 194 -13.46 -7.97 -33.03
CA VAL B 194 -13.16 -8.86 -34.17
C VAL B 194 -13.86 -10.19 -33.99
N GLU B 195 -13.76 -10.78 -32.79
CA GLU B 195 -14.43 -12.04 -32.53
C GLU B 195 -15.93 -11.94 -32.78
N GLU B 196 -16.56 -10.87 -32.32
CA GLU B 196 -18.00 -10.73 -32.49
C GLU B 196 -18.39 -10.59 -33.96
N ALA B 197 -17.57 -9.89 -34.75
CA ALA B 197 -17.92 -9.66 -36.15
C ALA B 197 -17.94 -10.96 -36.94
N PHE B 198 -17.12 -11.95 -36.56
CA PHE B 198 -17.03 -13.19 -37.31
C PHE B 198 -17.55 -14.38 -36.53
N TRP B 199 -18.39 -14.14 -35.52
CA TRP B 199 -18.88 -15.17 -34.62
C TRP B 199 -19.61 -16.28 -35.39
N TYR B 200 -20.27 -15.96 -36.50
CA TYR B 200 -21.02 -16.94 -37.28
C TYR B 200 -20.28 -17.44 -38.52
N SER B 201 -19.00 -17.10 -38.68
CA SER B 201 -18.28 -17.33 -39.93
C SER B 201 -17.16 -18.36 -39.75
N PRO B 202 -17.23 -19.53 -40.37
CA PRO B 202 -16.12 -20.48 -40.27
C PRO B 202 -14.87 -20.08 -41.03
N ARG B 203 -14.95 -19.14 -41.96
CA ARG B 203 -13.80 -18.84 -42.80
C ARG B 203 -12.83 -17.83 -42.18
N VAL B 204 -13.18 -17.24 -41.03
CA VAL B 204 -12.29 -16.35 -40.27
C VAL B 204 -12.19 -16.94 -38.86
N VAL B 205 -11.08 -17.61 -38.57
CA VAL B 205 -10.87 -18.19 -37.25
C VAL B 205 -10.14 -17.14 -36.41
N THR B 206 -10.72 -16.79 -35.26
CA THR B 206 -10.11 -15.78 -34.39
C THR B 206 -9.50 -16.48 -33.17
N PHE B 207 -8.36 -15.97 -32.70
CA PHE B 207 -7.65 -16.52 -31.54
C PHE B 207 -7.08 -15.35 -30.74
N SER B 208 -7.56 -15.15 -29.51
CA SER B 208 -7.08 -14.06 -28.67
C SER B 208 -6.44 -14.64 -27.41
N VAL B 209 -5.26 -14.15 -27.05
CA VAL B 209 -4.63 -14.42 -25.76
C VAL B 209 -4.61 -13.10 -25.00
N HIS B 210 -4.96 -13.13 -23.71
CA HIS B 210 -5.24 -11.88 -23.01
C HIS B 210 -5.33 -12.13 -21.52
N HIS B 211 -5.27 -11.05 -20.75
CA HIS B 211 -5.67 -11.12 -19.35
C HIS B 211 -7.19 -11.02 -19.23
N ALA B 212 -7.76 -11.80 -18.31
CA ALA B 212 -9.18 -11.66 -17.93
C ALA B 212 -9.31 -11.89 -16.43
N SER B 213 -10.13 -11.09 -15.77
CA SER B 213 -10.38 -11.19 -14.34
C SER B 213 -11.61 -10.31 -14.01
N PRO B 214 -12.23 -10.51 -12.86
CA PRO B 214 -13.53 -9.84 -12.61
C PRO B 214 -13.40 -8.32 -12.64
N GLY B 215 -14.18 -7.69 -13.50
CA GLY B 215 -14.16 -6.24 -13.64
C GLY B 215 -13.15 -5.68 -14.61
N PHE B 216 -12.29 -6.51 -15.20
CA PHE B 216 -11.24 -6.03 -16.11
C PHE B 216 -11.81 -5.92 -17.52
N PHE B 217 -11.52 -4.79 -18.20
CA PHE B 217 -12.04 -4.52 -19.55
C PHE B 217 -11.59 -5.55 -20.61
N PRO B 218 -12.51 -5.98 -21.50
CA PRO B 218 -13.95 -5.67 -21.62
C PRO B 218 -14.86 -6.70 -20.94
N GLY B 219 -14.27 -7.77 -20.41
CA GLY B 219 -15.01 -8.75 -19.64
C GLY B 219 -15.23 -10.08 -20.35
N THR B 220 -15.04 -10.14 -21.67
CA THR B 220 -15.30 -11.36 -22.42
C THR B 220 -13.99 -12.14 -22.62
N GLY B 221 -14.06 -13.20 -23.41
CA GLY B 221 -12.92 -14.05 -23.67
C GLY B 221 -12.58 -15.01 -22.55
N THR B 222 -13.55 -15.39 -21.71
CA THR B 222 -13.28 -16.28 -20.60
C THR B 222 -14.53 -17.11 -20.28
N TRP B 223 -14.49 -17.83 -19.17
CA TRP B 223 -15.58 -18.71 -18.81
C TRP B 223 -16.89 -17.95 -18.68
N ASN B 224 -17.97 -18.58 -19.15
CA ASN B 224 -19.31 -18.03 -19.03
C ASN B 224 -20.11 -18.89 -18.05
N MET B 225 -20.71 -18.25 -17.06
CA MET B 225 -21.43 -18.98 -16.02
C MET B 225 -22.92 -18.69 -16.08
N LEU B 231 -21.51 -26.36 -14.23
CA LEU B 231 -20.14 -25.96 -14.49
C LEU B 231 -20.09 -24.89 -15.59
N PRO B 232 -19.06 -24.05 -15.58
CA PRO B 232 -18.93 -23.02 -16.62
C PRO B 232 -18.39 -23.60 -17.92
N ILE B 233 -18.64 -22.87 -19.00
CA ILE B 233 -18.17 -23.28 -20.32
C ILE B 233 -17.68 -22.06 -21.11
N PHE B 234 -16.88 -22.35 -22.12
CA PHE B 234 -16.42 -21.36 -23.08
C PHE B 234 -17.35 -21.33 -24.28
N LEU B 235 -17.98 -20.19 -24.52
CA LEU B 235 -18.62 -20.01 -25.82
C LEU B 235 -17.53 -19.86 -26.87
N ASN B 236 -17.80 -20.37 -28.09
CA ASN B 236 -16.74 -20.46 -29.09
C ASN B 236 -17.25 -20.25 -30.51
N GLY B 237 -18.29 -19.43 -30.66
CA GLY B 237 -18.93 -19.18 -31.94
C GLY B 237 -20.28 -19.90 -32.03
N ALA B 238 -21.06 -19.54 -33.06
CA ALA B 238 -22.37 -20.16 -33.19
C ALA B 238 -22.75 -20.32 -34.65
N GLY B 239 -23.76 -21.16 -34.88
CA GLY B 239 -24.24 -21.39 -36.23
C GLY B 239 -23.19 -22.13 -37.04
N ARG B 240 -23.00 -21.68 -38.29
CA ARG B 240 -21.90 -22.23 -39.07
C ARG B 240 -20.55 -21.88 -38.47
N GLY B 241 -20.47 -20.89 -37.58
CA GLY B 241 -19.24 -20.46 -36.95
C GLY B 241 -18.91 -21.17 -35.65
N ARG B 242 -19.65 -22.21 -35.28
CA ARG B 242 -19.37 -22.92 -34.03
C ARG B 242 -17.94 -23.46 -34.04
N PHE B 243 -17.29 -23.37 -32.88
CA PHE B 243 -15.91 -23.81 -32.67
C PHE B 243 -14.86 -22.94 -33.36
N SER B 244 -15.23 -21.80 -33.96
CA SER B 244 -14.29 -21.01 -34.76
C SER B 244 -13.73 -19.79 -34.02
N ALA B 245 -14.15 -19.53 -32.77
CA ALA B 245 -13.58 -18.46 -31.97
C ALA B 245 -12.83 -19.07 -30.78
N PHE B 246 -11.51 -18.84 -30.72
CA PHE B 246 -10.63 -19.40 -29.70
C PHE B 246 -10.16 -18.32 -28.73
N ASN B 247 -9.97 -18.69 -27.48
CA ASN B 247 -9.60 -17.74 -26.43
C ASN B 247 -8.69 -18.41 -25.40
N LEU B 248 -7.65 -17.71 -24.98
CA LEU B 248 -6.78 -18.19 -23.90
C LEU B 248 -6.63 -17.09 -22.86
N PRO B 249 -7.45 -17.07 -21.81
CA PRO B 249 -7.27 -16.08 -20.75
C PRO B 249 -6.17 -16.51 -19.78
N LEU B 250 -5.36 -15.55 -19.34
CA LEU B 250 -4.22 -15.84 -18.48
C LEU B 250 -4.22 -14.91 -17.26
N GLU B 251 -3.68 -15.41 -16.15
CA GLU B 251 -3.58 -14.64 -14.93
C GLU B 251 -2.46 -13.60 -15.03
N GLU B 252 -2.53 -12.59 -14.19
CA GLU B 252 -1.50 -11.55 -14.23
C GLU B 252 -0.13 -12.08 -13.82
N GLY B 253 0.91 -11.41 -14.33
CA GLY B 253 2.28 -11.67 -13.95
C GLY B 253 3.10 -12.53 -14.90
N ILE B 254 2.52 -12.99 -16.02
CA ILE B 254 3.20 -13.98 -16.87
C ILE B 254 4.43 -13.37 -17.55
N ASN B 255 5.51 -14.16 -17.67
CA ASN B 255 6.75 -13.69 -18.27
C ASN B 255 6.89 -14.19 -19.71
N ASP B 256 7.99 -13.78 -20.37
CA ASP B 256 8.20 -14.10 -21.80
C ASP B 256 8.12 -15.61 -22.06
N LEU B 257 8.85 -16.39 -21.28
CA LEU B 257 8.97 -17.83 -21.54
C LEU B 257 7.62 -18.55 -21.35
N ASP B 258 6.91 -18.24 -20.27
CA ASP B 258 5.64 -18.90 -20.02
C ASP B 258 4.58 -18.49 -21.05
N TRP B 259 4.57 -17.22 -21.44
CA TRP B 259 3.65 -16.75 -22.49
C TRP B 259 3.99 -17.39 -23.83
N SER B 260 5.30 -17.52 -24.13
CA SER B 260 5.74 -18.18 -25.36
C SER B 260 5.33 -19.66 -25.39
N ASN B 261 5.61 -20.37 -24.28
CA ASN B 261 5.19 -21.77 -24.19
C ASN B 261 3.68 -21.95 -24.19
N ALA B 262 2.94 -20.93 -23.74
CA ALA B 262 1.47 -21.00 -23.72
C ALA B 262 0.88 -20.95 -25.13
N ILE B 263 1.35 -20.01 -25.98
CA ILE B 263 0.69 -19.85 -27.27
C ILE B 263 1.41 -20.51 -28.46
N GLY B 264 2.67 -20.89 -28.30
CA GLY B 264 3.44 -21.45 -29.38
C GLY B 264 2.82 -22.69 -30.01
N PRO B 265 2.52 -23.71 -29.20
CA PRO B 265 1.91 -24.93 -29.77
C PRO B 265 0.50 -24.74 -30.28
N ILE B 266 -0.27 -23.84 -29.66
CA ILE B 266 -1.61 -23.57 -30.17
C ILE B 266 -1.55 -22.92 -31.54
N LEU B 267 -0.63 -21.95 -31.70
CA LEU B 267 -0.45 -21.27 -32.99
C LEU B 267 -0.06 -22.25 -34.08
N ASP B 268 0.96 -23.09 -33.81
CA ASP B 268 1.37 -24.10 -34.79
C ASP B 268 0.22 -25.07 -35.11
N SER B 269 -0.56 -25.47 -34.11
CA SER B 269 -1.67 -26.39 -34.37
C SER B 269 -2.76 -25.73 -35.20
N LEU B 270 -3.04 -24.46 -34.93
CA LEU B 270 -4.02 -23.73 -35.74
C LEU B 270 -3.57 -23.65 -37.20
N ASN B 271 -2.29 -23.39 -37.44
CA ASN B 271 -1.80 -23.34 -38.82
C ASN B 271 -1.94 -24.69 -39.52
N ILE B 272 -1.59 -25.78 -38.82
CA ILE B 272 -1.65 -27.11 -39.41
C ILE B 272 -3.07 -27.46 -39.85
N VAL B 273 -4.04 -27.23 -38.97
CA VAL B 273 -5.40 -27.69 -39.22
C VAL B 273 -6.16 -26.72 -40.12
N ILE B 274 -6.09 -25.42 -39.84
CA ILE B 274 -6.88 -24.45 -40.62
C ILE B 274 -6.25 -24.19 -41.98
N GLN B 275 -4.92 -24.22 -42.06
CA GLN B 275 -4.20 -23.93 -43.30
C GLN B 275 -4.65 -22.61 -43.92
N PRO B 276 -4.51 -21.49 -43.21
CA PRO B 276 -5.05 -20.22 -43.70
C PRO B 276 -4.31 -19.69 -44.93
N SER B 277 -5.05 -18.95 -45.75
CA SER B 277 -4.47 -18.26 -46.90
C SER B 277 -3.86 -16.92 -46.52
N TYR B 278 -4.26 -16.37 -45.38
CA TYR B 278 -3.71 -15.15 -44.82
C TYR B 278 -3.73 -15.24 -43.30
N VAL B 279 -2.78 -14.54 -42.67
CA VAL B 279 -2.74 -14.37 -41.23
C VAL B 279 -2.78 -12.88 -40.92
N VAL B 280 -3.62 -12.48 -39.96
CA VAL B 280 -3.67 -11.10 -39.48
C VAL B 280 -3.32 -11.11 -37.99
N VAL B 281 -2.32 -10.32 -37.61
CA VAL B 281 -1.80 -10.30 -36.25
C VAL B 281 -1.98 -8.91 -35.67
N GLN B 282 -2.74 -8.81 -34.59
CA GLN B 282 -2.79 -7.58 -33.80
C GLN B 282 -1.70 -7.69 -32.73
N CYS B 283 -0.78 -6.71 -32.70
CA CYS B 283 0.40 -6.77 -31.84
CA CYS B 283 0.40 -6.75 -31.85
C CYS B 283 0.38 -5.67 -30.77
N GLY B 284 -0.75 -5.48 -30.09
CA GLY B 284 -0.87 -4.48 -29.04
C GLY B 284 0.24 -4.61 -28.00
N ALA B 285 0.89 -3.50 -27.64
CA ALA B 285 2.09 -3.58 -26.82
C ALA B 285 1.81 -3.42 -25.33
N ASP B 286 0.55 -3.52 -24.89
CA ASP B 286 0.29 -3.30 -23.47
C ASP B 286 0.57 -4.52 -22.60
N CYS B 287 1.16 -5.59 -23.16
CA CYS B 287 1.67 -6.69 -22.34
C CYS B 287 3.09 -6.45 -21.82
N LEU B 288 3.74 -5.37 -22.23
CA LEU B 288 5.08 -5.10 -21.74
C LEU B 288 5.08 -4.88 -20.24
N ALA B 289 6.15 -5.36 -19.59
CA ALA B 289 6.34 -5.19 -18.15
C ALA B 289 6.31 -3.73 -17.73
N THR B 290 6.70 -2.81 -18.61
CA THR B 290 6.79 -1.39 -18.32
C THR B 290 5.56 -0.62 -18.81
N ASP B 291 4.57 -1.31 -19.36
CA ASP B 291 3.31 -0.64 -19.65
C ASP B 291 2.68 -0.18 -18.34
N PRO B 292 1.99 0.97 -18.33
CA PRO B 292 1.36 1.41 -17.07
C PRO B 292 0.26 0.49 -16.55
N HIS B 293 -0.28 -0.42 -17.36
CA HIS B 293 -1.21 -1.42 -16.80
C HIS B 293 -0.54 -2.28 -15.74
N ARG B 294 0.72 -2.64 -15.98
CA ARG B 294 1.50 -3.45 -15.04
C ARG B 294 0.80 -4.78 -14.73
N ILE B 295 0.40 -5.51 -15.77
CA ILE B 295 -0.31 -6.80 -15.60
C ILE B 295 0.54 -7.98 -16.08
N PHE B 296 1.00 -7.95 -17.32
CA PHE B 296 1.94 -8.96 -17.81
C PHE B 296 3.37 -8.42 -17.70
N ARG B 297 4.35 -9.31 -17.88
CA ARG B 297 5.76 -8.93 -17.76
C ARG B 297 6.55 -9.34 -19.00
N LEU B 298 6.03 -9.01 -20.18
CA LEU B 298 6.75 -9.28 -21.42
C LEU B 298 7.83 -8.22 -21.65
N THR B 299 8.82 -8.54 -22.48
CA THR B 299 9.90 -7.62 -22.80
C THR B 299 10.02 -7.48 -24.33
N ASN B 300 10.98 -6.65 -24.75
CA ASN B 300 11.42 -6.61 -26.15
C ASN B 300 12.83 -7.19 -26.31
N PHE B 301 13.29 -8.02 -25.38
CA PHE B 301 14.68 -8.48 -25.40
C PHE B 301 14.90 -9.44 -26.56
N TYR B 302 16.10 -9.39 -27.13
CA TYR B 302 16.47 -10.24 -28.27
C TYR B 302 17.93 -10.67 -28.08
N PRO B 303 18.16 -11.91 -27.60
CA PRO B 303 19.51 -12.46 -27.42
C PRO B 303 20.14 -12.88 -28.73
N SER B 316 16.73 -15.61 -22.92
CA SER B 316 15.58 -14.77 -22.54
C SER B 316 15.07 -13.95 -23.73
N LEU B 317 14.04 -14.47 -24.40
CA LEU B 317 13.54 -13.94 -25.66
C LEU B 317 12.16 -13.35 -25.48
N SER B 318 11.96 -12.12 -25.94
CA SER B 318 10.66 -11.47 -25.96
C SER B 318 9.57 -12.41 -26.47
N GLY B 319 8.52 -12.58 -25.67
CA GLY B 319 7.38 -13.38 -26.13
C GLY B 319 6.80 -12.88 -27.44
N TYR B 320 6.72 -11.56 -27.60
CA TYR B 320 6.26 -10.98 -28.85
C TYR B 320 7.12 -11.42 -30.04
N LEU B 321 8.45 -11.34 -29.91
CA LEU B 321 9.30 -11.69 -31.04
C LEU B 321 9.28 -13.18 -31.29
N TYR B 322 9.19 -13.99 -30.22
CA TYR B 322 9.02 -15.43 -30.39
C TYR B 322 7.79 -15.73 -31.24
N ALA B 323 6.66 -15.12 -30.92
CA ALA B 323 5.42 -15.44 -31.62
C ALA B 323 5.43 -14.90 -33.05
N ILE B 324 6.00 -13.71 -33.27
CA ILE B 324 6.04 -13.17 -34.63
C ILE B 324 6.97 -14.02 -35.51
N LYS B 325 8.13 -14.40 -34.97
CA LYS B 325 9.03 -15.28 -35.73
C LYS B 325 8.33 -16.58 -36.10
N LYS B 326 7.59 -17.18 -35.15
CA LYS B 326 6.88 -18.42 -35.42
C LYS B 326 5.83 -18.26 -36.53
N ILE B 327 5.05 -17.18 -36.48
CA ILE B 327 4.02 -16.94 -37.51
C ILE B 327 4.67 -16.77 -38.88
N LEU B 328 5.76 -16.00 -38.95
CA LEU B 328 6.42 -15.78 -40.24
C LEU B 328 7.07 -17.03 -40.81
N SER B 329 7.44 -17.99 -39.97
CA SER B 329 8.03 -19.24 -40.46
C SER B 329 7.05 -20.05 -41.29
N TRP B 330 5.74 -19.80 -41.16
CA TRP B 330 4.75 -20.52 -41.96
C TRP B 330 4.73 -20.10 -43.43
N LYS B 331 5.33 -18.95 -43.77
CA LYS B 331 5.36 -18.44 -45.15
C LYS B 331 3.95 -18.28 -45.73
N VAL B 332 3.07 -17.67 -44.96
CA VAL B 332 1.71 -17.30 -45.37
C VAL B 332 1.63 -15.78 -45.39
N PRO B 333 1.07 -15.17 -46.44
CA PRO B 333 1.01 -13.69 -46.47
C PRO B 333 0.35 -13.16 -45.20
N THR B 334 0.97 -12.14 -44.60
CA THR B 334 0.61 -11.75 -43.24
C THR B 334 0.49 -10.25 -43.11
N LEU B 335 -0.52 -9.82 -42.36
CA LEU B 335 -0.73 -8.44 -41.98
C LEU B 335 -0.39 -8.29 -40.52
N ILE B 336 0.48 -7.34 -40.18
CA ILE B 336 0.88 -7.06 -38.80
C ILE B 336 0.38 -5.69 -38.38
N LEU B 337 -0.45 -5.64 -37.33
CA LEU B 337 -1.11 -4.41 -36.90
C LEU B 337 -0.65 -4.02 -35.51
N GLY B 338 -0.83 -2.74 -35.19
CA GLY B 338 -0.58 -2.22 -33.86
C GLY B 338 -1.72 -2.47 -32.91
N GLY B 339 -2.00 -1.51 -32.03
CA GLY B 339 -3.05 -1.70 -31.04
C GLY B 339 -2.72 -0.89 -29.79
N GLY B 340 -2.98 -1.49 -28.63
CA GLY B 340 -2.71 -0.83 -27.36
C GLY B 340 -1.23 -0.63 -27.12
N GLY B 341 -0.93 0.13 -26.07
CA GLY B 341 0.43 0.38 -25.68
C GLY B 341 0.55 1.81 -25.19
N TYR B 342 0.72 1.99 -23.89
CA TYR B 342 0.55 3.29 -23.27
C TYR B 342 1.83 3.86 -22.68
N ASN B 343 2.95 3.14 -22.80
CA ASN B 343 4.30 3.69 -22.61
C ASN B 343 4.82 3.94 -24.02
N PHE B 344 4.77 5.20 -24.50
CA PHE B 344 5.03 5.45 -25.92
C PHE B 344 6.47 5.08 -26.31
N PRO B 345 7.51 5.47 -25.56
CA PRO B 345 8.87 5.05 -25.96
C PRO B 345 9.08 3.55 -25.92
N ASP B 346 8.55 2.84 -24.92
CA ASP B 346 8.74 1.39 -24.88
C ASP B 346 7.93 0.70 -25.96
N THR B 347 6.77 1.25 -26.33
CA THR B 347 6.04 0.69 -27.46
C THR B 347 6.85 0.81 -28.75
N ALA B 348 7.48 1.97 -28.98
CA ALA B 348 8.31 2.13 -30.17
C ALA B 348 9.53 1.21 -30.13
N ARG B 349 10.10 1.00 -28.93
CA ARG B 349 11.21 0.05 -28.80
C ARG B 349 10.80 -1.35 -29.23
N LEU B 350 9.61 -1.81 -28.83
CA LEU B 350 9.17 -3.14 -29.23
C LEU B 350 8.89 -3.22 -30.73
N TRP B 351 8.08 -2.28 -31.23
CA TRP B 351 7.67 -2.37 -32.62
C TRP B 351 8.83 -2.15 -33.58
N THR B 352 9.89 -1.45 -33.16
CA THR B 352 11.07 -1.34 -34.00
C THR B 352 11.75 -2.70 -34.16
N ARG B 353 11.83 -3.47 -33.06
CA ARG B 353 12.41 -4.81 -33.14
C ARG B 353 11.50 -5.77 -33.90
N VAL B 354 10.17 -5.64 -33.74
CA VAL B 354 9.25 -6.43 -34.58
C VAL B 354 9.52 -6.15 -36.06
N THR B 355 9.70 -4.88 -36.41
CA THR B 355 9.92 -4.51 -37.82
C THR B 355 11.24 -5.09 -38.33
N ALA B 356 12.32 -4.94 -37.55
CA ALA B 356 13.61 -5.50 -37.94
C ALA B 356 13.54 -7.01 -38.12
N LEU B 357 12.85 -7.69 -37.19
N LEU B 357 12.86 -7.70 -37.19
CA LEU B 357 12.72 -9.15 -37.27
CA LEU B 357 12.72 -9.15 -37.27
C LEU B 357 11.97 -9.57 -38.52
C LEU B 357 11.97 -9.57 -38.53
N THR B 358 10.90 -8.85 -38.87
CA THR B 358 10.13 -9.19 -40.06
C THR B 358 10.99 -9.08 -41.32
N ILE B 359 11.85 -8.06 -41.40
CA ILE B 359 12.77 -7.91 -42.52
C ILE B 359 13.72 -9.10 -42.59
N GLU B 360 14.27 -9.53 -41.45
CA GLU B 360 15.19 -10.66 -41.43
C GLU B 360 14.51 -11.93 -41.90
N GLU B 361 13.34 -12.23 -41.34
CA GLU B 361 12.68 -13.50 -41.61
C GLU B 361 12.18 -13.59 -43.06
N VAL B 362 11.73 -12.48 -43.62
CA VAL B 362 11.14 -12.53 -44.96
C VAL B 362 12.22 -12.42 -46.03
N LYS B 363 13.13 -11.46 -45.88
CA LYS B 363 14.16 -11.24 -46.89
C LYS B 363 15.41 -12.09 -46.67
N GLY B 364 15.56 -12.74 -45.52
CA GLY B 364 16.80 -13.44 -45.22
C GLY B 364 18.02 -12.55 -45.08
N LYS B 365 17.83 -11.33 -44.59
CA LYS B 365 18.86 -10.29 -44.59
C LYS B 365 19.07 -9.81 -43.15
N LYS B 366 20.31 -9.96 -42.65
CA LYS B 366 20.59 -9.68 -41.24
C LYS B 366 20.38 -8.21 -40.93
N MET B 367 19.67 -7.93 -39.84
CA MET B 367 19.40 -6.56 -39.39
C MET B 367 20.02 -6.42 -38.00
N THR B 368 21.14 -5.72 -37.92
CA THR B 368 21.82 -5.53 -36.64
C THR B 368 21.39 -4.17 -36.09
N ILE B 369 20.87 -4.16 -34.88
CA ILE B 369 20.35 -2.96 -34.24
C ILE B 369 21.29 -2.58 -33.09
N SER B 370 21.89 -1.40 -33.15
CA SER B 370 22.72 -0.91 -32.05
C SER B 370 21.93 -0.86 -30.75
N PRO B 371 22.55 -1.22 -29.60
CA PRO B 371 21.82 -1.11 -28.33
C PRO B 371 21.60 0.34 -27.88
N GLU B 372 22.35 1.30 -28.41
CA GLU B 372 22.14 2.71 -28.10
C GLU B 372 21.17 3.32 -29.12
N ILE B 373 20.18 4.04 -28.61
CA ILE B 373 19.22 4.73 -29.49
C ILE B 373 19.96 5.70 -30.40
N PRO B 374 19.72 5.72 -31.71
CA PRO B 374 20.43 6.66 -32.59
C PRO B 374 19.93 8.09 -32.44
N GLU B 375 20.79 9.01 -32.87
CA GLU B 375 20.40 10.42 -32.94
C GLU B 375 19.17 10.57 -33.83
N HIS B 376 18.14 11.25 -33.30
CA HIS B 376 16.98 11.70 -34.07
C HIS B 376 16.20 12.66 -33.16
N SER B 377 15.15 13.29 -33.71
CA SER B 377 14.57 14.42 -33.00
C SER B 377 13.70 14.00 -31.81
N TYR B 378 13.36 12.72 -31.65
CA TYR B 378 12.74 12.21 -30.42
C TYR B 378 13.73 11.51 -29.49
N PHE B 379 15.04 11.66 -29.73
CA PHE B 379 16.06 10.99 -28.91
C PHE B 379 15.84 11.22 -27.42
N SER B 380 15.48 12.44 -27.03
CA SER B 380 15.35 12.72 -25.59
C SER B 380 14.17 12.01 -24.93
N ARG B 381 13.26 11.39 -25.70
CA ARG B 381 12.18 10.64 -25.06
C ARG B 381 12.62 9.27 -24.55
N TYR B 382 13.85 8.83 -24.84
CA TYR B 382 14.31 7.50 -24.47
C TYR B 382 15.22 7.52 -23.25
N GLY B 383 15.16 8.58 -22.46
CA GLY B 383 15.92 8.66 -21.24
C GLY B 383 15.37 7.79 -20.12
N PRO B 384 16.17 7.59 -19.05
CA PRO B 384 17.49 8.17 -18.82
C PRO B 384 18.65 7.35 -19.37
N ASP B 385 18.37 6.17 -19.92
CA ASP B 385 19.38 5.23 -20.40
C ASP B 385 19.70 5.38 -21.87
N PHE B 386 18.72 5.77 -22.70
CA PHE B 386 18.87 5.88 -24.16
C PHE B 386 19.30 4.55 -24.80
N GLU B 387 18.82 3.44 -24.27
CA GLU B 387 19.07 2.13 -24.85
C GLU B 387 17.80 1.51 -25.41
N LEU B 388 18.00 0.53 -26.28
CA LEU B 388 16.87 -0.07 -26.99
C LEU B 388 16.10 -1.10 -26.15
N ASP B 389 16.77 -1.90 -25.30
CA ASP B 389 16.07 -2.76 -24.36
C ASP B 389 15.23 -1.93 -23.40
N ILE B 390 14.01 -2.39 -23.10
CA ILE B 390 13.22 -1.73 -22.05
C ILE B 390 13.95 -1.86 -20.71
N ASP B 391 13.68 -0.92 -19.80
CA ASP B 391 14.39 -0.80 -18.53
C ASP B 391 13.64 -1.64 -17.49
N TYR B 392 13.81 -2.95 -17.58
CA TYR B 392 13.11 -3.90 -16.74
C TYR B 392 14.05 -5.05 -16.46
N PHE B 393 13.99 -5.58 -15.24
CA PHE B 393 14.81 -6.71 -14.79
C PHE B 393 13.94 -7.91 -14.44
N PRO B 394 13.84 -8.90 -15.31
CA PRO B 394 12.94 -10.04 -15.06
C PRO B 394 13.45 -10.90 -13.91
N HIS B 395 12.51 -11.45 -13.14
CA HIS B 395 12.84 -12.20 -11.94
C HIS B 395 11.75 -13.22 -11.70
N GLU B 396 12.02 -14.16 -10.79
CA GLU B 396 11.04 -15.18 -10.45
C GLU B 396 10.94 -15.31 -8.93
N THR B 401 4.71 -24.54 -10.19
CA THR B 401 4.13 -25.82 -10.60
C THR B 401 2.61 -25.75 -10.78
N LEU B 402 1.94 -24.94 -9.95
CA LEU B 402 0.48 -24.89 -9.93
C LEU B 402 -0.12 -23.82 -10.85
N ASP B 403 0.70 -23.04 -11.57
CA ASP B 403 0.21 -22.01 -12.48
C ASP B 403 0.15 -22.48 -13.93
N SER B 404 0.26 -23.79 -14.18
CA SER B 404 0.24 -24.29 -15.54
C SER B 404 -1.17 -24.22 -16.12
N ILE B 405 -1.26 -24.40 -17.44
CA ILE B 405 -2.52 -24.26 -18.17
C ILE B 405 -2.71 -25.44 -19.12
N GLN B 406 -2.31 -26.63 -18.70
CA GLN B 406 -2.42 -27.79 -19.59
C GLN B 406 -3.87 -28.17 -19.84
N LYS B 407 -4.78 -27.85 -18.92
CA LYS B 407 -6.18 -28.11 -19.23
C LYS B 407 -6.71 -27.17 -20.30
N HIS B 408 -6.12 -25.97 -20.45
CA HIS B 408 -6.53 -25.07 -21.53
C HIS B 408 -6.05 -25.60 -22.87
N HIS B 409 -4.81 -26.12 -22.93
CA HIS B 409 -4.34 -26.76 -24.16
C HIS B 409 -5.28 -27.89 -24.60
N ARG B 410 -5.74 -28.69 -23.64
CA ARG B 410 -6.60 -29.83 -23.96
C ARG B 410 -7.98 -29.35 -24.42
N ARG B 411 -8.53 -28.35 -23.75
CA ARG B 411 -9.78 -27.76 -24.18
C ARG B 411 -9.64 -27.15 -25.57
N ILE B 412 -8.55 -26.42 -25.82
CA ILE B 412 -8.41 -25.72 -27.10
C ILE B 412 -8.20 -26.72 -28.23
N LEU B 413 -7.41 -27.78 -28.00
CA LEU B 413 -7.21 -28.77 -29.06
C LEU B 413 -8.49 -29.55 -29.33
N GLU B 414 -9.30 -29.82 -28.29
CA GLU B 414 -10.59 -30.46 -28.55
C GLU B 414 -11.49 -29.55 -29.38
N GLN B 415 -11.49 -28.25 -29.11
CA GLN B 415 -12.24 -27.32 -29.95
C GLN B 415 -11.75 -27.38 -31.40
N LEU B 416 -10.43 -27.43 -31.59
CA LEU B 416 -9.89 -27.46 -32.94
C LEU B 416 -10.30 -28.72 -33.68
N ARG B 417 -10.39 -29.86 -32.96
CA ARG B 417 -10.89 -31.10 -33.56
C ARG B 417 -12.36 -30.96 -33.96
N ASN B 418 -13.18 -30.38 -33.08
CA ASN B 418 -14.58 -30.13 -33.40
C ASN B 418 -14.73 -29.19 -34.59
N TYR B 419 -13.91 -28.13 -34.65
CA TYR B 419 -13.93 -27.24 -35.81
C TYR B 419 -13.66 -27.99 -37.11
N ALA B 420 -12.62 -28.84 -37.11
CA ALA B 420 -12.27 -29.60 -38.31
C ALA B 420 -13.35 -30.60 -38.70
N ASP B 421 -13.97 -31.27 -37.73
CA ASP B 421 -15.07 -32.19 -38.03
C ASP B 421 -16.23 -31.45 -38.66
N LEU B 422 -16.67 -30.35 -38.03
CA LEU B 422 -17.82 -29.62 -38.54
C LEU B 422 -17.60 -29.10 -39.94
N ASN B 423 -16.36 -28.75 -40.29
CA ASN B 423 -16.07 -28.12 -41.57
C ASN B 423 -15.46 -29.08 -42.58
N LYS B 424 -15.43 -30.38 -42.28
CA LYS B 424 -14.93 -31.40 -43.21
C LYS B 424 -13.49 -31.12 -43.64
N LEU B 425 -12.65 -30.79 -42.68
CA LEU B 425 -11.23 -30.60 -42.92
C LEU B 425 -10.45 -31.80 -42.41
N ILE B 426 -9.32 -32.07 -43.04
CA ILE B 426 -8.40 -33.06 -42.52
C ILE B 426 -7.91 -32.61 -41.14
N TYR B 427 -7.98 -33.52 -40.18
CA TYR B 427 -7.37 -33.32 -38.86
C TYR B 427 -6.18 -34.29 -38.78
N ASP B 428 -4.98 -33.75 -38.99
CA ASP B 428 -3.74 -34.54 -39.00
C ASP B 428 -3.27 -34.77 -37.56
N TYR B 429 -3.85 -35.80 -36.93
CA TYR B 429 -3.50 -36.12 -35.55
C TYR B 429 -2.01 -36.36 -35.38
N ASP B 430 -1.39 -37.11 -36.30
CA ASP B 430 0.02 -37.44 -36.15
C ASP B 430 0.88 -36.19 -36.07
N GLN B 431 0.57 -35.17 -36.89
CA GLN B 431 1.40 -33.97 -36.89
C GLN B 431 1.18 -33.12 -35.65
N VAL B 432 -0.08 -32.93 -35.26
CA VAL B 432 -0.35 -32.22 -34.01
C VAL B 432 0.30 -32.96 -32.84
N TYR B 433 0.21 -34.30 -32.84
CA TYR B 433 0.79 -35.07 -31.74
C TYR B 433 2.29 -34.85 -31.65
N GLN B 434 2.99 -34.97 -32.78
CA GLN B 434 4.44 -34.81 -32.77
C GLN B 434 4.83 -33.44 -32.27
N LEU B 435 4.09 -32.41 -32.70
CA LEU B 435 4.31 -31.05 -32.21
C LEU B 435 4.30 -30.97 -30.69
N TYR B 436 3.24 -31.46 -30.06
CA TYR B 436 3.14 -31.39 -28.60
C TYR B 436 4.10 -32.35 -27.93
N ASN B 437 4.46 -33.45 -28.60
CA ASN B 437 5.40 -34.38 -28.01
C ASN B 437 6.81 -33.80 -27.92
N LEU B 438 7.11 -32.74 -28.69
CA LEU B 438 8.40 -32.08 -28.52
C LEU B 438 8.61 -31.68 -27.07
N THR B 439 7.55 -31.25 -26.40
CA THR B 439 7.61 -30.85 -25.00
C THR B 439 7.04 -31.89 -24.05
N GLY B 440 6.91 -33.14 -24.50
CA GLY B 440 6.41 -34.21 -23.65
C GLY B 440 4.95 -34.15 -23.31
N MET B 441 4.14 -33.44 -24.11
CA MET B 441 2.73 -33.24 -23.81
C MET B 441 1.83 -33.83 -24.90
N GLY B 442 2.32 -34.85 -25.61
CA GLY B 442 1.53 -35.47 -26.66
C GLY B 442 0.20 -36.03 -26.19
N SER B 443 0.11 -36.41 -24.91
CA SER B 443 -1.13 -37.00 -24.38
C SER B 443 -2.28 -36.01 -24.33
N LEU B 444 -2.03 -34.72 -24.52
CA LEU B 444 -3.10 -33.72 -24.52
C LEU B 444 -3.85 -33.68 -25.83
N VAL B 445 -3.27 -34.23 -26.89
CA VAL B 445 -3.83 -34.15 -28.24
C VAL B 445 -4.91 -35.21 -28.41
N PRO B 446 -6.13 -34.84 -28.77
CA PRO B 446 -7.16 -35.84 -29.04
C PRO B 446 -7.05 -36.40 -30.44
N ARG B 447 -7.62 -37.59 -30.63
CA ARG B 447 -7.56 -38.25 -31.94
C ARG B 447 -8.67 -37.78 -32.87
N SER C 3 -3.20 31.71 41.39
CA SER C 3 -2.28 32.18 40.36
C SER C 3 -1.84 31.03 39.46
N VAL C 4 -2.04 31.20 38.15
CA VAL C 4 -1.51 30.29 37.13
C VAL C 4 -0.44 31.08 36.39
N GLY C 5 0.79 30.56 36.38
CA GLY C 5 1.88 31.19 35.67
C GLY C 5 2.12 30.55 34.31
N ILE C 6 2.74 31.31 33.40
CA ILE C 6 3.14 30.75 32.10
C ILE C 6 4.49 31.39 31.73
N VAL C 7 5.41 30.58 31.21
CA VAL C 7 6.77 31.05 30.93
C VAL C 7 6.80 31.69 29.54
N TYR C 8 7.24 32.95 29.46
N TYR C 8 7.28 32.94 29.46
CA TYR C 8 7.49 33.56 28.15
CA TYR C 8 7.39 33.64 28.18
C TYR C 8 8.30 34.84 28.32
C TYR C 8 8.32 34.84 28.33
N GLY C 9 8.87 35.27 27.19
CA GLY C 9 9.65 36.49 27.13
C GLY C 9 10.04 36.71 25.67
N ASP C 10 10.47 37.94 25.37
CA ASP C 10 10.81 38.29 23.99
C ASP C 10 11.98 37.46 23.50
N GLN C 11 13.09 37.48 24.23
CA GLN C 11 14.23 36.70 23.79
C GLN C 11 13.97 35.20 23.93
N TYR C 12 13.21 34.80 24.96
CA TYR C 12 12.84 33.39 25.12
C TYR C 12 12.11 32.88 23.89
N ARG C 13 11.18 33.67 23.38
CA ARG C 13 10.44 33.26 22.19
C ARG C 13 11.36 33.08 20.99
N GLN C 14 12.31 34.01 20.81
CA GLN C 14 13.21 33.91 19.66
C GLN C 14 14.09 32.65 19.75
N LEU C 15 14.59 32.33 20.95
CA LEU C 15 15.45 31.16 21.11
C LEU C 15 14.68 29.86 20.92
N CYS C 16 13.46 29.77 21.50
CA CYS C 16 12.62 28.60 21.29
C CYS C 16 12.22 28.41 19.83
N CYS C 17 12.29 29.46 18.99
CA CYS C 17 11.94 29.34 17.58
C CYS C 17 13.16 29.26 16.67
N SER C 18 14.34 28.96 17.21
CA SER C 18 15.59 28.99 16.44
C SER C 18 16.07 27.61 16.00
N SER C 19 15.31 26.52 16.28
CA SER C 19 15.83 25.21 15.91
C SER C 19 15.25 24.74 14.59
N PRO C 20 16.03 23.93 13.85
CA PRO C 20 15.53 23.43 12.55
C PRO C 20 14.37 22.45 12.67
N LYS C 21 14.31 21.65 13.75
CA LYS C 21 13.24 20.66 13.89
C LYS C 21 11.90 21.28 14.32
N PHE C 22 11.89 22.19 15.29
CA PHE C 22 10.60 22.68 15.77
C PHE C 22 10.23 24.07 15.22
N GLY C 23 11.05 24.65 14.34
CA GLY C 23 10.68 25.88 13.64
C GLY C 23 10.01 26.89 14.56
N ASP C 24 8.86 27.43 14.14
CA ASP C 24 8.16 28.45 14.92
C ASP C 24 7.00 27.88 15.75
N ARG C 25 7.05 26.60 16.11
CA ARG C 25 5.91 26.00 16.82
C ARG C 25 5.58 26.80 18.08
N TYR C 26 6.60 27.16 18.84
CA TYR C 26 6.38 27.86 20.11
C TYR C 26 5.63 29.18 19.89
N ALA C 27 5.92 29.87 18.79
CA ALA C 27 5.24 31.14 18.49
C ALA C 27 3.77 30.92 18.16
N LEU C 28 3.46 29.89 17.35
CA LEU C 28 2.06 29.56 17.09
C LEU C 28 1.32 29.28 18.39
N VAL C 29 1.93 28.51 19.28
CA VAL C 29 1.30 28.15 20.56
C VAL C 29 0.99 29.42 21.35
N MET C 30 2.02 30.22 21.62
CA MET C 30 1.82 31.39 22.48
C MET C 30 0.93 32.44 21.82
N ASP C 31 0.99 32.57 20.50
CA ASP C 31 0.14 33.56 19.83
C ASP C 31 -1.32 33.12 19.75
N LEU C 32 -1.59 31.81 19.72
CA LEU C 32 -2.99 31.36 19.77
C LEU C 32 -3.57 31.58 21.16
N ILE C 33 -2.79 31.31 22.21
CA ILE C 33 -3.20 31.62 23.57
C ILE C 33 -3.47 33.11 23.72
N ASN C 34 -2.62 33.94 23.12
CA ASN C 34 -2.83 35.38 23.14
C ASN C 34 -4.07 35.78 22.35
N ALA C 35 -4.29 35.18 21.17
CA ALA C 35 -5.45 35.54 20.35
C ALA C 35 -6.77 35.21 21.05
N TYR C 36 -6.79 34.14 21.84
CA TYR C 36 -7.99 33.80 22.59
C TYR C 36 -8.12 34.59 23.91
N LYS C 37 -7.27 35.61 24.11
CA LYS C 37 -7.37 36.52 25.25
C LYS C 37 -7.08 35.83 26.58
N LEU C 38 -6.30 34.76 26.60
CA LEU C 38 -5.94 34.12 27.87
C LEU C 38 -4.75 34.77 28.59
N ILE C 39 -3.90 35.50 27.86
CA ILE C 39 -2.69 36.07 28.48
C ILE C 39 -3.00 36.95 29.68
N PRO C 40 -3.99 37.87 29.63
CA PRO C 40 -4.30 38.66 30.83
C PRO C 40 -4.77 37.83 32.04
N GLU C 41 -5.16 36.57 31.85
CA GLU C 41 -5.52 35.75 33.00
C GLU C 41 -4.31 35.10 33.67
N LEU C 42 -3.13 35.19 33.08
CA LEU C 42 -1.94 34.44 33.49
C LEU C 42 -0.87 35.37 34.02
N SER C 43 -0.11 34.87 34.99
CA SER C 43 1.08 35.55 35.51
C SER C 43 2.30 35.16 34.68
N ARG C 44 2.95 36.13 34.02
CA ARG C 44 4.15 35.81 33.27
C ARG C 44 5.30 35.43 34.22
N VAL C 45 5.90 34.27 33.99
CA VAL C 45 7.06 33.81 34.75
C VAL C 45 8.30 33.99 33.87
N PRO C 46 9.21 34.92 34.17
CA PRO C 46 10.36 35.14 33.28
C PRO C 46 11.37 34.02 33.39
N PRO C 47 12.03 33.66 32.28
CA PRO C 47 13.07 32.62 32.34
C PRO C 47 14.21 33.01 33.27
N LEU C 48 14.78 32.01 33.93
CA LEU C 48 15.86 32.24 34.87
C LEU C 48 17.14 32.68 34.16
N GLN C 49 17.84 33.65 34.73
CA GLN C 49 19.13 34.07 34.22
C GLN C 49 20.12 34.05 35.38
N TRP C 50 21.39 33.83 35.04
CA TRP C 50 22.41 33.67 36.06
C TRP C 50 23.31 34.89 36.12
N ASP C 51 24.05 35.00 37.21
CA ASP C 51 24.93 36.14 37.44
C ASP C 51 26.36 35.91 36.98
N SER C 52 26.68 34.74 36.42
CA SER C 52 28.01 34.51 35.87
C SER C 52 27.98 33.23 35.04
N PRO C 53 28.94 33.05 34.13
CA PRO C 53 29.10 31.74 33.47
C PRO C 53 29.24 30.58 34.45
N SER C 54 30.01 30.74 35.53
CA SER C 54 30.19 29.62 36.47
C SER C 54 28.88 29.22 37.15
N ARG C 55 28.02 30.19 37.48
CA ARG C 55 26.74 29.81 38.09
C ARG C 55 25.85 29.09 37.09
N MET C 56 25.86 29.51 35.82
CA MET C 56 25.10 28.77 34.80
C MET C 56 25.59 27.33 34.70
N TYR C 57 26.91 27.17 34.60
CA TYR C 57 27.50 25.85 34.43
C TYR C 57 27.23 24.96 35.63
N GLU C 58 27.28 25.54 36.82
CA GLU C 58 26.94 24.81 38.04
C GLU C 58 25.51 24.30 37.99
N ALA C 59 24.58 25.13 37.51
CA ALA C 59 23.19 24.71 37.43
C ALA C 59 23.03 23.55 36.46
N VAL C 60 23.60 23.67 35.27
CA VAL C 60 23.41 22.64 34.26
C VAL C 60 24.08 21.33 34.67
N THR C 61 25.25 21.40 35.34
CA THR C 61 25.98 20.20 35.72
C THR C 61 25.49 19.59 37.04
N ALA C 62 24.40 20.10 37.61
CA ALA C 62 23.66 19.33 38.61
C ALA C 62 23.22 17.98 38.07
N PHE C 63 22.96 17.89 36.76
CA PHE C 63 22.65 16.63 36.10
C PHE C 63 23.65 16.22 35.05
N HIS C 64 23.96 17.10 34.08
CA HIS C 64 24.80 16.70 32.94
C HIS C 64 26.27 16.73 33.32
N SER C 65 27.07 15.92 32.62
CA SER C 65 28.50 15.88 32.90
C SER C 65 29.18 17.13 32.34
N THR C 66 30.30 17.50 32.96
CA THR C 66 31.09 18.63 32.49
C THR C 66 31.55 18.45 31.05
N GLU C 67 31.99 17.23 30.71
CA GLU C 67 32.49 17.02 29.35
C GLU C 67 31.37 17.07 28.30
N TYR C 68 30.15 16.65 28.63
CA TYR C 68 29.07 16.78 27.67
C TYR C 68 28.69 18.26 27.48
N VAL C 69 28.59 19.01 28.58
CA VAL C 69 28.24 20.43 28.49
C VAL C 69 29.30 21.19 27.68
N ASP C 70 30.58 20.89 27.93
CA ASP C 70 31.67 21.52 27.17
C ASP C 70 31.54 21.25 25.67
N ALA C 71 31.22 20.00 25.30
CA ALA C 71 31.09 19.65 23.89
C ALA C 71 29.92 20.36 23.24
N LEU C 72 28.80 20.48 23.95
CA LEU C 72 27.63 21.14 23.38
C LEU C 72 27.92 22.63 23.14
N LYS C 73 28.67 23.26 24.04
CA LYS C 73 29.11 24.63 23.83
C LYS C 73 30.00 24.74 22.59
N LYS C 74 30.96 23.82 22.45
CA LYS C 74 31.86 23.83 21.30
C LYS C 74 31.10 23.62 20.00
N LEU C 75 30.06 22.76 20.03
CA LEU C 75 29.31 22.50 18.80
C LEU C 75 28.62 23.79 18.31
N GLN C 76 28.04 24.56 19.24
CA GLN C 76 27.48 25.86 18.87
C GLN C 76 28.55 26.78 18.29
N MET C 77 29.70 26.88 18.96
CA MET C 77 30.78 27.72 18.46
C MET C 77 31.15 27.33 17.04
N LEU C 78 31.26 26.02 16.78
CA LEU C 78 31.71 25.57 15.47
C LEU C 78 30.70 25.89 14.38
N HIS C 79 29.41 25.77 14.68
CA HIS C 79 28.39 26.06 13.67
C HIS C 79 28.19 27.56 13.43
N CYS C 80 28.81 28.43 14.24
CA CYS C 80 28.78 29.86 13.99
C CYS C 80 29.96 30.35 13.15
N GLU C 81 30.82 29.46 12.67
CA GLU C 81 31.98 29.88 11.88
C GLU C 81 31.94 29.33 10.45
N GLU C 84 34.35 23.68 8.36
CA GLU C 84 34.08 22.26 8.59
C GLU C 84 34.76 21.79 9.89
N LEU C 85 34.26 20.70 10.46
CA LEU C 85 34.91 20.13 11.64
C LEU C 85 36.19 19.41 11.25
N THR C 86 37.14 19.39 12.18
CA THR C 86 38.27 18.49 12.04
C THR C 86 37.83 17.07 12.38
N ALA C 87 38.65 16.08 11.98
CA ALA C 87 38.32 14.69 12.25
C ALA C 87 38.25 14.41 13.75
N ASP C 88 39.08 15.08 14.56
CA ASP C 88 38.99 14.91 16.00
C ASP C 88 37.71 15.52 16.57
N ASP C 89 37.29 16.68 16.04
CA ASP C 89 36.03 17.28 16.49
C ASP C 89 34.84 16.38 16.14
N GLU C 90 34.84 15.81 14.93
CA GLU C 90 33.77 14.91 14.52
C GLU C 90 33.66 13.72 15.47
N LEU C 91 34.80 13.15 15.86
CA LEU C 91 34.79 12.04 16.83
C LEU C 91 34.26 12.49 18.19
N LEU C 92 34.68 13.68 18.64
CA LEU C 92 34.17 14.23 19.90
C LEU C 92 32.65 14.32 19.90
N MET C 93 32.06 14.93 18.85
CA MET C 93 30.60 15.08 18.80
C MET C 93 29.90 13.71 18.71
N ASP C 94 30.45 12.79 17.91
CA ASP C 94 29.84 11.45 17.83
C ASP C 94 29.83 10.75 19.17
N SER C 95 30.86 10.97 19.99
CA SER C 95 30.91 10.30 21.28
C SER C 95 29.80 10.75 22.22
N PHE C 96 29.15 11.90 21.96
CA PHE C 96 28.02 12.36 22.75
C PHE C 96 26.69 12.28 22.00
N SER C 97 26.67 11.57 20.86
CA SER C 97 25.50 11.50 19.97
C SER C 97 25.07 12.87 19.46
N LEU C 98 26.02 13.80 19.34
CA LEU C 98 25.69 15.11 18.80
C LEU C 98 25.71 15.05 17.26
N ASN C 99 24.77 14.24 16.74
CA ASN C 99 24.69 13.94 15.31
C ASN C 99 23.33 13.33 15.02
N TYR C 100 23.12 12.98 13.75
CA TYR C 100 21.92 12.29 13.26
C TYR C 100 20.63 12.97 13.73
N ASP C 101 19.97 12.42 14.75
CA ASP C 101 18.75 13.01 15.30
C ASP C 101 19.00 14.31 16.06
N CYS C 102 20.24 14.57 16.47
CA CYS C 102 20.57 15.73 17.30
C CYS C 102 21.74 16.49 16.69
N PRO C 103 21.56 17.07 15.50
CA PRO C 103 22.66 17.75 14.83
C PRO C 103 22.98 19.07 15.50
N GLY C 104 24.10 19.65 15.09
CA GLY C 104 24.40 21.00 15.48
C GLY C 104 23.70 22.01 14.58
N PHE C 105 23.55 23.22 15.12
CA PHE C 105 23.09 24.37 14.36
C PHE C 105 23.54 25.62 15.12
N PRO C 106 23.51 26.80 14.47
CA PRO C 106 24.16 27.98 15.08
C PRO C 106 23.71 28.34 16.49
N SER C 107 22.50 27.98 16.91
CA SER C 107 22.03 28.35 18.25
C SER C 107 21.78 27.13 19.14
N VAL C 108 22.43 26.00 18.88
CA VAL C 108 22.01 24.75 19.53
C VAL C 108 22.17 24.85 21.05
N PHE C 109 23.22 25.52 21.54
CA PHE C 109 23.37 25.63 23.00
C PHE C 109 22.40 26.65 23.59
N ASP C 110 22.30 27.84 23.02
CA ASP C 110 21.32 28.81 23.52
C ASP C 110 19.91 28.22 23.51
N TYR C 111 19.54 27.54 22.41
CA TYR C 111 18.22 26.91 22.31
C TYR C 111 17.97 25.93 23.45
N SER C 112 18.90 24.98 23.64
CA SER C 112 18.79 23.96 24.68
C SER C 112 18.74 24.59 26.07
N LEU C 113 19.60 25.56 26.32
CA LEU C 113 19.66 26.19 27.64
C LEU C 113 18.37 26.95 27.94
N ALA C 114 17.78 27.57 26.91
CA ALA C 114 16.55 28.33 27.13
C ALA C 114 15.48 27.50 27.81
N ALA C 115 15.28 26.24 27.37
CA ALA C 115 14.30 25.37 28.02
C ALA C 115 14.64 25.16 29.50
N VAL C 116 15.91 24.97 29.80
CA VAL C 116 16.34 24.84 31.20
C VAL C 116 15.98 26.10 31.98
N GLN C 117 16.27 27.27 31.41
CA GLN C 117 15.95 28.55 32.06
C GLN C 117 14.45 28.68 32.36
N GLY C 118 13.60 28.29 31.42
CA GLY C 118 12.17 28.41 31.65
C GLY C 118 11.65 27.44 32.71
N SER C 119 12.12 26.19 32.66
CA SER C 119 11.59 25.19 33.59
C SER C 119 12.13 25.37 35.01
N LEU C 120 13.39 25.81 35.17
CA LEU C 120 13.89 26.14 36.51
C LEU C 120 13.15 27.33 37.11
N ALA C 121 12.85 28.35 36.30
CA ALA C 121 12.06 29.48 36.79
C ALA C 121 10.66 29.02 37.19
N ALA C 122 10.06 28.12 36.41
CA ALA C 122 8.75 27.59 36.76
C ALA C 122 8.78 26.86 38.11
N ALA C 123 9.79 26.01 38.31
CA ALA C 123 9.92 25.32 39.60
C ALA C 123 10.07 26.33 40.75
N SER C 124 10.86 27.39 40.56
CA SER C 124 11.07 28.36 41.64
C SER C 124 9.77 29.07 41.99
N ALA C 125 8.97 29.43 40.97
CA ALA C 125 7.69 30.09 41.21
C ALA C 125 6.73 29.21 42.02
N LEU C 126 6.80 27.87 41.85
CA LEU C 126 6.00 26.95 42.65
C LEU C 126 6.56 26.83 44.06
N ILE C 127 7.88 26.80 44.21
CA ILE C 127 8.51 26.66 45.53
C ILE C 127 8.14 27.84 46.41
N CYS C 128 8.26 29.06 45.89
N CYS C 128 8.26 29.06 45.87
CA CYS C 128 7.95 30.25 46.68
CA CYS C 128 7.96 30.28 46.62
C CYS C 128 6.46 30.54 46.76
C CYS C 128 6.46 30.56 46.73
N ARG C 129 5.61 29.64 46.26
CA ARG C 129 4.15 29.76 46.36
C ARG C 129 3.60 30.99 45.62
N HIS C 130 4.34 31.52 44.64
CA HIS C 130 3.80 32.60 43.82
C HIS C 130 2.71 32.09 42.89
N CYS C 131 2.85 30.88 42.36
CA CYS C 131 1.85 30.25 41.51
C CYS C 131 1.47 28.88 42.05
N GLU C 132 0.23 28.48 41.80
CA GLU C 132 -0.23 27.14 42.13
C GLU C 132 0.04 26.16 41.00
N VAL C 133 0.04 26.66 39.77
CA VAL C 133 0.42 25.90 38.58
C VAL C 133 1.30 26.82 37.71
N VAL C 134 2.30 26.25 37.04
CA VAL C 134 3.07 26.98 36.03
C VAL C 134 3.17 26.14 34.77
N ILE C 135 2.97 26.79 33.61
CA ILE C 135 3.01 26.17 32.30
C ILE C 135 4.28 26.63 31.58
N ASN C 136 5.01 25.69 30.99
CA ASN C 136 6.14 26.05 30.10
C ASN C 136 6.03 25.26 28.80
N TRP C 137 5.44 25.85 27.76
CA TRP C 137 5.35 25.18 26.47
C TRP C 137 6.67 25.17 25.69
N GLY C 138 7.71 25.81 26.21
CA GLY C 138 9.04 25.66 25.63
C GLY C 138 9.88 24.53 26.22
N GLY C 139 9.37 23.83 27.24
CA GLY C 139 10.10 22.79 27.92
C GLY C 139 9.55 21.40 27.65
N GLY C 140 10.13 20.41 28.32
CA GLY C 140 9.63 19.05 28.28
C GLY C 140 10.49 18.06 27.51
N TRP C 141 11.81 18.27 27.52
CA TRP C 141 12.70 17.51 26.63
C TRP C 141 13.24 16.28 27.38
N HIS C 142 12.37 15.27 27.50
CA HIS C 142 12.54 14.15 28.41
C HIS C 142 13.56 13.09 27.98
N HIS C 143 14.09 13.12 26.75
CA HIS C 143 15.02 12.08 26.31
C HIS C 143 16.49 12.34 26.65
N ALA C 144 16.88 13.58 26.99
CA ALA C 144 18.30 13.90 27.14
C ALA C 144 18.90 13.17 28.34
N LYS C 145 20.09 12.60 28.15
CA LYS C 145 20.76 11.85 29.21
C LYS C 145 21.92 12.65 29.77
N ARG C 146 22.48 12.12 30.85
CA ARG C 146 23.57 12.77 31.57
C ARG C 146 24.71 13.22 30.64
N SER C 147 25.11 12.34 29.70
CA SER C 147 26.21 12.62 28.80
C SER C 147 25.87 12.29 27.35
N GLU C 148 24.61 12.49 26.96
CA GLU C 148 24.19 12.06 25.63
C GLU C 148 22.95 12.84 25.19
N ALA C 149 23.00 13.40 23.98
CA ALA C 149 21.81 13.94 23.33
C ALA C 149 20.96 12.81 22.78
N SER C 150 19.63 13.01 22.74
CA SER C 150 18.77 11.95 22.23
C SER C 150 17.42 12.52 21.79
N GLY C 151 16.98 12.13 20.59
CA GLY C 151 15.63 12.47 20.14
C GLY C 151 15.34 13.95 20.08
N PHE C 152 16.27 14.72 19.49
CA PHE C 152 16.31 16.20 19.45
C PHE C 152 16.19 16.84 20.84
N CYS C 153 16.50 16.08 21.89
CA CYS C 153 16.64 16.62 23.24
C CYS C 153 18.13 16.71 23.59
N TYR C 154 18.61 17.93 23.88
CA TYR C 154 20.02 18.18 24.17
C TYR C 154 20.30 18.36 25.66
N LEU C 155 19.44 19.09 26.37
CA LEU C 155 19.58 19.26 27.81
C LEU C 155 18.25 18.88 28.45
N ASN C 156 18.30 18.19 29.59
CA ASN C 156 17.04 17.71 30.16
C ASN C 156 16.51 18.73 31.16
N ASP C 157 15.64 19.63 30.68
CA ASP C 157 15.09 20.65 31.55
C ASP C 157 14.18 20.05 32.61
N ILE C 158 13.58 18.90 32.32
CA ILE C 158 12.68 18.27 33.27
C ILE C 158 13.44 17.75 34.47
N VAL C 159 14.56 17.06 34.23
CA VAL C 159 15.34 16.52 35.35
C VAL C 159 15.81 17.64 36.27
N LEU C 160 16.25 18.75 35.67
CA LEU C 160 16.78 19.86 36.47
C LEU C 160 15.68 20.54 37.27
N ALA C 161 14.49 20.68 36.69
CA ALA C 161 13.36 21.25 37.42
C ALA C 161 12.92 20.36 38.57
N ILE C 162 12.80 19.05 38.31
CA ILE C 162 12.46 18.10 39.37
C ILE C 162 13.49 18.16 40.49
N HIS C 163 14.77 18.19 40.13
CA HIS C 163 15.83 18.23 41.14
C HIS C 163 15.70 19.47 42.03
N ARG C 164 15.33 20.62 41.45
CA ARG C 164 15.10 21.81 42.26
C ARG C 164 13.91 21.62 43.20
N LEU C 165 12.81 21.05 42.69
CA LEU C 165 11.63 20.82 43.51
C LEU C 165 11.93 19.86 44.66
N VAL C 166 12.52 18.70 44.35
CA VAL C 166 12.70 17.68 45.36
C VAL C 166 13.72 18.11 46.42
N SER C 167 14.59 19.09 46.13
CA SER C 167 15.59 19.58 47.06
C SER C 167 15.09 20.73 47.94
N SER C 168 13.88 21.22 47.70
CA SER C 168 13.31 22.31 48.49
C SER C 168 12.68 21.78 49.77
N THR C 169 12.33 22.70 50.66
CA THR C 169 11.57 22.36 51.86
C THR C 169 11.00 23.60 52.53
N GLN C 178 10.99 13.83 53.10
CA GLN C 178 9.55 13.70 53.03
C GLN C 178 8.97 14.37 51.77
N THR C 179 9.72 15.33 51.20
CA THR C 179 9.30 15.91 49.93
C THR C 179 9.40 14.84 48.84
N ARG C 180 8.29 14.62 48.13
CA ARG C 180 8.24 13.65 47.05
C ARG C 180 7.62 14.31 45.83
N VAL C 181 8.12 13.97 44.65
CA VAL C 181 7.60 14.50 43.38
C VAL C 181 7.06 13.34 42.55
N LEU C 182 5.88 13.54 41.96
CA LEU C 182 5.28 12.60 41.03
C LEU C 182 5.44 13.15 39.62
N TYR C 183 6.10 12.38 38.74
CA TYR C 183 6.33 12.76 37.35
C TYR C 183 5.42 11.94 36.43
N VAL C 184 4.64 12.63 35.60
CA VAL C 184 3.65 11.99 34.74
C VAL C 184 3.98 12.37 33.30
N ASP C 185 4.22 11.36 32.47
CA ASP C 185 4.73 11.59 31.10
C ASP C 185 3.69 11.08 30.10
N LEU C 186 2.99 12.02 29.44
CA LEU C 186 1.87 11.70 28.56
C LEU C 186 2.27 11.64 27.09
N ASP C 187 3.54 11.90 26.77
CA ASP C 187 4.06 11.90 25.42
C ASP C 187 3.82 10.53 24.77
N LEU C 188 3.74 10.52 23.44
CA LEU C 188 3.69 9.26 22.69
C LEU C 188 4.85 8.32 23.00
N HIS C 189 6.02 8.88 23.33
CA HIS C 189 7.27 8.13 23.53
C HIS C 189 7.55 7.91 25.01
N HIS C 190 8.25 6.82 25.32
CA HIS C 190 8.69 6.55 26.70
C HIS C 190 9.61 7.65 27.21
N GLY C 191 9.31 8.18 28.41
CA GLY C 191 10.17 9.21 29.00
C GLY C 191 11.46 8.67 29.63
N ASP C 192 12.38 8.17 28.79
CA ASP C 192 13.50 7.38 29.29
C ASP C 192 14.55 8.22 30.02
N GLY C 193 14.81 9.45 29.57
CA GLY C 193 15.85 10.26 30.21
C GLY C 193 15.51 10.63 31.64
N VAL C 194 14.24 10.97 31.88
CA VAL C 194 13.79 11.30 33.23
C VAL C 194 13.79 10.06 34.10
N GLU C 195 13.27 8.95 33.56
CA GLU C 195 13.23 7.68 34.29
C GLU C 195 14.61 7.26 34.75
N GLU C 196 15.59 7.35 33.86
CA GLU C 196 16.95 6.93 34.16
C GLU C 196 17.59 7.82 35.23
N ALA C 197 17.37 9.14 35.12
CA ALA C 197 17.95 10.08 36.08
C ALA C 197 17.59 9.74 37.52
N PHE C 198 16.37 9.25 37.76
CA PHE C 198 15.88 9.01 39.10
C PHE C 198 15.73 7.52 39.41
N TRP C 199 16.33 6.66 38.58
CA TRP C 199 16.26 5.21 38.74
C TRP C 199 16.55 4.75 40.17
N TYR C 200 17.50 5.40 40.86
CA TYR C 200 17.93 4.97 42.20
C TYR C 200 17.32 5.80 43.31
N SER C 201 16.35 6.66 43.02
CA SER C 201 15.83 7.61 44.01
C SER C 201 14.38 7.29 44.33
N PRO C 202 14.03 7.00 45.58
CA PRO C 202 12.61 6.76 45.92
C PRO C 202 11.74 8.00 45.89
N ARG C 203 12.32 9.19 45.99
CA ARG C 203 11.51 10.37 46.23
C ARG C 203 11.01 11.04 44.96
N VAL C 204 11.47 10.62 43.79
CA VAL C 204 10.89 11.03 42.51
C VAL C 204 10.28 9.78 41.88
N VAL C 205 8.95 9.67 41.91
CA VAL C 205 8.26 8.55 41.29
C VAL C 205 7.90 8.93 39.87
N THR C 206 8.34 8.13 38.89
CA THR C 206 8.08 8.43 37.48
C THR C 206 7.03 7.48 36.91
N PHE C 207 6.14 8.02 36.07
CA PHE C 207 5.10 7.22 35.42
C PHE C 207 4.95 7.67 33.98
N SER C 208 5.26 6.79 33.03
CA SER C 208 5.13 7.11 31.61
C SER C 208 4.10 6.19 30.97
N VAL C 209 3.19 6.78 30.18
CA VAL C 209 2.27 6.04 29.32
C VAL C 209 2.65 6.35 27.88
N HIS C 210 2.73 5.33 27.02
CA HIS C 210 3.37 5.54 25.73
C HIS C 210 3.09 4.37 24.81
N HIS C 211 3.40 4.57 23.52
CA HIS C 211 3.44 3.45 22.60
C HIS C 211 4.79 2.74 22.70
N ALA C 212 4.78 1.42 22.60
CA ALA C 212 6.02 0.65 22.45
C ALA C 212 5.78 -0.53 21.53
N SER C 213 6.77 -0.84 20.71
CA SER C 213 6.71 -1.92 19.73
C SER C 213 8.13 -2.12 19.17
N PRO C 214 8.40 -3.28 18.56
CA PRO C 214 9.76 -3.56 18.06
C PRO C 214 10.26 -2.51 17.08
N GLY C 215 11.41 -1.91 17.42
CA GLY C 215 12.04 -0.92 16.57
C GLY C 215 11.56 0.52 16.75
N PHE C 216 10.55 0.76 17.58
CA PHE C 216 10.03 2.11 17.79
C PHE C 216 10.83 2.82 18.88
N PHE C 217 11.21 4.08 18.60
CA PHE C 217 11.99 4.91 19.52
C PHE C 217 11.32 5.12 20.88
N PRO C 218 12.08 5.03 21.98
CA PRO C 218 13.51 4.72 22.09
C PRO C 218 13.78 3.24 22.41
N GLY C 219 12.71 2.45 22.61
CA GLY C 219 12.80 1.03 22.82
C GLY C 219 12.53 0.56 24.23
N THR C 220 12.60 1.45 25.22
CA THR C 220 12.42 1.08 26.61
C THR C 220 10.97 1.30 27.05
N GLY C 221 10.69 1.10 28.33
CA GLY C 221 9.35 1.25 28.86
C GLY C 221 8.42 0.07 28.60
N THR C 222 8.96 -1.12 28.44
CA THR C 222 8.14 -2.29 28.13
C THR C 222 8.84 -3.52 28.70
N TRP C 223 8.32 -4.70 28.36
CA TRP C 223 8.87 -5.94 28.89
C TRP C 223 10.35 -6.09 28.52
N ASN C 224 11.10 -6.72 29.41
CA ASN C 224 12.53 -6.89 29.20
C ASN C 224 12.93 -8.36 29.00
N LEU C 231 10.09 -15.96 31.42
CA LEU C 231 9.06 -14.93 31.29
C LEU C 231 9.69 -13.55 31.42
N PRO C 232 9.41 -12.65 30.47
CA PRO C 232 9.94 -11.29 30.57
C PRO C 232 9.27 -10.52 31.69
N ILE C 233 9.98 -9.51 32.20
CA ILE C 233 9.54 -8.76 33.37
C ILE C 233 9.73 -7.27 33.10
N PHE C 234 9.03 -6.44 33.88
CA PHE C 234 9.27 -5.00 33.91
C PHE C 234 10.36 -4.68 34.92
N LEU C 235 11.44 -4.06 34.46
CA LEU C 235 12.31 -3.35 35.38
C LEU C 235 11.61 -2.09 35.88
N ASN C 236 11.90 -1.72 37.14
CA ASN C 236 11.11 -0.68 37.81
C ASN C 236 11.92 0.16 38.80
N GLY C 237 13.23 0.25 38.63
CA GLY C 237 14.10 1.00 39.52
C GLY C 237 15.08 0.06 40.23
N ALA C 238 15.99 0.65 40.99
CA ALA C 238 17.00 -0.19 41.62
C ALA C 238 17.45 0.44 42.94
N GLY C 239 18.01 -0.40 43.81
CA GLY C 239 18.50 0.09 45.09
C GLY C 239 17.37 0.64 45.93
N ARG C 240 17.60 1.80 46.54
CA ARG C 240 16.52 2.52 47.23
C ARG C 240 15.38 2.90 46.28
N GLY C 241 15.65 2.96 44.98
CA GLY C 241 14.65 3.34 44.00
C GLY C 241 13.82 2.20 43.46
N ARG C 242 13.99 0.99 43.99
CA ARG C 242 13.21 -0.14 43.52
C ARG C 242 11.72 0.14 43.64
N PHE C 243 10.95 -0.28 42.62
CA PHE C 243 9.49 -0.09 42.51
C PHE C 243 9.07 1.34 42.21
N SER C 244 10.02 2.26 41.96
CA SER C 244 9.68 3.69 41.85
C SER C 244 9.53 4.19 40.42
N ALA C 245 9.79 3.36 39.39
CA ALA C 245 9.61 3.74 37.98
C ALA C 245 8.50 2.90 37.34
N PHE C 246 7.39 3.56 36.97
CA PHE C 246 6.17 2.92 36.46
C PHE C 246 6.05 3.14 34.96
N ASN C 247 5.49 2.15 34.26
CA ASN C 247 5.35 2.21 32.81
C ASN C 247 4.08 1.52 32.35
N LEU C 248 3.42 2.12 31.36
CA LEU C 248 2.24 1.53 30.74
C LEU C 248 2.43 1.65 29.23
N PRO C 249 2.95 0.63 28.58
CA PRO C 249 3.03 0.64 27.11
C PRO C 249 1.72 0.19 26.50
N LEU C 250 1.30 0.89 25.43
CA LEU C 250 0.00 0.64 24.82
C LEU C 250 0.18 0.39 23.31
N GLU C 251 -0.72 -0.43 22.76
CA GLU C 251 -0.68 -0.72 21.32
C GLU C 251 -1.20 0.48 20.53
N GLU C 252 -0.90 0.52 19.24
CA GLU C 252 -1.32 1.66 18.44
C GLU C 252 -2.84 1.68 18.25
N GLY C 253 -3.39 2.87 17.98
CA GLY C 253 -4.79 2.99 17.65
C GLY C 253 -5.74 3.41 18.78
N ILE C 254 -5.24 3.62 20.00
CA ILE C 254 -6.12 3.88 21.13
C ILE C 254 -6.77 5.26 21.03
N ASN C 255 -8.03 5.37 21.44
CA ASN C 255 -8.81 6.60 21.34
C ASN C 255 -8.87 7.31 22.70
N ASP C 256 -9.56 8.46 22.74
CA ASP C 256 -9.60 9.28 23.95
C ASP C 256 -10.11 8.48 25.15
N LEU C 257 -11.23 7.78 24.97
CA LEU C 257 -11.92 7.14 26.08
C LEU C 257 -11.11 6.01 26.68
N ASP C 258 -10.54 5.16 25.81
CA ASP C 258 -9.80 4.00 26.30
C ASP C 258 -8.49 4.43 26.95
N TRP C 259 -7.85 5.48 26.41
CA TRP C 259 -6.65 6.06 27.03
C TRP C 259 -6.98 6.67 28.39
N SER C 260 -8.11 7.39 28.47
CA SER C 260 -8.58 7.96 29.72
C SER C 260 -8.85 6.90 30.77
N ASN C 261 -9.61 5.86 30.42
CA ASN C 261 -9.83 4.78 31.37
C ASN C 261 -8.55 4.02 31.68
N ALA C 262 -7.56 4.05 30.78
CA ALA C 262 -6.32 3.34 31.05
C ALA C 262 -5.52 4.01 32.16
N ILE C 263 -5.39 5.34 32.14
CA ILE C 263 -4.49 6.01 33.08
C ILE C 263 -5.22 6.71 34.22
N GLY C 264 -6.52 6.99 34.10
CA GLY C 264 -7.27 7.64 35.15
C GLY C 264 -7.12 6.99 36.53
N PRO C 265 -7.48 5.71 36.66
CA PRO C 265 -7.36 5.05 37.97
C PRO C 265 -5.93 4.91 38.44
N ILE C 266 -4.96 4.73 37.53
CA ILE C 266 -3.57 4.64 37.94
C ILE C 266 -3.08 5.97 38.52
N LEU C 267 -3.44 7.07 37.85
CA LEU C 267 -3.11 8.40 38.35
C LEU C 267 -3.67 8.63 39.75
N ASP C 268 -4.97 8.38 39.94
CA ASP C 268 -5.59 8.60 41.25
C ASP C 268 -4.93 7.73 42.32
N SER C 269 -4.58 6.48 41.98
CA SER C 269 -3.91 5.59 42.93
C SER C 269 -2.52 6.09 43.29
N LEU C 270 -1.76 6.58 42.30
CA LEU C 270 -0.43 7.11 42.60
C LEU C 270 -0.53 8.29 43.56
N ASN C 271 -1.54 9.14 43.36
CA ASN C 271 -1.70 10.29 44.26
C ASN C 271 -2.06 9.85 45.67
N ILE C 272 -2.99 8.90 45.80
CA ILE C 272 -3.42 8.41 47.10
C ILE C 272 -2.23 7.85 47.88
N VAL C 273 -1.43 7.00 47.24
CA VAL C 273 -0.38 6.28 47.97
C VAL C 273 0.86 7.14 48.16
N ILE C 274 1.31 7.83 47.10
CA ILE C 274 2.57 8.57 47.17
C ILE C 274 2.42 9.92 47.89
N GLN C 275 1.23 10.52 47.84
CA GLN C 275 0.99 11.84 48.41
C GLN C 275 2.07 12.87 48.02
N PRO C 276 2.22 13.15 46.73
CA PRO C 276 3.31 14.03 46.29
C PRO C 276 3.13 15.47 46.72
N SER C 277 4.26 16.14 46.92
CA SER C 277 4.26 17.57 47.23
C SER C 277 4.18 18.42 45.97
N TYR C 278 4.64 17.88 44.84
CA TYR C 278 4.60 18.54 43.55
C TYR C 278 4.26 17.48 42.51
N VAL C 279 3.57 17.88 41.46
CA VAL C 279 3.38 17.06 40.27
C VAL C 279 4.05 17.75 39.08
N VAL C 280 4.73 16.97 38.26
CA VAL C 280 5.34 17.46 37.02
C VAL C 280 4.76 16.66 35.88
N VAL C 281 4.14 17.33 34.92
CA VAL C 281 3.42 16.67 33.82
C VAL C 281 4.09 17.09 32.52
N GLN C 282 4.54 16.10 31.74
CA GLN C 282 5.00 16.33 30.37
C GLN C 282 3.80 16.05 29.48
N CYS C 283 3.43 17.01 28.64
CA CYS C 283 2.18 16.92 27.88
CA CYS C 283 2.19 16.95 27.87
C CYS C 283 2.44 16.94 26.38
N GLY C 284 3.44 16.18 25.93
CA GLY C 284 3.75 16.03 24.52
C GLY C 284 2.53 15.70 23.68
N ALA C 285 2.36 16.39 22.54
CA ALA C 285 1.15 16.34 21.75
C ALA C 285 1.22 15.34 20.61
N ASP C 286 2.21 14.45 20.58
CA ASP C 286 2.31 13.56 19.44
C ASP C 286 1.38 12.37 19.54
N CYS C 287 0.54 12.30 20.58
CA CYS C 287 -0.56 11.31 20.61
C CYS C 287 -1.78 11.75 19.80
N LEU C 288 -1.81 12.96 19.29
CA LEU C 288 -2.98 13.42 18.56
C LEU C 288 -3.20 12.59 17.30
N ALA C 289 -4.47 12.33 16.98
CA ALA C 289 -4.79 11.54 15.79
C ALA C 289 -4.22 12.16 14.50
N THR C 290 -4.03 13.47 14.47
CA THR C 290 -3.51 14.18 13.31
C THR C 290 -2.01 14.43 13.37
N ASP C 291 -1.32 13.96 14.40
CA ASP C 291 0.13 14.04 14.38
C ASP C 291 0.64 13.16 13.24
N PRO C 292 1.67 13.59 12.51
CA PRO C 292 2.16 12.75 11.39
C PRO C 292 2.67 11.36 11.82
N HIS C 293 2.95 11.13 13.10
CA HIS C 293 3.23 9.75 13.56
C HIS C 293 2.06 8.82 13.25
N ARG C 294 0.82 9.31 13.42
CA ARG C 294 -0.40 8.53 13.16
C ARG C 294 -0.43 7.20 13.92
N ILE C 295 -0.13 7.25 15.23
CA ILE C 295 -0.10 6.03 16.05
C ILE C 295 -1.30 5.97 17.01
N PHE C 296 -1.46 6.96 17.89
CA PHE C 296 -2.63 7.04 18.78
C PHE C 296 -3.71 7.92 18.12
N ARG C 297 -4.91 7.93 18.71
CA ARG C 297 -6.03 8.67 18.11
C ARG C 297 -6.69 9.60 19.11
N LEU C 298 -5.87 10.33 19.88
CA LEU C 298 -6.42 11.32 20.81
C LEU C 298 -6.83 12.60 20.05
N THR C 299 -7.71 13.39 20.68
CA THR C 299 -8.19 14.66 20.13
C THR C 299 -7.97 15.77 21.14
N ASN C 300 -8.35 16.98 20.76
CA ASN C 300 -8.48 18.12 21.67
C ASN C 300 -9.94 18.50 21.94
N PHE C 301 -10.88 17.57 21.75
CA PHE C 301 -12.30 17.93 21.85
C PHE C 301 -12.72 18.18 23.30
N TYR C 302 -13.69 19.07 23.46
CA TYR C 302 -14.16 19.49 24.79
C TYR C 302 -15.66 19.75 24.72
N PRO C 303 -16.48 18.71 24.98
CA PRO C 303 -17.95 18.72 24.82
C PRO C 303 -18.73 19.75 25.62
N SER C 316 -17.56 13.06 23.31
CA SER C 316 -16.38 12.43 23.89
C SER C 316 -15.26 13.45 24.15
N LEU C 317 -14.51 13.22 25.21
CA LEU C 317 -13.62 14.21 25.79
C LEU C 317 -12.16 13.85 25.52
N SER C 318 -11.40 14.83 25.06
CA SER C 318 -9.96 14.72 24.90
C SER C 318 -9.31 13.99 26.06
N GLY C 319 -8.53 12.95 25.73
CA GLY C 319 -7.82 12.22 26.79
C GLY C 319 -6.86 13.10 27.56
N TYR C 320 -6.15 13.99 26.84
CA TYR C 320 -5.29 14.97 27.51
C TYR C 320 -6.07 15.82 28.50
N LEU C 321 -7.22 16.37 28.09
CA LEU C 321 -7.94 17.27 29.00
C LEU C 321 -8.52 16.49 30.18
N TYR C 322 -8.97 15.27 29.94
CA TYR C 322 -9.40 14.40 31.03
C TYR C 322 -8.30 14.25 32.07
N ALA C 323 -7.09 13.94 31.61
CA ALA C 323 -5.99 13.66 32.53
C ALA C 323 -5.50 14.93 33.24
N ILE C 324 -5.46 16.07 32.54
CA ILE C 324 -5.04 17.30 33.19
C ILE C 324 -6.07 17.74 34.23
N LYS C 325 -7.36 17.65 33.89
CA LYS C 325 -8.39 17.97 34.87
C LYS C 325 -8.25 17.08 36.12
N LYS C 326 -8.01 15.78 35.93
CA LYS C 326 -7.90 14.88 37.09
C LYS C 326 -6.73 15.27 37.98
N ILE C 327 -5.56 15.51 37.37
CA ILE C 327 -4.37 15.89 38.15
C ILE C 327 -4.60 17.19 38.90
N LEU C 328 -5.25 18.17 38.26
CA LEU C 328 -5.48 19.45 38.92
C LEU C 328 -6.48 19.34 40.06
N SER C 329 -7.38 18.35 40.03
CA SER C 329 -8.35 18.18 41.10
C SER C 329 -7.70 17.79 42.43
N TRP C 330 -6.46 17.30 42.41
CA TRP C 330 -5.74 16.95 43.64
C TRP C 330 -5.27 18.17 44.42
N LYS C 331 -5.29 19.36 43.83
CA LYS C 331 -4.87 20.57 44.52
C LYS C 331 -3.43 20.48 45.05
N VAL C 332 -2.56 19.87 44.26
CA VAL C 332 -1.12 19.77 44.52
C VAL C 332 -0.40 20.70 43.56
N PRO C 333 0.56 21.51 44.01
CA PRO C 333 1.28 22.40 43.07
C PRO C 333 1.89 21.63 41.90
N THR C 334 1.72 22.17 40.70
CA THR C 334 1.92 21.39 39.48
C THR C 334 2.67 22.19 38.43
N LEU C 335 3.62 21.52 37.78
CA LEU C 335 4.32 22.03 36.60
C LEU C 335 3.79 21.31 35.37
N ILE C 336 3.37 22.07 34.35
CA ILE C 336 2.88 21.51 33.09
C ILE C 336 3.84 21.90 31.97
N LEU C 337 4.40 20.89 31.28
CA LEU C 337 5.42 21.09 30.26
C LEU C 337 4.93 20.59 28.90
N GLY C 338 5.55 21.09 27.84
CA GLY C 338 5.32 20.60 26.48
C GLY C 338 6.06 19.32 26.16
N GLY C 339 6.69 19.28 24.99
CA GLY C 339 7.36 18.07 24.52
C GLY C 339 7.16 17.85 23.03
N GLY C 340 6.93 16.61 22.60
CA GLY C 340 6.75 16.34 21.18
C GLY C 340 5.46 16.91 20.63
N GLY C 341 5.31 16.83 19.32
CA GLY C 341 4.16 17.39 18.64
C GLY C 341 4.56 18.00 17.31
N TYR C 342 4.31 17.28 16.22
CA TYR C 342 4.91 17.61 14.95
C TYR C 342 3.92 18.14 13.93
N ASN C 343 2.62 18.24 14.29
CA ASN C 343 1.61 19.01 13.55
C ASN C 343 1.47 20.32 14.34
N PHE C 344 2.15 21.39 13.89
CA PHE C 344 2.28 22.57 14.75
C PHE C 344 0.95 23.25 15.00
N PRO C 345 0.07 23.46 14.01
CA PRO C 345 -1.24 24.09 14.34
C PRO C 345 -2.11 23.25 15.27
N ASP C 346 -2.14 21.93 15.10
CA ASP C 346 -2.94 21.09 16.00
C ASP C 346 -2.30 21.00 17.39
N THR C 347 -0.96 21.01 17.48
CA THR C 347 -0.33 21.13 18.79
C THR C 347 -0.75 22.43 19.49
N ALA C 348 -0.75 23.55 18.77
CA ALA C 348 -1.22 24.80 19.37
C ALA C 348 -2.70 24.71 19.77
N ARG C 349 -3.53 24.07 18.93
CA ARG C 349 -4.94 23.88 19.29
C ARG C 349 -5.11 23.13 20.62
N LEU C 350 -4.34 22.05 20.79
CA LEU C 350 -4.43 21.27 22.03
C LEU C 350 -3.94 22.07 23.24
N TRP C 351 -2.73 22.64 23.14
CA TRP C 351 -2.16 23.30 24.32
C TRP C 351 -2.90 24.58 24.68
N THR C 352 -3.57 25.21 23.71
CA THR C 352 -4.44 26.34 24.04
C THR C 352 -5.62 25.88 24.89
N ARG C 353 -6.22 24.73 24.57
N ARG C 353 -6.21 24.74 24.55
CA ARG C 353 -7.31 24.20 25.39
CA ARG C 353 -7.28 24.16 25.36
C ARG C 353 -6.80 23.75 26.77
C ARG C 353 -6.77 23.80 26.77
N VAL C 354 -5.60 23.17 26.83
CA VAL C 354 -5.03 22.81 28.14
C VAL C 354 -4.86 24.06 28.99
N THR C 355 -4.41 25.15 28.38
CA THR C 355 -4.17 26.39 29.13
C THR C 355 -5.48 26.97 29.68
N ALA C 356 -6.53 27.01 28.86
CA ALA C 356 -7.83 27.48 29.32
C ALA C 356 -8.40 26.60 30.44
N LEU C 357 -8.25 25.27 30.31
CA LEU C 357 -8.71 24.36 31.35
C LEU C 357 -8.01 24.61 32.68
N THR C 358 -6.70 24.84 32.64
CA THR C 358 -5.95 25.10 33.87
C THR C 358 -6.46 26.36 34.57
N ILE C 359 -6.73 27.42 33.81
CA ILE C 359 -7.30 28.64 34.41
C ILE C 359 -8.65 28.34 35.05
N GLU C 360 -9.52 27.61 34.33
CA GLU C 360 -10.85 27.28 34.86
C GLU C 360 -10.75 26.47 36.15
N GLU C 361 -9.92 25.42 36.14
CA GLU C 361 -9.84 24.51 37.28
C GLU C 361 -9.17 25.15 38.49
N VAL C 362 -8.23 26.07 38.28
CA VAL C 362 -7.45 26.63 39.39
C VAL C 362 -8.11 27.88 39.94
N LYS C 363 -8.54 28.77 39.06
CA LYS C 363 -9.20 30.01 39.48
C LYS C 363 -10.70 29.85 39.72
N GLY C 364 -11.32 28.83 39.16
CA GLY C 364 -12.77 28.71 39.23
C GLY C 364 -13.50 29.69 38.34
N LYS C 365 -12.89 30.10 37.24
CA LYS C 365 -13.34 31.20 36.39
C LYS C 365 -13.61 30.65 34.99
N LYS C 366 -14.83 30.83 34.49
CA LYS C 366 -15.19 30.20 33.23
C LYS C 366 -14.41 30.81 32.08
N MET C 367 -13.82 29.94 31.24
CA MET C 367 -13.06 30.35 30.06
C MET C 367 -13.78 29.82 28.82
N THR C 368 -14.47 30.69 28.11
CA THR C 368 -15.23 30.30 26.94
C THR C 368 -14.39 30.57 25.70
N ILE C 369 -14.10 29.52 24.94
CA ILE C 369 -13.28 29.62 23.75
C ILE C 369 -14.17 29.49 22.52
N SER C 370 -14.12 30.48 21.63
CA SER C 370 -14.93 30.42 20.42
C SER C 370 -14.46 29.27 19.53
N PRO C 371 -15.40 28.58 18.86
CA PRO C 371 -14.98 27.52 17.90
C PRO C 371 -14.27 28.06 16.65
N GLU C 372 -14.42 29.34 16.30
CA GLU C 372 -13.66 29.92 15.20
C GLU C 372 -12.32 30.48 15.69
N ILE C 373 -11.25 30.17 14.96
CA ILE C 373 -9.92 30.71 15.30
C ILE C 373 -9.97 32.24 15.20
N PRO C 374 -9.49 32.97 16.19
CA PRO C 374 -9.54 34.44 16.13
C PRO C 374 -8.47 35.01 15.22
N GLU C 375 -8.73 36.23 14.78
CA GLU C 375 -7.78 36.97 13.96
C GLU C 375 -6.45 37.16 14.69
N HIS C 376 -5.36 36.75 14.04
CA HIS C 376 -3.99 37.06 14.50
C HIS C 376 -3.05 36.74 13.33
N SER C 377 -1.75 37.01 13.51
CA SER C 377 -0.86 36.97 12.35
C SER C 377 -0.53 35.54 11.88
N TYR C 378 -0.83 34.52 12.67
CA TYR C 378 -0.74 33.13 12.21
C TYR C 378 -2.10 32.53 11.85
N PHE C 379 -3.16 33.36 11.72
CA PHE C 379 -4.49 32.83 11.39
C PHE C 379 -4.44 31.89 10.17
N SER C 380 -3.60 32.22 9.17
CA SER C 380 -3.60 31.43 7.93
C SER C 380 -3.05 30.01 8.13
N ARG C 381 -2.38 29.73 9.25
CA ARG C 381 -1.88 28.38 9.48
C ARG C 381 -2.97 27.40 9.93
N TYR C 382 -4.19 27.86 10.20
CA TYR C 382 -5.26 27.01 10.70
C TYR C 382 -6.29 26.64 9.62
N GLY C 383 -5.93 26.78 8.34
CA GLY C 383 -6.81 26.37 7.25
C GLY C 383 -6.89 24.86 7.11
N PRO C 384 -7.83 24.36 6.29
CA PRO C 384 -8.81 25.12 5.50
C PRO C 384 -10.07 25.48 6.28
N ASP C 385 -10.16 24.98 7.52
CA ASP C 385 -11.37 25.10 8.32
C ASP C 385 -11.37 26.31 9.24
N PHE C 386 -10.19 26.69 9.76
CA PHE C 386 -10.05 27.81 10.69
C PHE C 386 -10.88 27.61 11.96
N GLU C 387 -10.96 26.36 12.42
CA GLU C 387 -11.66 26.01 13.63
C GLU C 387 -10.70 25.43 14.68
N LEU C 388 -11.13 25.50 15.94
CA LEU C 388 -10.29 25.09 17.07
C LEU C 388 -10.22 23.58 17.25
N ASP C 389 -11.32 22.86 17.02
CA ASP C 389 -11.27 21.39 17.08
C ASP C 389 -10.37 20.86 15.96
N ILE C 390 -9.53 19.87 16.28
CA ILE C 390 -8.72 19.27 15.23
C ILE C 390 -9.64 18.60 14.20
N ASP C 391 -9.15 18.52 12.95
CA ASP C 391 -9.94 18.05 11.82
C ASP C 391 -9.85 16.52 11.73
N TYR C 392 -10.61 15.84 12.58
CA TYR C 392 -10.54 14.39 12.68
C TYR C 392 -11.91 13.85 13.06
N PHE C 393 -12.26 12.69 12.49
CA PHE C 393 -13.57 12.06 12.71
C PHE C 393 -13.40 10.73 13.42
N PRO C 394 -13.59 10.67 14.74
CA PRO C 394 -13.38 9.43 15.47
C PRO C 394 -14.37 8.36 15.02
N HIS C 395 -13.92 7.11 15.03
CA HIS C 395 -14.72 6.00 14.51
C HIS C 395 -14.26 4.71 15.16
N GLU C 396 -14.70 3.58 14.60
CA GLU C 396 -14.38 2.24 15.09
C GLU C 396 -13.17 1.64 14.37
N LYS C 400 -12.32 -3.56 21.12
CA LYS C 400 -13.17 -4.69 21.45
C LYS C 400 -12.67 -5.45 22.68
N THR C 401 -13.31 -6.60 22.94
CA THR C 401 -13.20 -7.29 24.22
C THR C 401 -11.77 -7.71 24.55
N LEU C 402 -10.94 -7.99 23.55
CA LEU C 402 -9.61 -8.57 23.75
C LEU C 402 -8.47 -7.55 23.85
N ASP C 403 -8.74 -6.26 23.62
CA ASP C 403 -7.70 -5.22 23.66
C ASP C 403 -7.54 -4.59 25.04
N SER C 404 -8.08 -5.20 26.09
CA SER C 404 -8.09 -4.61 27.42
C SER C 404 -6.72 -4.75 28.08
N ILE C 405 -6.52 -4.02 29.17
CA ILE C 405 -5.22 -4.02 29.87
C ILE C 405 -5.37 -4.24 31.36
N GLN C 406 -6.34 -5.07 31.76
CA GLN C 406 -6.58 -5.24 33.19
C GLN C 406 -5.41 -5.94 33.88
N LYS C 407 -4.65 -6.78 33.19
CA LYS C 407 -3.47 -7.36 33.86
C LYS C 407 -2.36 -6.31 34.07
N HIS C 408 -2.32 -5.26 33.25
CA HIS C 408 -1.39 -4.17 33.51
C HIS C 408 -1.78 -3.39 34.76
N HIS C 409 -3.08 -3.14 34.93
CA HIS C 409 -3.56 -2.51 36.16
C HIS C 409 -3.14 -3.33 37.38
N ARG C 410 -3.33 -4.65 37.32
CA ARG C 410 -2.99 -5.52 38.44
C ARG C 410 -1.50 -5.45 38.77
N ARG C 411 -0.66 -5.54 37.71
CA ARG C 411 0.79 -5.46 37.86
C ARG C 411 1.22 -4.12 38.45
N ILE C 412 0.63 -3.03 37.96
CA ILE C 412 1.02 -1.70 38.42
C ILE C 412 0.60 -1.47 39.87
N LEU C 413 -0.60 -1.94 40.25
CA LEU C 413 -1.03 -1.79 41.65
C LEU C 413 -0.18 -2.66 42.57
N GLU C 414 0.24 -3.84 42.12
CA GLU C 414 1.16 -4.64 42.93
C GLU C 414 2.48 -3.92 43.16
N GLN C 415 3.03 -3.29 42.10
CA GLN C 415 4.26 -2.52 42.23
C GLN C 415 4.07 -1.33 43.18
N LEU C 416 2.91 -0.68 43.13
CA LEU C 416 2.66 0.44 44.05
C LEU C 416 2.62 -0.05 45.50
N ARG C 417 2.08 -1.25 45.74
CA ARG C 417 2.10 -1.78 47.10
C ARG C 417 3.52 -2.13 47.53
N ASN C 418 4.34 -2.65 46.61
CA ASN C 418 5.74 -2.93 46.92
C ASN C 418 6.51 -1.65 47.23
N TYR C 419 6.25 -0.58 46.48
CA TYR C 419 6.86 0.71 46.76
C TYR C 419 6.50 1.20 48.16
N ALA C 420 5.20 1.14 48.51
CA ALA C 420 4.76 1.59 49.82
C ALA C 420 5.44 0.80 50.94
N ASP C 421 5.56 -0.52 50.78
CA ASP C 421 6.21 -1.34 51.81
C ASP C 421 7.69 -0.99 51.93
N LEU C 422 8.42 -0.98 50.81
CA LEU C 422 9.84 -0.66 50.85
C LEU C 422 10.10 0.68 51.54
N ASN C 423 9.24 1.66 51.30
CA ASN C 423 9.46 3.02 51.78
C ASN C 423 8.69 3.36 53.06
N LYS C 424 7.98 2.38 53.65
CA LYS C 424 7.30 2.55 54.95
C LYS C 424 6.19 3.60 54.88
N LEU C 425 5.38 3.53 53.82
CA LEU C 425 4.26 4.44 53.65
C LEU C 425 2.95 3.72 53.88
N ILE C 426 1.94 4.47 54.33
CA ILE C 426 0.60 3.91 54.44
C ILE C 426 0.13 3.47 53.07
N TYR C 427 -0.33 2.23 52.96
CA TYR C 427 -1.04 1.73 51.78
C TYR C 427 -2.50 1.58 52.16
N ASP C 428 -3.33 2.54 51.76
CA ASP C 428 -4.74 2.59 52.14
C ASP C 428 -5.56 1.75 51.14
N TYR C 429 -5.57 0.43 51.40
CA TYR C 429 -6.27 -0.51 50.54
C TYR C 429 -7.72 -0.11 50.28
N ASP C 430 -8.44 0.29 51.34
CA ASP C 430 -9.86 0.58 51.19
C ASP C 430 -10.11 1.70 50.18
N GLN C 431 -9.25 2.73 50.19
CA GLN C 431 -9.46 3.86 49.27
C GLN C 431 -9.12 3.48 47.83
N VAL C 432 -8.03 2.73 47.62
CA VAL C 432 -7.72 2.27 46.28
C VAL C 432 -8.81 1.32 45.79
N TYR C 433 -9.26 0.40 46.66
CA TYR C 433 -10.34 -0.51 46.27
C TYR C 433 -11.59 0.25 45.85
N GLN C 434 -12.01 1.24 46.65
CA GLN C 434 -13.22 1.99 46.32
C GLN C 434 -13.06 2.71 45.00
N LEU C 435 -11.86 3.25 44.75
CA LEU C 435 -11.59 3.93 43.49
C LEU C 435 -11.82 3.00 42.30
N TYR C 436 -11.24 1.79 42.35
CA TYR C 436 -11.40 0.85 41.25
C TYR C 436 -12.79 0.24 41.21
N ASN C 437 -13.45 0.12 42.36
CA ASN C 437 -14.80 -0.44 42.32
C ASN C 437 -15.81 0.50 41.68
N LEU C 438 -15.48 1.79 41.47
CA LEU C 438 -16.38 2.64 40.70
C LEU C 438 -16.63 2.09 39.30
N THR C 439 -15.64 1.41 38.72
CA THR C 439 -15.79 0.71 37.45
C THR C 439 -15.99 -0.78 37.62
N GLY C 440 -16.25 -1.25 38.85
CA GLY C 440 -16.42 -2.67 39.09
C GLY C 440 -15.15 -3.48 39.01
N MET C 441 -13.98 -2.86 39.14
CA MET C 441 -12.70 -3.56 39.04
C MET C 441 -11.94 -3.60 40.36
N GLY C 442 -12.66 -3.50 41.49
CA GLY C 442 -12.00 -3.53 42.79
C GLY C 442 -11.25 -4.81 43.05
N SER C 443 -11.64 -5.90 42.38
CA SER C 443 -10.93 -7.17 42.53
C SER C 443 -9.49 -7.11 42.04
N LEU C 444 -9.12 -6.11 41.24
CA LEU C 444 -7.76 -6.00 40.74
C LEU C 444 -6.80 -5.44 41.78
N VAL C 445 -7.33 -4.90 42.88
CA VAL C 445 -6.50 -4.22 43.88
C VAL C 445 -5.93 -5.25 44.87
N PRO C 446 -4.61 -5.29 45.07
CA PRO C 446 -4.05 -6.16 46.10
C PRO C 446 -4.14 -5.55 47.50
N ARG C 447 -4.25 -6.42 48.51
CA ARG C 447 -4.30 -5.94 49.90
C ARG C 447 -2.93 -5.50 50.43
N SER D 3 36.56 8.70 8.01
CA SER D 3 36.20 8.22 9.35
C SER D 3 35.81 6.75 9.27
N VAL D 4 36.08 6.00 10.35
CA VAL D 4 35.66 4.61 10.50
C VAL D 4 34.58 4.59 11.58
N GLY D 5 33.43 4.03 11.24
CA GLY D 5 32.32 3.97 12.18
C GLY D 5 32.11 2.57 12.68
N ILE D 6 31.45 2.42 13.83
CA ILE D 6 31.13 1.09 14.34
C ILE D 6 29.81 1.17 15.06
N VAL D 7 28.95 0.19 14.81
CA VAL D 7 27.60 0.17 15.37
C VAL D 7 27.66 -0.39 16.78
N TYR D 8 27.20 0.40 17.75
CA TYR D 8 26.94 -0.16 19.08
C TYR D 8 25.96 0.75 19.83
N GLY D 9 25.56 0.29 21.01
CA GLY D 9 24.59 0.97 21.85
C GLY D 9 24.20 0.06 22.99
N ASP D 10 23.73 0.63 24.12
CA ASP D 10 23.46 -0.21 25.29
C ASP D 10 22.33 -1.19 25.00
N GLN D 11 21.22 -0.70 24.46
CA GLN D 11 20.13 -1.60 24.13
C GLN D 11 20.51 -2.54 22.99
N TYR D 12 21.31 -2.05 22.03
CA TYR D 12 21.78 -2.91 20.95
C TYR D 12 22.58 -4.08 21.49
N ARG D 13 23.43 -3.81 22.48
CA ARG D 13 24.24 -4.87 23.07
C ARG D 13 23.36 -5.90 23.79
N GLN D 14 22.37 -5.44 24.57
CA GLN D 14 21.48 -6.36 25.26
C GLN D 14 20.79 -7.32 24.30
N LEU D 15 20.18 -6.78 23.25
CA LEU D 15 19.48 -7.60 22.26
C LEU D 15 20.41 -8.54 21.51
N CYS D 16 21.60 -8.06 21.09
CA CYS D 16 22.54 -8.94 20.40
C CYS D 16 23.06 -10.05 21.30
N CYS D 17 22.94 -9.91 22.62
CA CYS D 17 23.38 -10.94 23.55
C CYS D 17 22.23 -11.78 24.09
N SER D 18 21.06 -11.75 23.46
CA SER D 18 19.89 -12.41 24.03
C SER D 18 19.57 -13.74 23.35
N SER D 19 20.45 -14.24 22.41
CA SER D 19 20.03 -15.47 21.77
C SER D 19 20.67 -16.69 22.44
N PRO D 20 20.05 -17.87 22.32
CA PRO D 20 20.66 -19.05 22.94
C PRO D 20 21.89 -19.54 22.21
N LYS D 21 22.00 -19.29 20.90
CA LYS D 21 23.12 -19.85 20.14
C LYS D 21 24.39 -19.00 20.27
N PHE D 22 24.26 -17.68 20.22
CA PHE D 22 25.44 -16.83 20.22
C PHE D 22 25.72 -16.19 21.58
N GLY D 23 24.86 -16.40 22.57
CA GLY D 23 25.15 -15.98 23.94
C GLY D 23 25.67 -14.56 24.03
N ASP D 24 26.76 -14.36 24.77
CA ASP D 24 27.34 -13.04 24.99
C ASP D 24 28.51 -12.75 24.06
N ARG D 25 28.60 -13.43 22.91
CA ARG D 25 29.74 -13.24 22.00
C ARG D 25 29.94 -11.76 21.66
N TYR D 26 28.86 -11.06 21.36
CA TYR D 26 28.98 -9.67 20.93
C TYR D 26 29.57 -8.80 22.03
N ALA D 27 29.23 -9.08 23.29
CA ALA D 27 29.82 -8.35 24.42
C ALA D 27 31.32 -8.61 24.52
N LEU D 28 31.76 -9.85 24.29
CA LEU D 28 33.19 -10.13 24.26
C LEU D 28 33.89 -9.35 23.15
N VAL D 29 33.28 -9.32 21.95
CA VAL D 29 33.88 -8.59 20.84
C VAL D 29 34.05 -7.12 21.20
N MET D 30 32.96 -6.47 21.62
CA MET D 30 33.03 -5.02 21.82
C MET D 30 33.85 -4.68 23.06
N ASP D 31 33.91 -5.57 24.06
CA ASP D 31 34.72 -5.30 25.25
C ASP D 31 36.21 -5.50 24.99
N LEU D 32 36.59 -6.44 24.11
CA LEU D 32 38.00 -6.53 23.76
C LEU D 32 38.43 -5.32 22.93
N ILE D 33 37.58 -4.86 22.02
CA ILE D 33 37.89 -3.65 21.25
C ILE D 33 38.08 -2.47 22.20
N ASN D 34 37.21 -2.37 23.21
CA ASN D 34 37.31 -1.32 24.22
C ASN D 34 38.57 -1.49 25.08
N ALA D 35 38.89 -2.72 25.45
CA ALA D 35 40.08 -2.98 26.26
C ALA D 35 41.37 -2.55 25.56
N TYR D 36 41.43 -2.68 24.23
CA TYR D 36 42.61 -2.25 23.47
C TYR D 36 42.58 -0.76 23.08
N LYS D 37 41.69 0.03 23.69
CA LYS D 37 41.63 1.48 23.49
C LYS D 37 41.38 1.88 22.03
N LEU D 38 40.52 1.13 21.33
CA LEU D 38 40.18 1.48 19.96
C LEU D 38 38.91 2.32 19.84
N ILE D 39 38.05 2.32 20.86
CA ILE D 39 36.78 3.04 20.78
C ILE D 39 36.98 4.52 20.49
N PRO D 40 37.90 5.25 21.14
CA PRO D 40 38.05 6.68 20.81
C PRO D 40 38.46 6.96 19.36
N GLU D 41 39.06 6.01 18.66
CA GLU D 41 39.37 6.17 17.24
C GLU D 41 38.17 6.01 16.31
N LEU D 42 37.03 5.53 16.82
CA LEU D 42 35.89 5.13 15.99
C LEU D 42 34.69 6.04 16.25
N SER D 43 33.88 6.26 15.21
CA SER D 43 32.62 6.98 15.34
C SER D 43 31.51 5.99 15.67
N ARG D 44 30.76 6.25 16.74
CA ARG D 44 29.62 5.39 17.05
C ARG D 44 28.48 5.67 16.07
N VAL D 45 28.01 4.62 15.40
CA VAL D 45 26.85 4.69 14.53
C VAL D 45 25.67 4.07 15.29
N PRO D 46 24.64 4.84 15.66
CA PRO D 46 23.53 4.25 16.42
C PRO D 46 22.64 3.43 15.51
N PRO D 47 22.07 2.32 16.00
CA PRO D 47 21.12 1.55 15.18
C PRO D 47 19.89 2.37 14.80
N LEU D 48 19.37 2.08 13.62
CA LEU D 48 18.20 2.80 13.10
C LEU D 48 16.94 2.45 13.90
N GLN D 49 16.16 3.46 14.22
CA GLN D 49 14.84 3.24 14.82
C GLN D 49 13.80 3.91 13.94
N TRP D 50 12.57 3.39 13.98
CA TRP D 50 11.50 3.83 13.11
C TRP D 50 10.45 4.63 13.88
N ASP D 51 9.63 5.37 13.12
CA ASP D 51 8.65 6.28 13.71
C ASP D 51 7.26 5.68 13.81
N SER D 52 7.08 4.42 13.44
CA SER D 52 5.79 3.75 13.62
C SER D 52 5.97 2.27 13.29
N PRO D 53 5.05 1.41 13.75
CA PRO D 53 5.05 0.02 13.26
C PRO D 53 4.98 -0.10 11.74
N SER D 54 4.22 0.76 11.06
CA SER D 54 4.09 0.64 9.61
C SER D 54 5.42 0.91 8.91
N ARG D 55 6.18 1.89 9.41
CA ARG D 55 7.48 2.19 8.81
C ARG D 55 8.45 1.03 9.01
N MET D 56 8.46 0.43 10.19
CA MET D 56 9.31 -0.74 10.41
C MET D 56 8.96 -1.84 9.42
N TYR D 57 7.67 -2.16 9.29
CA TYR D 57 7.23 -3.21 8.38
C TYR D 57 7.60 -2.88 6.95
N GLU D 58 7.43 -1.62 6.55
CA GLU D 58 7.80 -1.20 5.20
C GLU D 58 9.28 -1.47 4.93
N ALA D 59 10.14 -1.24 5.93
CA ALA D 59 11.57 -1.44 5.74
C ALA D 59 11.89 -2.92 5.61
N VAL D 60 11.35 -3.74 6.52
CA VAL D 60 11.73 -5.15 6.56
C VAL D 60 11.15 -5.89 5.37
N THR D 61 9.92 -5.54 4.97
CA THR D 61 9.31 -6.25 3.85
C THR D 61 9.76 -5.69 2.50
N ALA D 62 10.75 -4.79 2.48
CA ALA D 62 11.48 -4.56 1.25
C ALA D 62 12.16 -5.83 0.73
N PHE D 63 12.45 -6.80 1.60
CA PHE D 63 12.90 -8.12 1.17
C PHE D 63 11.97 -9.25 1.61
N HIS D 64 11.63 -9.32 2.90
CA HIS D 64 10.88 -10.45 3.44
C HIS D 64 9.37 -10.27 3.20
N SER D 65 8.64 -11.39 3.15
CA SER D 65 7.19 -11.34 2.98
C SER D 65 6.49 -10.92 4.27
N THR D 66 5.34 -10.24 4.14
CA THR D 66 4.62 -9.80 5.33
C THR D 66 4.18 -10.99 6.18
N GLU D 67 3.75 -12.09 5.54
CA GLU D 67 3.36 -13.30 6.26
C GLU D 67 4.51 -13.84 7.11
N TYR D 68 5.74 -13.86 6.56
CA TYR D 68 6.87 -14.36 7.35
C TYR D 68 7.17 -13.42 8.53
N VAL D 69 7.20 -12.11 8.28
CA VAL D 69 7.41 -11.16 9.37
C VAL D 69 6.34 -11.33 10.44
N ASP D 70 5.07 -11.45 10.02
CA ASP D 70 3.97 -11.71 10.95
C ASP D 70 4.25 -12.96 11.80
N ALA D 71 4.69 -14.05 11.15
CA ALA D 71 4.92 -15.31 11.87
C ALA D 71 6.07 -15.19 12.87
N LEU D 72 7.16 -14.53 12.47
CA LEU D 72 8.30 -14.34 13.36
C LEU D 72 7.93 -13.52 14.59
N LYS D 73 7.14 -12.45 14.40
CA LYS D 73 6.62 -11.69 15.53
C LYS D 73 5.69 -12.53 16.40
N LYS D 74 4.82 -13.34 15.79
CA LYS D 74 3.93 -14.19 16.58
C LYS D 74 4.74 -15.22 17.37
N LEU D 75 5.81 -15.74 16.77
CA LEU D 75 6.70 -16.68 17.47
C LEU D 75 7.27 -16.09 18.75
N GLN D 76 7.74 -14.83 18.69
CA GLN D 76 8.22 -14.17 19.90
C GLN D 76 7.12 -14.08 20.95
N MET D 77 5.94 -13.61 20.56
CA MET D 77 4.84 -13.50 21.52
C MET D 77 4.54 -14.85 22.18
N LEU D 78 4.53 -15.93 21.38
CA LEU D 78 4.22 -17.25 21.94
C LEU D 78 5.29 -17.70 22.92
N HIS D 79 6.55 -17.32 22.68
CA HIS D 79 7.59 -17.72 23.62
C HIS D 79 7.66 -16.82 24.85
N CYS D 80 6.88 -15.74 24.90
CA CYS D 80 6.75 -14.94 26.11
C CYS D 80 5.58 -15.38 26.96
N GLU D 81 5.07 -16.59 26.75
CA GLU D 81 3.98 -17.15 27.55
C GLU D 81 4.36 -18.55 28.00
N GLU D 82 3.70 -19.00 29.07
CA GLU D 82 3.99 -20.32 29.63
C GLU D 82 3.56 -21.44 28.70
N LYS D 83 2.58 -21.20 27.84
CA LYS D 83 1.85 -22.27 27.19
C LYS D 83 2.61 -22.84 25.98
N GLU D 84 2.49 -24.15 25.81
CA GLU D 84 2.96 -24.82 24.60
C GLU D 84 2.22 -24.28 23.37
N LEU D 85 2.86 -24.43 22.21
CA LEU D 85 2.24 -24.08 20.94
C LEU D 85 1.10 -25.04 20.62
N THR D 86 0.06 -24.52 19.98
CA THR D 86 -0.99 -25.38 19.44
C THR D 86 -0.49 -26.13 18.21
N ALA D 87 -1.20 -27.20 17.86
CA ALA D 87 -0.88 -27.94 16.65
C ALA D 87 -0.96 -27.05 15.42
N ASP D 88 -1.94 -26.13 15.39
CA ASP D 88 -2.05 -25.20 14.26
C ASP D 88 -0.88 -24.23 14.23
N ASP D 89 -0.46 -23.69 15.38
CA ASP D 89 0.70 -22.80 15.37
C ASP D 89 2.00 -23.55 15.04
N GLU D 90 2.15 -24.81 15.44
CA GLU D 90 3.33 -25.55 15.03
C GLU D 90 3.41 -25.69 13.51
N LEU D 91 2.29 -26.04 12.86
CA LEU D 91 2.24 -26.09 11.41
C LEU D 91 2.64 -24.77 10.78
N LEU D 92 2.13 -23.66 11.33
CA LEU D 92 2.44 -22.34 10.78
C LEU D 92 3.95 -22.07 10.83
N MET D 93 4.57 -22.28 12.00
CA MET D 93 6.01 -22.04 12.12
C MET D 93 6.81 -22.97 11.20
N ASP D 94 6.40 -24.24 11.11
CA ASP D 94 7.07 -25.17 10.20
C ASP D 94 7.05 -24.67 8.75
N SER D 95 5.97 -24.02 8.34
CA SER D 95 5.88 -23.56 6.95
C SER D 95 6.86 -22.44 6.63
N PHE D 96 7.46 -21.80 7.65
CA PHE D 96 8.54 -20.83 7.48
C PHE D 96 9.90 -21.32 8.01
N SER D 97 10.05 -22.63 8.28
CA SER D 97 11.28 -23.22 8.83
C SER D 97 11.68 -22.57 10.15
N LEU D 98 10.71 -22.07 10.89
CA LEU D 98 10.95 -21.55 12.24
C LEU D 98 10.95 -22.73 13.22
N ASN D 99 12.02 -23.52 13.14
CA ASN D 99 12.16 -24.75 13.92
C ASN D 99 13.60 -25.25 13.78
N TYR D 100 13.89 -26.39 14.44
CA TYR D 100 15.18 -27.09 14.36
C TYR D 100 16.36 -26.12 14.54
N ASP D 101 17.04 -25.74 13.46
CA ASP D 101 18.16 -24.81 13.58
C ASP D 101 17.73 -23.38 13.92
N CYS D 102 16.46 -23.05 13.79
CA CYS D 102 15.95 -21.69 14.00
C CYS D 102 14.75 -21.70 14.93
N PRO D 103 14.94 -22.07 16.19
CA PRO D 103 13.80 -22.15 17.12
C PRO D 103 13.37 -20.78 17.61
N GLY D 104 12.20 -20.74 18.24
CA GLY D 104 11.77 -19.55 18.94
C GLY D 104 12.48 -19.38 20.28
N PHE D 105 12.48 -18.13 20.75
CA PHE D 105 12.91 -17.81 22.11
C PHE D 105 12.32 -16.44 22.45
N PRO D 106 12.29 -16.06 23.73
CA PRO D 106 11.48 -14.89 24.14
C PRO D 106 11.79 -13.61 23.40
N SER D 107 13.01 -13.43 22.87
CA SER D 107 13.35 -12.19 22.16
C SER D 107 13.71 -12.42 20.69
N VAL D 108 13.22 -13.49 20.07
CA VAL D 108 13.67 -13.87 18.72
C VAL D 108 13.38 -12.78 17.69
N PHE D 109 12.26 -12.06 17.81
CA PHE D 109 12.00 -10.98 16.86
C PHE D 109 12.88 -9.75 17.12
N ASP D 110 12.94 -9.29 18.38
CA ASP D 110 13.76 -8.10 18.68
C ASP D 110 15.24 -8.36 18.39
N TYR D 111 15.71 -9.58 18.65
CA TYR D 111 17.09 -9.95 18.37
C TYR D 111 17.40 -9.86 16.87
N SER D 112 16.55 -10.47 16.05
CA SER D 112 16.74 -10.48 14.60
C SER D 112 16.63 -9.08 14.01
N LEU D 113 15.63 -8.32 14.47
CA LEU D 113 15.43 -6.97 13.99
C LEU D 113 16.61 -6.07 14.33
N ALA D 114 17.26 -6.32 15.48
CA ALA D 114 18.38 -5.47 15.89
C ALA D 114 19.47 -5.46 14.83
N ALA D 115 19.82 -6.63 14.28
CA ALA D 115 20.86 -6.70 13.25
C ALA D 115 20.46 -5.88 12.03
N VAL D 116 19.17 -5.92 11.66
CA VAL D 116 18.66 -5.09 10.57
C VAL D 116 18.83 -3.60 10.89
N GLN D 117 18.44 -3.20 12.10
CA GLN D 117 18.59 -1.80 12.51
C GLN D 117 20.05 -1.36 12.43
N GLY D 118 20.97 -2.22 12.85
CA GLY D 118 22.38 -1.84 12.83
C GLY D 118 22.94 -1.74 11.43
N SER D 119 22.64 -2.71 10.56
CA SER D 119 23.24 -2.68 9.22
C SER D 119 22.58 -1.64 8.31
N LEU D 120 21.30 -1.34 8.53
CA LEU D 120 20.66 -0.23 7.81
C LEU D 120 21.27 1.11 8.23
N ALA D 121 21.54 1.30 9.52
CA ALA D 121 22.22 2.52 9.96
C ALA D 121 23.62 2.62 9.38
N ALA D 122 24.31 1.48 9.28
CA ALA D 122 25.65 1.51 8.70
C ALA D 122 25.62 1.92 7.22
N ALA D 123 24.65 1.40 6.45
CA ALA D 123 24.55 1.79 5.05
C ALA D 123 24.32 3.29 4.89
N SER D 124 23.42 3.86 5.71
CA SER D 124 23.12 5.29 5.61
C SER D 124 24.33 6.14 5.94
N ALA D 125 25.13 5.73 6.94
CA ALA D 125 26.33 6.50 7.27
C ALA D 125 27.33 6.49 6.10
N LEU D 126 27.35 5.43 5.30
CA LEU D 126 28.16 5.41 4.08
C LEU D 126 27.55 6.29 3.00
N ILE D 127 26.23 6.19 2.77
CA ILE D 127 25.55 6.93 1.71
C ILE D 127 25.71 8.43 1.91
N CYS D 128 25.58 8.91 3.15
CA CYS D 128 25.72 10.33 3.43
CA CYS D 128 25.72 10.33 3.43
C CYS D 128 27.16 10.77 3.61
N ARG D 129 28.12 9.85 3.43
CA ARG D 129 29.56 10.11 3.51
C ARG D 129 30.03 10.54 4.90
N HIS D 130 29.26 10.28 5.96
CA HIS D 130 29.81 10.52 7.30
C HIS D 130 30.98 9.60 7.63
N CYS D 131 31.00 8.39 7.07
CA CYS D 131 32.09 7.44 7.29
C CYS D 131 32.54 6.85 5.96
N GLU D 132 33.85 6.58 5.87
CA GLU D 132 34.41 5.87 4.72
C GLU D 132 34.24 4.36 4.81
N VAL D 133 34.19 3.83 6.03
CA VAL D 133 33.99 2.41 6.32
C VAL D 133 33.14 2.36 7.59
N VAL D 134 32.23 1.38 7.68
CA VAL D 134 31.47 1.14 8.90
C VAL D 134 31.51 -0.35 9.23
N ILE D 135 31.64 -0.66 10.52
CA ILE D 135 31.71 -2.02 11.03
C ILE D 135 30.45 -2.31 11.83
N ASN D 136 29.86 -3.50 11.64
CA ASN D 136 28.73 -3.98 12.45
C ASN D 136 29.01 -5.44 12.81
N TRP D 137 29.59 -5.67 13.99
CA TRP D 137 29.82 -7.04 14.45
C TRP D 137 28.55 -7.69 15.01
N GLY D 138 27.42 -6.99 15.04
CA GLY D 138 26.16 -7.64 15.33
C GLY D 138 25.40 -8.14 14.13
N GLY D 139 25.92 -7.90 12.91
CA GLY D 139 25.24 -8.23 11.68
C GLY D 139 25.95 -9.33 10.90
N GLY D 140 25.41 -9.60 9.71
CA GLY D 140 26.01 -10.54 8.78
C GLY D 140 25.29 -11.87 8.63
N TRP D 141 23.97 -11.85 8.70
CA TRP D 141 23.17 -13.08 8.78
C TRP D 141 22.73 -13.50 7.38
N HIS D 142 23.66 -14.15 6.67
CA HIS D 142 23.57 -14.29 5.21
C HIS D 142 22.64 -15.42 4.73
N HIS D 143 22.13 -16.29 5.62
CA HIS D 143 21.35 -17.44 5.16
C HIS D 143 19.84 -17.17 5.05
N ALA D 144 19.32 -16.15 5.72
CA ALA D 144 17.87 -15.96 5.74
C ALA D 144 17.33 -15.65 4.34
N LYS D 145 16.16 -16.19 4.02
CA LYS D 145 15.49 -15.98 2.74
C LYS D 145 14.21 -15.19 2.91
N ARG D 146 13.59 -14.85 1.78
CA ARG D 146 12.39 -14.01 1.76
C ARG D 146 11.32 -14.50 2.75
N SER D 147 11.02 -15.81 2.74
CA SER D 147 10.00 -16.36 3.64
C SER D 147 10.50 -17.60 4.37
N GLU D 148 11.76 -17.59 4.82
CA GLU D 148 12.32 -18.81 5.42
C GLU D 148 13.53 -18.44 6.29
N ALA D 149 13.51 -18.86 7.55
CA ALA D 149 14.70 -18.82 8.40
C ALA D 149 15.61 -20.00 8.05
N SER D 150 16.92 -19.81 8.25
CA SER D 150 17.91 -20.81 7.87
C SER D 150 19.21 -20.57 8.63
N GLY D 151 19.80 -21.61 9.19
CA GLY D 151 21.15 -21.49 9.77
C GLY D 151 21.29 -20.47 10.89
N PHE D 152 20.27 -20.38 11.77
CA PHE D 152 20.12 -19.38 12.83
C PHE D 152 20.14 -17.95 12.29
N CYS D 153 19.77 -17.78 11.02
CA CYS D 153 19.54 -16.48 10.43
C CYS D 153 18.03 -16.32 10.26
N TYR D 154 17.47 -15.29 10.89
CA TYR D 154 16.03 -15.08 10.86
C TYR D 154 15.61 -13.94 9.93
N LEU D 155 16.38 -12.85 9.90
CA LEU D 155 16.17 -11.72 9.00
C LEU D 155 17.48 -11.42 8.29
N ASN D 156 17.43 -11.16 6.99
CA ASN D 156 18.71 -10.96 6.26
C ASN D 156 19.08 -9.48 6.28
N ASP D 157 19.87 -9.08 7.27
CA ASP D 157 20.31 -7.68 7.37
C ASP D 157 21.21 -7.29 6.21
N ILE D 158 21.94 -8.25 5.62
CA ILE D 158 22.85 -7.92 4.52
C ILE D 158 22.06 -7.48 3.28
N VAL D 159 21.04 -8.25 2.91
CA VAL D 159 20.23 -7.94 1.74
C VAL D 159 19.56 -6.59 1.90
N LEU D 160 18.99 -6.33 3.07
CA LEU D 160 18.34 -5.04 3.31
C LEU D 160 19.35 -3.89 3.23
N ALA D 161 20.56 -4.09 3.78
CA ALA D 161 21.59 -3.06 3.70
C ALA D 161 22.01 -2.82 2.25
N ILE D 162 22.30 -3.89 1.51
CA ILE D 162 22.71 -3.74 0.11
C ILE D 162 21.59 -3.08 -0.68
N HIS D 163 20.34 -3.46 -0.41
CA HIS D 163 19.24 -2.85 -1.15
C HIS D 163 19.19 -1.35 -0.92
N ARG D 164 19.46 -0.90 0.30
CA ARG D 164 19.53 0.53 0.55
C ARG D 164 20.69 1.18 -0.21
N LEU D 165 21.86 0.53 -0.25
CA LEU D 165 23.00 1.10 -0.98
C LEU D 165 22.72 1.20 -2.46
N VAL D 166 22.29 0.09 -3.06
CA VAL D 166 22.20 0.05 -4.51
C VAL D 166 21.09 0.96 -5.01
N SER D 167 20.15 1.35 -4.13
CA SER D 167 19.05 2.22 -4.49
C SER D 167 19.30 3.67 -4.15
N SER D 168 20.50 4.02 -3.68
CA SER D 168 20.82 5.41 -3.33
C SER D 168 21.07 6.28 -4.56
N THR D 169 20.67 5.81 -5.74
CA THR D 169 20.86 6.47 -7.03
C THR D 169 22.27 7.05 -7.17
N ARG D 177 26.80 7.86 -14.59
CA ARG D 177 27.16 6.94 -13.51
C ARG D 177 26.39 5.63 -13.61
N GLN D 178 26.14 5.03 -12.44
CA GLN D 178 25.30 3.85 -12.19
C GLN D 178 25.79 3.12 -10.95
N THR D 179 24.91 2.89 -9.98
CA THR D 179 25.32 2.31 -8.71
C THR D 179 25.52 0.80 -8.84
N ARG D 180 26.69 0.31 -8.41
CA ARG D 180 26.99 -1.12 -8.37
CA ARG D 180 27.00 -1.11 -8.38
C ARG D 180 27.64 -1.46 -7.04
N VAL D 181 27.24 -2.62 -6.49
CA VAL D 181 27.73 -3.10 -5.19
C VAL D 181 28.46 -4.43 -5.42
N LEU D 182 29.64 -4.58 -4.82
CA LEU D 182 30.35 -5.86 -4.75
C LEU D 182 30.19 -6.46 -3.35
N TYR D 183 29.65 -7.68 -3.27
CA TYR D 183 29.48 -8.39 -2.00
C TYR D 183 30.47 -9.53 -1.90
N VAL D 184 31.24 -9.56 -0.81
CA VAL D 184 32.31 -10.53 -0.59
C VAL D 184 32.00 -11.27 0.71
N ASP D 185 31.88 -12.59 0.64
CA ASP D 185 31.41 -13.41 1.76
C ASP D 185 32.54 -14.35 2.16
N LEU D 186 33.23 -14.03 3.26
CA LEU D 186 34.40 -14.81 3.72
C LEU D 186 34.07 -15.91 4.73
N ASP D 187 32.80 -16.08 5.06
CA ASP D 187 32.36 -17.10 6.01
C ASP D 187 32.70 -18.52 5.53
N LEU D 188 32.86 -19.43 6.48
CA LEU D 188 33.05 -20.86 6.15
C LEU D 188 31.92 -21.40 5.28
N HIS D 189 30.69 -20.90 5.45
CA HIS D 189 29.52 -21.38 4.74
C HIS D 189 29.20 -20.53 3.51
N HIS D 190 28.60 -21.17 2.51
CA HIS D 190 28.13 -20.49 1.31
C HIS D 190 27.07 -19.45 1.67
N GLY D 191 27.23 -18.23 1.15
CA GLY D 191 26.26 -17.17 1.42
C GLY D 191 25.07 -17.23 0.49
N ASP D 192 24.20 -18.24 0.68
CA ASP D 192 23.15 -18.55 -0.29
C ASP D 192 22.03 -17.52 -0.29
N GLY D 193 21.67 -16.96 0.88
CA GLY D 193 20.54 -16.05 0.93
C GLY D 193 20.79 -14.75 0.19
N VAL D 194 21.98 -14.17 0.37
CA VAL D 194 22.36 -12.96 -0.36
C VAL D 194 22.48 -13.23 -1.85
N GLU D 195 23.17 -14.33 -2.21
CA GLU D 195 23.27 -14.72 -3.62
C GLU D 195 21.90 -14.86 -4.27
N GLU D 196 20.97 -15.54 -3.59
CA GLU D 196 19.63 -15.74 -4.14
C GLU D 196 18.87 -14.43 -4.28
N ALA D 197 18.94 -13.55 -3.27
CA ALA D 197 18.21 -12.28 -3.34
C ALA D 197 18.57 -11.49 -4.59
N PHE D 198 19.81 -11.58 -5.05
CA PHE D 198 20.26 -10.76 -6.17
C PHE D 198 20.58 -11.59 -7.41
N TRP D 199 20.03 -12.81 -7.49
CA TRP D 199 20.27 -13.73 -8.61
C TRP D 199 19.97 -13.12 -9.97
N TYR D 200 18.99 -12.22 -10.06
CA TYR D 200 18.58 -11.60 -11.31
C TYR D 200 19.06 -10.17 -11.47
N SER D 201 19.96 -9.70 -10.60
CA SER D 201 20.37 -8.31 -10.58
CA SER D 201 20.38 -8.31 -10.59
C SER D 201 21.84 -8.19 -10.97
N PRO D 202 22.16 -7.58 -12.12
CA PRO D 202 23.58 -7.39 -12.49
C PRO D 202 24.31 -6.35 -11.62
N ARG D 203 23.59 -5.43 -10.97
CA ARG D 203 24.20 -4.34 -10.22
C ARG D 203 24.72 -4.74 -8.85
N VAL D 204 24.35 -5.92 -8.35
CA VAL D 204 24.92 -6.47 -7.11
C VAL D 204 25.62 -7.77 -7.49
N VAL D 205 26.94 -7.73 -7.57
CA VAL D 205 27.74 -8.91 -7.87
C VAL D 205 28.13 -9.55 -6.54
N THR D 206 27.83 -10.84 -6.39
CA THR D 206 28.12 -11.55 -5.15
C THR D 206 29.30 -12.50 -5.37
N PHE D 207 30.11 -12.68 -4.32
CA PHE D 207 31.24 -13.60 -4.39
C PHE D 207 31.45 -14.22 -3.02
N SER D 208 31.27 -15.53 -2.94
CA SER D 208 31.43 -16.31 -1.70
C SER D 208 32.56 -17.31 -1.88
N VAL D 209 33.47 -17.37 -0.90
CA VAL D 209 34.46 -18.44 -0.78
C VAL D 209 34.10 -19.22 0.48
N HIS D 210 34.16 -20.56 0.42
CA HIS D 210 33.56 -21.36 1.47
C HIS D 210 34.02 -22.81 1.33
N HIS D 211 33.80 -23.61 2.37
CA HIS D 211 33.86 -25.05 2.21
C HIS D 211 32.57 -25.57 1.58
N ALA D 212 32.68 -26.57 0.70
CA ALA D 212 31.54 -27.35 0.25
C ALA D 212 31.94 -28.82 0.13
N SER D 213 31.04 -29.71 0.54
CA SER D 213 31.29 -31.15 0.40
C SER D 213 29.96 -31.88 0.61
N PRO D 214 29.84 -33.15 0.26
CA PRO D 214 28.51 -33.78 0.29
C PRO D 214 27.94 -33.82 1.69
N GLY D 215 26.74 -33.25 1.85
CA GLY D 215 26.05 -33.19 3.12
C GLY D 215 26.37 -31.98 3.98
N PHE D 216 27.32 -31.14 3.58
CA PHE D 216 27.72 -29.98 4.38
C PHE D 216 26.80 -28.79 4.10
N PHE D 217 26.29 -28.16 5.16
CA PHE D 217 25.40 -26.99 5.07
C PHE D 217 26.01 -25.83 4.26
N PRO D 218 25.20 -25.13 3.43
CA PRO D 218 23.79 -25.45 3.12
C PRO D 218 23.67 -26.32 1.89
N GLY D 219 24.79 -26.64 1.25
CA GLY D 219 24.79 -27.54 0.11
C GLY D 219 25.02 -26.86 -1.23
N THR D 220 24.86 -25.55 -1.31
CA THR D 220 25.01 -24.80 -2.55
C THR D 220 26.42 -24.19 -2.66
N GLY D 221 26.62 -23.36 -3.68
CA GLY D 221 27.91 -22.76 -3.94
C GLY D 221 28.91 -23.67 -4.61
N THR D 222 28.46 -24.71 -5.31
CA THR D 222 29.40 -25.64 -5.91
C THR D 222 28.76 -26.26 -7.15
N TRP D 223 29.42 -27.25 -7.73
CA TRP D 223 28.92 -27.92 -8.92
C TRP D 223 27.50 -28.42 -8.68
N ASN D 224 26.64 -28.24 -9.68
CA ASN D 224 25.22 -28.48 -9.48
C ASN D 224 24.64 -29.48 -10.47
N LEU D 231 28.25 -33.88 -17.50
CA LEU D 231 29.12 -33.15 -16.60
C LEU D 231 28.37 -31.98 -15.95
N PRO D 232 28.39 -31.91 -14.63
CA PRO D 232 27.67 -30.83 -13.92
C PRO D 232 28.31 -29.48 -14.18
N ILE D 233 27.59 -28.42 -13.82
CA ILE D 233 28.03 -27.06 -14.08
C ILE D 233 27.76 -26.18 -12.87
N PHE D 234 28.45 -25.04 -12.84
CA PHE D 234 28.18 -23.96 -11.89
C PHE D 234 27.08 -23.05 -12.44
N LEU D 235 25.94 -22.98 -11.75
CA LEU D 235 24.99 -21.88 -11.98
C LEU D 235 25.59 -20.58 -11.46
N ASN D 236 25.16 -19.45 -12.07
CA ASN D 236 25.84 -18.18 -11.78
C ASN D 236 24.97 -16.93 -11.99
N GLY D 237 23.64 -17.05 -11.92
CA GLY D 237 22.73 -15.95 -12.16
C GLY D 237 21.74 -16.28 -13.26
N ALA D 238 20.73 -15.41 -13.38
CA ALA D 238 19.75 -15.59 -14.44
C ALA D 238 19.17 -14.25 -14.87
N GLY D 239 18.45 -14.27 -15.99
CA GLY D 239 17.98 -13.04 -16.60
C GLY D 239 19.14 -12.11 -16.92
N ARG D 240 18.93 -10.83 -16.68
CA ARG D 240 20.01 -9.87 -16.81
C ARG D 240 21.09 -10.03 -15.75
N GLY D 241 20.88 -10.89 -14.75
CA GLY D 241 21.90 -11.16 -13.75
C GLY D 241 22.76 -12.36 -14.12
N ARG D 242 22.72 -12.80 -15.36
CA ARG D 242 23.55 -13.93 -15.75
C ARG D 242 25.02 -13.58 -15.55
N PHE D 243 25.80 -14.55 -15.07
CA PHE D 243 27.24 -14.43 -14.77
C PHE D 243 27.55 -13.51 -13.59
N SER D 244 26.55 -13.09 -12.82
CA SER D 244 26.76 -12.09 -11.77
C SER D 244 26.89 -12.69 -10.36
N ALA D 245 26.86 -14.01 -10.22
CA ALA D 245 27.02 -14.67 -8.93
C ALA D 245 28.24 -15.59 -9.00
N PHE D 246 29.25 -15.31 -8.17
CA PHE D 246 30.54 -16.01 -8.20
C PHE D 246 30.72 -16.87 -6.95
N ASN D 247 31.42 -18.00 -7.11
CA ASN D 247 31.61 -18.94 -6.02
C ASN D 247 32.98 -19.61 -6.15
N LEU D 248 33.64 -19.81 -5.01
CA LEU D 248 34.89 -20.58 -4.95
C LEU D 248 34.78 -21.58 -3.79
N PRO D 249 34.43 -22.84 -4.06
CA PRO D 249 34.38 -23.84 -3.00
C PRO D 249 35.76 -24.46 -2.80
N LEU D 250 36.12 -24.71 -1.54
CA LEU D 250 37.47 -25.17 -1.20
C LEU D 250 37.43 -26.39 -0.28
N GLU D 251 38.43 -27.25 -0.44
CA GLU D 251 38.50 -28.48 0.36
C GLU D 251 38.91 -28.18 1.81
N GLU D 252 38.57 -29.10 2.71
CA GLU D 252 38.91 -28.91 4.11
C GLU D 252 40.44 -28.93 4.30
N GLY D 253 40.89 -28.19 5.32
CA GLY D 253 42.28 -28.15 5.72
C GLY D 253 43.10 -26.98 5.19
N ILE D 254 42.51 -26.04 4.46
CA ILE D 254 43.31 -25.04 3.77
C ILE D 254 43.89 -24.05 4.79
N ASN D 255 45.13 -23.60 4.54
CA ASN D 255 45.82 -22.72 5.48
C ASN D 255 45.73 -21.26 5.01
N ASP D 256 46.35 -20.36 5.78
CA ASP D 256 46.27 -18.93 5.47
C ASP D 256 46.80 -18.64 4.07
N LEU D 257 47.98 -19.18 3.74
CA LEU D 257 48.65 -18.82 2.48
C LEU D 257 47.87 -19.32 1.27
N ASP D 258 47.46 -20.59 1.28
CA ASP D 258 46.75 -21.14 0.13
C ASP D 258 45.37 -20.50 -0.03
N TRP D 259 44.69 -20.19 1.07
CA TRP D 259 43.41 -19.47 0.97
C TRP D 259 43.61 -18.07 0.42
N SER D 260 44.65 -17.37 0.90
CA SER D 260 44.98 -16.02 0.42
C SER D 260 45.32 -16.01 -1.07
N ASN D 261 46.19 -16.94 -1.52
CA ASN D 261 46.50 -17.02 -2.94
C ASN D 261 45.29 -17.44 -3.77
N ALA D 262 44.38 -18.23 -3.19
CA ALA D 262 43.17 -18.60 -3.92
C ALA D 262 42.25 -17.41 -4.15
N ILE D 263 42.09 -16.55 -3.14
CA ILE D 263 41.10 -15.47 -3.22
C ILE D 263 41.68 -14.17 -3.78
N GLY D 264 42.98 -13.91 -3.60
CA GLY D 264 43.56 -12.62 -3.91
C GLY D 264 43.37 -12.14 -5.34
N PRO D 265 43.77 -12.94 -6.32
CA PRO D 265 43.58 -12.52 -7.73
C PRO D 265 42.11 -12.39 -8.14
N ILE D 266 41.21 -13.19 -7.56
CA ILE D 266 39.77 -13.03 -7.85
C ILE D 266 39.28 -11.68 -7.37
N LEU D 267 39.65 -11.29 -6.14
CA LEU D 267 39.20 -10.01 -5.59
C LEU D 267 39.69 -8.84 -6.46
N ASP D 268 40.97 -8.83 -6.81
CA ASP D 268 41.52 -7.72 -7.60
C ASP D 268 40.84 -7.60 -8.96
N SER D 269 40.58 -8.73 -9.62
CA SER D 269 39.95 -8.68 -10.94
C SER D 269 38.48 -8.27 -10.87
N LEU D 270 37.75 -8.65 -9.80
CA LEU D 270 36.38 -8.15 -9.63
C LEU D 270 36.37 -6.63 -9.49
N ASN D 271 37.31 -6.08 -8.72
CA ASN D 271 37.34 -4.64 -8.52
C ASN D 271 37.71 -3.91 -9.80
N ILE D 272 38.67 -4.43 -10.57
CA ILE D 272 39.07 -3.82 -11.83
C ILE D 272 37.89 -3.80 -12.81
N VAL D 273 37.18 -4.91 -12.93
CA VAL D 273 36.13 -5.00 -13.95
C VAL D 273 34.83 -4.38 -13.47
N ILE D 274 34.41 -4.64 -12.23
CA ILE D 274 33.12 -4.14 -11.77
C ILE D 274 33.20 -2.64 -11.44
N GLN D 275 34.34 -2.17 -10.94
CA GLN D 275 34.48 -0.83 -10.39
C GLN D 275 33.32 -0.49 -9.44
N PRO D 276 33.17 -1.21 -8.32
CA PRO D 276 31.98 -1.01 -7.47
C PRO D 276 31.95 0.36 -6.82
N SER D 277 30.70 0.83 -6.59
CA SER D 277 30.45 2.03 -5.81
C SER D 277 30.56 1.78 -4.30
N TYR D 278 30.15 0.60 -3.84
CA TYR D 278 30.32 0.16 -2.46
C TYR D 278 30.80 -1.29 -2.46
N VAL D 279 31.49 -1.66 -1.38
CA VAL D 279 31.82 -3.06 -1.09
C VAL D 279 31.19 -3.41 0.25
N VAL D 280 30.58 -4.59 0.33
CA VAL D 280 30.05 -5.13 1.57
C VAL D 280 30.76 -6.46 1.82
N VAL D 281 31.38 -6.61 2.99
CA VAL D 281 32.16 -7.80 3.33
C VAL D 281 31.50 -8.51 4.52
N GLN D 282 31.19 -9.80 4.35
CA GLN D 282 30.79 -10.66 5.44
C GLN D 282 32.05 -11.35 5.96
N CYS D 283 32.31 -11.24 7.26
CA CYS D 283 33.58 -11.70 7.83
CA CYS D 283 33.56 -11.68 7.85
C CYS D 283 33.36 -12.77 8.90
N GLY D 284 32.51 -13.75 8.61
CA GLY D 284 32.30 -14.86 9.53
C GLY D 284 33.61 -15.52 9.96
N ALA D 285 33.75 -15.78 11.27
CA ALA D 285 35.01 -16.24 11.84
C ALA D 285 35.09 -17.75 11.94
N ASP D 286 34.16 -18.48 11.33
CA ASP D 286 34.21 -19.93 11.50
C ASP D 286 35.25 -20.61 10.62
N CYS D 287 36.04 -19.86 9.87
CA CYS D 287 37.19 -20.45 9.17
C CYS D 287 38.43 -20.59 10.05
N LEU D 288 38.43 -20.03 11.26
CA LEU D 288 39.61 -20.13 12.13
C LEU D 288 39.92 -21.58 12.48
N ALA D 289 41.22 -21.90 12.53
CA ALA D 289 41.66 -23.25 12.88
C ALA D 289 41.08 -23.73 14.21
N THR D 290 40.78 -22.81 15.11
CA THR D 290 40.30 -23.14 16.45
C THR D 290 38.77 -23.08 16.57
N ASP D 291 38.05 -22.78 15.50
CA ASP D 291 36.61 -22.92 15.53
C ASP D 291 36.25 -24.40 15.75
N PRO D 292 35.20 -24.70 16.52
CA PRO D 292 34.85 -26.12 16.74
C PRO D 292 34.44 -26.84 15.46
N HIS D 293 34.15 -26.13 14.36
CA HIS D 293 33.96 -26.81 13.08
C HIS D 293 35.22 -27.58 12.68
N ARG D 294 36.38 -26.99 12.92
CA ARG D 294 37.69 -27.57 12.57
C ARG D 294 37.71 -28.07 11.14
N ILE D 295 37.42 -27.16 10.21
CA ILE D 295 37.38 -27.46 8.77
C ILE D 295 38.50 -26.72 8.02
N PHE D 296 38.55 -25.39 8.10
CA PHE D 296 39.66 -24.61 7.56
C PHE D 296 40.67 -24.31 8.68
N ARG D 297 41.85 -23.79 8.29
CA ARG D 297 42.92 -23.54 9.26
C ARG D 297 43.42 -22.09 9.19
N LEU D 298 42.53 -21.11 9.02
CA LEU D 298 43.02 -19.74 9.03
C LEU D 298 43.35 -19.30 10.47
N THR D 299 44.14 -18.23 10.57
CA THR D 299 44.51 -17.65 11.86
C THR D 299 44.10 -16.16 11.90
N ASN D 300 44.40 -15.52 13.05
CA ASN D 300 44.39 -14.08 13.16
C ASN D 300 45.80 -13.51 13.26
N PHE D 301 46.81 -14.23 12.79
CA PHE D 301 48.20 -13.80 12.99
C PHE D 301 48.51 -12.58 12.12
N TYR D 302 49.30 -11.66 12.66
CA TYR D 302 49.66 -10.42 11.96
C TYR D 302 51.15 -10.14 12.16
N PRO D 303 52.02 -10.78 11.35
CA PRO D 303 53.48 -10.65 11.46
C PRO D 303 53.99 -9.21 11.53
N CYS D 315 56.48 -16.61 8.67
CA CYS D 315 55.31 -16.50 9.53
C CYS D 315 54.05 -16.15 8.75
N SER D 316 52.97 -16.87 9.04
CA SER D 316 51.73 -16.74 8.27
C SER D 316 51.01 -15.44 8.57
N LEU D 317 50.44 -14.83 7.53
CA LEU D 317 49.53 -13.72 7.67
C LEU D 317 48.09 -14.23 7.58
N SER D 318 47.25 -13.87 8.56
CA SER D 318 45.84 -14.20 8.58
C SER D 318 45.21 -14.01 7.21
N GLY D 319 44.53 -15.06 6.71
CA GLY D 319 43.80 -14.92 5.46
C GLY D 319 42.78 -13.79 5.50
N TYR D 320 42.10 -13.65 6.64
CA TYR D 320 41.12 -12.57 6.81
C TYR D 320 41.78 -11.19 6.67
N LEU D 321 42.90 -10.98 7.36
CA LEU D 321 43.52 -9.66 7.35
C LEU D 321 44.12 -9.33 5.98
N TYR D 322 44.65 -10.35 5.29
CA TYR D 322 45.09 -10.16 3.91
C TYR D 322 43.93 -9.69 3.02
N ALA D 323 42.78 -10.34 3.14
CA ALA D 323 41.63 -9.97 2.30
C ALA D 323 41.12 -8.57 2.64
N ILE D 324 40.89 -8.29 3.92
CA ILE D 324 40.37 -6.98 4.34
C ILE D 324 41.31 -5.87 3.89
N LYS D 325 42.63 -6.08 4.07
CA LYS D 325 43.60 -5.05 3.69
C LYS D 325 43.57 -4.79 2.19
N LYS D 326 43.52 -5.85 1.38
CA LYS D 326 43.37 -5.68 -0.06
C LYS D 326 42.10 -4.91 -0.41
N ILE D 327 40.96 -5.29 0.17
CA ILE D 327 39.70 -4.61 -0.14
C ILE D 327 39.78 -3.14 0.25
N LEU D 328 40.31 -2.84 1.44
CA LEU D 328 40.44 -1.44 1.83
C LEU D 328 41.42 -0.66 0.97
N SER D 329 42.40 -1.31 0.34
CA SER D 329 43.32 -0.57 -0.53
C SER D 329 42.62 0.00 -1.76
N TRP D 330 41.41 -0.46 -2.08
CA TRP D 330 40.67 0.06 -3.22
C TRP D 330 40.08 1.44 -2.95
N LYS D 331 39.98 1.85 -1.68
CA LYS D 331 39.44 3.17 -1.29
C LYS D 331 38.00 3.35 -1.79
N VAL D 332 37.21 2.29 -1.65
CA VAL D 332 35.78 2.31 -1.97
C VAL D 332 35.01 2.27 -0.66
N PRO D 333 33.99 3.10 -0.47
CA PRO D 333 33.19 3.03 0.78
C PRO D 333 32.76 1.59 1.06
N THR D 334 33.02 1.12 2.28
CA THR D 334 32.94 -0.31 2.57
C THR D 334 32.20 -0.59 3.87
N LEU D 335 31.39 -1.65 3.86
CA LEU D 335 30.64 -2.11 5.02
C LEU D 335 31.22 -3.45 5.47
N ILE D 336 31.68 -3.53 6.72
CA ILE D 336 32.25 -4.77 7.26
C ILE D 336 31.30 -5.35 8.30
N LEU D 337 30.87 -6.60 8.08
CA LEU D 337 29.87 -7.27 8.90
C LEU D 337 30.45 -8.53 9.51
N GLY D 338 29.82 -9.02 10.59
CA GLY D 338 30.23 -10.26 11.20
C GLY D 338 29.60 -11.47 10.54
N GLY D 339 29.24 -12.47 11.33
CA GLY D 339 28.65 -13.68 10.80
C GLY D 339 28.89 -14.82 11.77
N GLY D 340 29.27 -15.97 11.22
CA GLY D 340 29.55 -17.14 12.03
C GLY D 340 30.77 -16.95 12.92
N GLY D 341 30.99 -17.94 13.78
CA GLY D 341 32.12 -17.90 14.69
C GLY D 341 31.72 -18.39 16.06
N TYR D 342 32.05 -19.64 16.36
CA TYR D 342 31.50 -20.35 17.51
C TYR D 342 32.54 -20.60 18.61
N ASN D 343 33.77 -20.14 18.43
CA ASN D 343 34.74 -19.99 19.53
C ASN D 343 34.72 -18.51 19.88
N PHE D 344 33.94 -18.14 20.90
CA PHE D 344 33.68 -16.71 21.16
C PHE D 344 34.94 -15.91 21.47
N PRO D 345 35.83 -16.33 22.37
CA PRO D 345 37.04 -15.52 22.59
C PRO D 345 37.91 -15.39 21.35
N ASP D 346 38.03 -16.45 20.54
CA ASP D 346 38.86 -16.34 19.34
C ASP D 346 38.17 -15.51 18.25
N THR D 347 36.85 -15.51 18.18
CA THR D 347 36.16 -14.57 17.29
C THR D 347 36.46 -13.13 17.70
N ALA D 348 36.45 -12.86 19.01
CA ALA D 348 36.84 -11.55 19.51
C ALA D 348 38.28 -11.21 19.12
N ARG D 349 39.20 -12.17 19.27
CA ARG D 349 40.61 -11.93 18.90
C ARG D 349 40.75 -11.53 17.43
N LEU D 350 40.06 -12.25 16.54
CA LEU D 350 40.13 -11.90 15.12
C LEU D 350 39.50 -10.54 14.83
N TRP D 351 38.29 -10.31 15.34
CA TRP D 351 37.57 -9.11 14.91
C TRP D 351 38.19 -7.86 15.51
N THR D 352 38.83 -7.98 16.68
CA THR D 352 39.61 -6.88 17.21
C THR D 352 40.75 -6.51 16.28
N ARG D 353 41.42 -7.51 15.69
CA ARG D 353 42.51 -7.20 14.77
C ARG D 353 41.98 -6.61 13.46
N VAL D 354 40.85 -7.13 12.96
CA VAL D 354 40.21 -6.52 11.78
C VAL D 354 39.90 -5.06 12.04
N THR D 355 39.39 -4.75 13.25
CA THR D 355 39.01 -3.37 13.57
C THR D 355 40.23 -2.46 13.63
N ALA D 356 41.27 -2.89 14.35
CA ALA D 356 42.51 -2.12 14.37
C ALA D 356 43.09 -1.94 12.96
N LEU D 357 42.99 -2.98 12.13
CA LEU D 357 43.51 -2.88 10.76
C LEU D 357 42.76 -1.83 9.95
N THR D 358 41.43 -1.79 10.10
CA THR D 358 40.62 -0.82 9.36
C THR D 358 41.00 0.61 9.74
N ILE D 359 41.18 0.88 11.03
CA ILE D 359 41.63 2.20 11.46
C ILE D 359 42.95 2.58 10.78
N GLU D 360 43.94 1.67 10.85
CA GLU D 360 45.25 1.95 10.26
C GLU D 360 45.15 2.27 8.77
N GLU D 361 44.40 1.44 8.02
CA GLU D 361 44.37 1.56 6.56
C GLU D 361 43.59 2.79 6.11
N VAL D 362 42.55 3.17 6.86
CA VAL D 362 41.70 4.28 6.44
C VAL D 362 42.30 5.62 6.88
N LYS D 363 42.72 5.71 8.14
CA LYS D 363 43.22 6.95 8.71
C LYS D 363 44.72 7.14 8.56
N GLY D 364 45.46 6.12 8.10
CA GLY D 364 46.90 6.22 8.02
C GLY D 364 47.59 6.35 9.36
N LYS D 365 46.95 5.88 10.42
CA LYS D 365 47.39 6.12 11.80
C LYS D 365 47.71 4.77 12.43
N LYS D 366 48.99 4.57 12.78
CA LYS D 366 49.41 3.25 13.25
C LYS D 366 48.70 2.86 14.54
N MET D 367 48.27 1.60 14.61
CA MET D 367 47.62 1.03 15.79
C MET D 367 48.53 -0.04 16.39
N THR D 368 48.98 0.17 17.61
CA THR D 368 49.86 -0.78 18.29
C THR D 368 49.01 -1.61 19.24
N ILE D 369 49.04 -2.92 19.08
CA ILE D 369 48.23 -3.85 19.84
C ILE D 369 49.17 -4.81 20.59
N SER D 370 49.15 -4.75 21.93
CA SER D 370 50.02 -5.61 22.71
C SER D 370 49.68 -7.08 22.45
N PRO D 371 50.69 -7.96 22.38
CA PRO D 371 50.41 -9.41 22.23
C PRO D 371 49.71 -10.03 23.44
N GLU D 372 49.61 -9.34 24.57
CA GLU D 372 48.92 -9.84 25.74
C GLU D 372 47.54 -9.20 25.86
N ILE D 373 46.56 -10.00 26.26
CA ILE D 373 45.18 -9.50 26.44
C ILE D 373 45.15 -8.52 27.61
N PRO D 374 44.62 -7.31 27.45
CA PRO D 374 44.56 -6.38 28.56
C PRO D 374 43.52 -6.80 29.58
N GLU D 375 43.67 -6.28 30.80
CA GLU D 375 42.67 -6.52 31.84
C GLU D 375 41.36 -5.84 31.47
N HIS D 376 40.25 -6.54 31.73
CA HIS D 376 38.88 -6.05 31.54
C HIS D 376 37.90 -7.13 32.01
N SER D 377 36.60 -6.83 31.96
CA SER D 377 35.62 -7.68 32.64
C SER D 377 35.61 -9.11 32.14
N TYR D 378 36.04 -9.37 30.90
CA TYR D 378 36.03 -10.71 30.35
C TYR D 378 37.43 -11.33 30.23
N PHE D 379 38.43 -10.77 30.93
CA PHE D 379 39.80 -11.26 30.84
C PHE D 379 39.89 -12.77 31.10
N SER D 380 39.11 -13.28 32.05
CA SER D 380 39.21 -14.69 32.43
C SER D 380 38.82 -15.63 31.30
N ARG D 381 38.07 -15.14 30.31
CA ARG D 381 37.66 -15.96 29.17
C ARG D 381 38.80 -16.24 28.20
N TYR D 382 39.94 -15.56 28.33
CA TYR D 382 41.03 -15.68 27.38
C TYR D 382 42.15 -16.58 27.89
N GLY D 383 41.92 -17.32 28.97
CA GLY D 383 42.91 -18.24 29.50
C GLY D 383 43.05 -19.50 28.67
N PRO D 384 44.06 -20.32 28.98
CA PRO D 384 44.95 -20.15 30.13
C PRO D 384 46.16 -19.25 29.88
N ASP D 385 46.37 -18.82 28.63
CA ASP D 385 47.57 -18.09 28.26
C ASP D 385 47.36 -16.60 28.08
N PHE D 386 46.16 -16.14 27.72
CA PHE D 386 45.81 -14.72 27.69
C PHE D 386 46.62 -13.95 26.65
N GLU D 387 46.79 -14.55 25.48
CA GLU D 387 47.49 -13.91 24.38
C GLU D 387 46.51 -13.59 23.25
N LEU D 388 46.87 -12.61 22.43
CA LEU D 388 45.99 -12.15 21.36
C LEU D 388 45.98 -13.12 20.18
N ASP D 389 47.14 -13.66 19.80
CA ASP D 389 47.20 -14.72 18.80
C ASP D 389 46.35 -15.89 19.24
N ILE D 390 45.67 -16.53 18.29
CA ILE D 390 44.96 -17.75 18.64
C ILE D 390 46.00 -18.84 18.89
N ASP D 391 45.64 -19.82 19.72
CA ASP D 391 46.56 -20.86 20.17
C ASP D 391 46.61 -21.98 19.14
N TYR D 392 47.47 -21.81 18.13
CA TYR D 392 47.49 -22.77 17.04
C TYR D 392 48.84 -22.78 16.34
N PHE D 393 49.32 -23.99 16.02
CA PHE D 393 50.60 -24.18 15.36
C PHE D 393 50.39 -24.68 13.94
N PRO D 394 50.48 -23.81 12.91
CA PRO D 394 50.24 -24.15 11.51
C PRO D 394 51.19 -25.21 10.98
N LEU D 402 46.02 -27.81 -5.59
CA LEU D 402 46.75 -26.91 -6.48
C LEU D 402 46.13 -26.88 -7.88
N ASP D 403 46.00 -28.07 -8.48
CA ASP D 403 45.33 -28.16 -9.78
C ASP D 403 43.86 -27.75 -9.68
N SER D 404 43.21 -28.05 -8.56
CA SER D 404 41.81 -27.68 -8.37
C SER D 404 41.61 -26.17 -8.45
N ILE D 405 42.47 -25.42 -7.75
CA ILE D 405 42.29 -23.97 -7.67
C ILE D 405 42.63 -23.30 -8.99
N GLN D 406 43.60 -23.83 -9.74
CA GLN D 406 43.91 -23.24 -11.04
C GLN D 406 42.76 -23.43 -12.02
N LYS D 407 42.05 -24.57 -11.94
CA LYS D 407 40.88 -24.76 -12.79
C LYS D 407 39.73 -23.84 -12.38
N HIS D 408 39.53 -23.63 -11.08
CA HIS D 408 38.52 -22.66 -10.65
C HIS D 408 38.86 -21.26 -11.14
N HIS D 409 40.15 -20.90 -11.08
CA HIS D 409 40.57 -19.58 -11.54
C HIS D 409 40.28 -19.39 -13.02
N ARG D 410 40.55 -20.42 -13.85
CA ARG D 410 40.21 -20.31 -15.27
C ARG D 410 38.70 -20.19 -15.47
N ARG D 411 37.92 -20.93 -14.69
CA ARG D 411 36.48 -20.85 -14.79
C ARG D 411 35.98 -19.46 -14.39
N ILE D 412 36.50 -18.92 -13.28
CA ILE D 412 36.03 -17.63 -12.80
C ILE D 412 36.42 -16.50 -13.76
N LEU D 413 37.62 -16.58 -14.36
CA LEU D 413 38.05 -15.59 -15.34
C LEU D 413 37.11 -15.54 -16.53
N GLU D 414 36.77 -16.71 -17.07
CA GLU D 414 35.82 -16.83 -18.18
C GLU D 414 34.44 -16.24 -17.81
N GLN D 415 33.96 -16.51 -16.58
CA GLN D 415 32.68 -15.96 -16.14
C GLN D 415 32.75 -14.43 -16.03
N LEU D 416 33.88 -13.90 -15.55
CA LEU D 416 34.01 -12.44 -15.47
C LEU D 416 34.02 -11.81 -16.85
N ARG D 417 34.70 -12.45 -17.80
CA ARG D 417 34.68 -11.99 -19.18
C ARG D 417 33.25 -11.99 -19.73
N ASN D 418 32.49 -13.05 -19.44
CA ASN D 418 31.10 -13.12 -19.88
C ASN D 418 30.24 -12.06 -19.21
N TYR D 419 30.43 -11.85 -17.90
CA TYR D 419 29.67 -10.82 -17.21
C TYR D 419 29.93 -9.45 -17.83
N ALA D 420 31.20 -9.12 -18.08
CA ALA D 420 31.54 -7.82 -18.65
C ALA D 420 31.04 -7.69 -20.09
N ASP D 421 31.10 -8.76 -20.88
CA ASP D 421 30.52 -8.71 -22.22
C ASP D 421 29.01 -8.43 -22.15
N LEU D 422 28.30 -9.20 -21.33
CA LEU D 422 26.85 -9.06 -21.23
C LEU D 422 26.45 -7.67 -20.79
N ASN D 423 27.24 -7.07 -19.89
CA ASN D 423 26.90 -5.79 -19.31
C ASN D 423 27.61 -4.64 -20.00
N LYS D 424 28.28 -4.91 -21.12
CA LYS D 424 28.93 -3.89 -21.94
C LYS D 424 29.90 -3.04 -21.13
N LEU D 425 30.70 -3.68 -20.29
CA LEU D 425 31.74 -3.01 -19.52
C LEU D 425 33.08 -3.12 -20.24
N ILE D 426 33.88 -2.06 -20.16
CA ILE D 426 35.18 -2.03 -20.83
C ILE D 426 36.27 -2.31 -19.80
N TYR D 427 37.26 -3.10 -20.20
CA TYR D 427 38.28 -3.63 -19.31
C TYR D 427 39.41 -4.17 -20.17
N ASP D 428 40.60 -4.23 -19.59
CA ASP D 428 41.77 -4.73 -20.30
C ASP D 428 41.95 -6.21 -19.97
N TYR D 429 41.65 -7.07 -20.94
CA TYR D 429 41.95 -8.50 -20.83
C TYR D 429 43.34 -8.74 -20.26
N ASP D 430 44.35 -8.09 -20.86
CA ASP D 430 45.73 -8.25 -20.43
C ASP D 430 45.87 -8.04 -18.92
N GLN D 431 45.57 -6.81 -18.46
CA GLN D 431 45.75 -6.46 -17.05
C GLN D 431 45.04 -7.43 -16.10
N VAL D 432 43.90 -7.99 -16.53
CA VAL D 432 43.13 -8.88 -15.66
C VAL D 432 43.74 -10.28 -15.63
N TYR D 433 43.92 -10.88 -16.81
CA TYR D 433 44.52 -12.22 -16.88
C TYR D 433 45.87 -12.27 -16.18
N GLN D 434 46.60 -11.15 -16.14
CA GLN D 434 47.93 -11.14 -15.52
C GLN D 434 47.88 -11.41 -14.02
N LEU D 435 46.79 -11.04 -13.36
CA LEU D 435 46.72 -11.21 -11.91
C LEU D 435 46.83 -12.68 -11.51
N TYR D 436 46.35 -13.59 -12.35
CA TYR D 436 46.39 -15.02 -12.02
C TYR D 436 47.69 -15.67 -12.47
ZN ZN E . -36.18 -5.44 1.37
K K F . -36.11 1.21 4.21
K K G . -24.48 9.55 9.27
O1 T34 H . -33.96 -5.61 1.56
N2 T34 H . -33.86 -6.92 2.04
C3 T34 H . -34.66 -7.87 1.58
O4 T34 H . -35.46 -7.68 0.67
C5 T34 H . -34.56 -9.20 2.26
C6 T34 H . -33.60 -9.39 3.26
C7 T34 H . -33.56 -10.58 3.97
C8 T34 H . -34.44 -11.62 3.71
C9 T34 H . -35.39 -11.45 2.68
C10 T34 H . -35.44 -10.24 1.97
C11 T34 H . -34.41 -12.88 4.55
N12 T34 H . -36.27 -12.47 2.39
C13 T34 H . -37.26 -12.31 1.35
C14 T34 H . -37.75 -13.62 0.79
C15 T34 H . -37.83 -13.82 -0.58
C16 T34 H . -38.28 -15.03 -1.09
C17 T34 H . -38.65 -16.05 -0.24
C18 T34 H . -38.58 -15.86 1.12
C19 T34 H . -38.13 -14.66 1.64
C1 DMF I . -7.78 -32.33 0.07
C2 DMF I . -6.73 -30.44 1.42
C DMF I . -8.74 -31.59 2.18
O DMF I . -9.84 -32.05 1.90
N DMF I . -7.79 -31.46 1.26
C1 DMF J . -34.14 17.96 -11.85
C2 DMF J . -32.26 19.58 -12.46
C DMF J . -31.93 17.78 -10.86
O DMF J . -32.31 16.75 -10.29
N DMF J . -32.75 18.43 -11.69
C1 DMF K . -31.13 -11.94 -20.31
C2 DMF K . -30.09 -14.03 -19.32
C DMF K . -32.48 -13.64 -19.21
O DMF K . -32.58 -14.51 -18.36
N DMF K . -31.28 -13.21 -19.59
C1 DMF L . -46.50 8.24 -16.82
C2 DMF L . -45.44 9.97 -15.27
C DMF L . -45.82 7.67 -14.58
O DMF L . -46.80 6.97 -14.32
N DMF L . -45.92 8.61 -15.52
C1 GOL M . -30.15 1.32 14.82
O1 GOL M . -30.63 1.56 13.52
C2 GOL M . -31.39 1.45 15.67
O2 GOL M . -31.64 0.20 16.27
C3 GOL M . -31.29 2.64 16.62
O3 GOL M . -32.09 2.47 17.77
ZN ZN N . -5.13 -3.36 -25.06
K K O . -5.52 -10.25 -27.07
K K P . -15.17 -17.08 -36.45
O1 T34 Q . -7.02 -2.95 -26.24
N2 T34 Q . -7.70 -2.14 -25.33
C3 T34 Q . -7.05 -1.21 -24.64
O4 T34 Q . -5.83 -1.03 -24.73
C5 T34 Q . -7.89 -0.38 -23.70
C6 T34 Q . -9.26 -0.52 -23.68
C7 T34 Q . -10.02 0.19 -22.77
C8 T34 Q . -9.45 1.06 -21.85
C9 T34 Q . -8.04 1.21 -21.88
C10 T34 Q . -7.28 0.50 -22.81
C11 T34 Q . -10.30 1.79 -20.85
N12 T34 Q . -7.45 2.06 -20.98
C13 T34 Q . -6.01 2.23 -20.95
C14 T34 Q . -5.57 3.44 -20.17
C15 T34 Q . -4.62 4.32 -20.68
C16 T34 Q . -4.24 5.45 -19.98
C17 T34 Q . -4.81 5.72 -18.75
C18 T34 Q . -5.75 4.85 -18.22
C19 T34 Q . -6.12 3.73 -18.93
C1 DMF R . 0.25 -19.07 -16.89
C2 DMF R . 2.49 -19.65 -15.81
C DMF R . 1.66 -20.81 -17.76
O DMF R . 2.40 -21.76 -17.49
N DMF R . 1.47 -19.88 -16.85
C1 DMF S . 3.82 15.04 -37.19
C2 DMF S . 5.51 15.00 -35.31
C DMF S . 3.10 15.12 -34.89
O DMF S . 3.32 15.30 -33.69
N DMF S . 4.10 15.06 -35.76
C1 DMF T . 9.90 8.34 -43.31
C2 DMF T . 8.39 6.65 -42.13
C DMF T . 9.34 8.51 -40.94
O DMF T . 10.29 9.26 -40.76
N DMF T . 9.22 7.85 -42.09
C1 DMF U . 4.79 -14.12 -45.14
C2 DMF U . 5.34 -15.28 -47.33
C DMF U . 6.99 -14.98 -45.55
O DMF U . 7.93 -14.97 -46.33
N DMF U . 5.75 -14.81 -45.99
C1 DMF V . 14.85 -7.96 -33.74
C2 DMF V . 16.96 -6.66 -33.07
C DMF V . 16.75 -7.82 -35.19
O DMF V . 16.21 -8.70 -35.86
N DMF V . 16.20 -7.49 -34.03
C1 DMF W . 7.95 17.30 -33.81
C2 DMF W . 9.97 16.43 -35.12
C DMF W . 9.84 16.29 -32.69
O DMF W . 10.45 17.11 -31.99
N DMF W . 9.28 16.66 -33.83
C1 GOL X . -16.80 -14.82 -25.38
O1 GOL X . -15.62 -14.24 -25.91
C2 GOL X . -16.37 -15.63 -24.17
O2 GOL X . -16.91 -15.05 -22.99
C3 GOL X . -16.76 -17.09 -24.31
O3 GOL X . -16.83 -17.72 -23.05
C1 GOL Y . -5.17 10.00 -44.38
O1 GOL Y . -4.42 8.91 -44.86
C2 GOL Y . -5.13 11.15 -45.39
O2 GOL Y . -4.51 10.74 -46.59
C3 GOL Y . -6.54 11.62 -45.67
O3 GOL Y . -7.14 10.79 -46.64
ZN ZN Z . 7.32 12.17 21.56
K K AA . 5.10 9.10 27.67
K K BA . 12.48 6.90 40.75
O1 T34 CA . 9.52 12.52 22.44
N2 T34 CA . 10.32 12.10 21.37
C3 T34 CA . 10.01 12.46 20.13
O4 T34 CA . 9.01 13.13 19.85
C5 T34 CA . 10.92 11.95 19.06
C6 T34 CA . 12.08 11.26 19.39
C7 T34 CA . 12.89 10.72 18.40
C8 T34 CA . 12.58 10.86 17.04
C9 T34 CA . 11.41 11.57 16.71
C10 T34 CA . 10.60 12.11 17.72
C11 T34 CA . 13.46 10.25 15.99
N12 T34 CA . 11.09 11.73 15.38
C13 T34 CA . 9.89 12.46 14.97
C14 T34 CA . 9.89 12.92 13.53
C15 T34 CA . 10.25 12.05 12.51
C16 T34 CA . 10.22 12.46 11.19
C17 T34 CA . 9.83 13.74 10.87
C18 T34 CA . 9.48 14.62 11.88
C19 T34 CA . 9.51 14.21 13.20
C1 DMF DA . 2.85 35.26 24.63
C2 DMF DA . 2.29 36.51 22.48
C DMF DA . 2.47 37.63 24.62
O DMF DA . 1.57 38.44 24.39
N DMF DA . 2.54 36.50 23.92
C1 DMF EA . 3.56 40.15 31.51
C2 DMF EA . 4.03 41.88 29.73
C DMF EA . 5.56 41.51 31.60
O DMF EA . 6.22 42.46 31.20
N DMF EA . 4.43 41.19 30.97
C1 DMF FA . 21.66 14.43 39.37
C2 DMF FA . 19.37 15.26 40.13
C DMF FA . 19.83 12.92 39.69
O DMF FA . 19.68 12.39 38.59
N DMF FA . 20.26 14.17 39.72
C1 DMF GA . -12.01 25.42 29.41
C2 DMF GA . -10.95 23.65 27.92
C DMF GA . -12.11 25.54 27.00
O DMF GA . -11.97 25.00 25.90
N DMF GA . -11.70 24.90 28.08
C1 DMF HA . 10.46 33.43 15.07
C2 DMF HA . 9.42 35.05 16.76
C DMF HA . 8.23 34.34 14.77
O DMF HA . 7.29 35.08 15.10
N DMF HA . 9.33 34.27 15.51
C1 DMF IA . -7.50 -0.27 23.88
C2 DMF IA . -5.51 -0.46 25.47
C DMF IA . -7.78 -0.51 26.28
O DMF IA . -8.93 -0.93 26.10
N DMF IA . -6.96 -0.41 25.24
C1 DMF JA . -2.30 23.17 41.95
C2 DMF JA . -2.91 23.93 44.30
C DMF JA . -4.56 23.74 42.51
O DMF JA . -5.21 24.75 42.79
N DMF JA . -3.29 23.62 42.91
C1 GOL KA . 11.34 -1.50 31.75
O1 GOL KA . 11.29 -2.92 31.80
C2 GOL KA . 12.61 -1.08 31.04
O2 GOL KA . 12.44 -1.17 29.64
C3 GOL KA . 12.99 0.34 31.44
O3 GOL KA . 11.95 1.24 31.09
ZN ZN LA . 29.14 -19.91 8.94
K K MA . 31.41 -17.61 2.44
K K NA . 23.84 -10.89 -8.72
O1 T34 OA . 26.99 -19.20 8.35
N2 T34 OA . 26.31 -20.31 8.85
C3 T34 OA . 26.69 -20.90 9.99
O4 T34 OA . 27.61 -20.48 10.69
C5 T34 OA . 25.92 -22.12 10.38
C6 T34 OA . 24.80 -22.49 9.63
C7 T34 OA . 24.12 -23.65 9.92
C8 T34 OA . 24.50 -24.49 10.97
C9 T34 OA . 25.60 -24.10 11.75
C10 T34 OA . 26.30 -22.93 11.45
C11 T34 OA . 23.75 -25.76 11.23
N12 T34 OA . 25.95 -24.87 12.84
C13 T34 OA . 27.05 -24.49 13.71
C14 T34 OA . 27.00 -25.14 15.07
C15 T34 OA . 26.87 -26.52 15.18
C16 T34 OA . 26.81 -27.13 16.42
C17 T34 OA . 26.88 -26.37 17.57
C18 T34 OA . 27.02 -25.00 17.48
C19 T34 OA . 27.08 -24.40 16.24
C1 DMF PA . 47.11 -3.19 12.48
C2 DMF PA . 47.79 -3.87 14.84
C DMF PA . 46.43 -5.30 13.45
O DMF PA . 46.37 -6.06 14.43
N DMF PA . 47.08 -4.16 13.58
C1 DMF QA . 32.17 -1.96 24.87
C2 DMF QA . 32.24 0.37 23.85
C DMF QA . 30.29 -1.06 23.61
O DMF QA . 29.72 -2.15 23.68
N DMF QA . 31.53 -0.89 24.08
C1 GOL RA . 24.37 -22.10 -6.23
O1 GOL RA . 25.14 -21.24 -5.43
C2 GOL RA . 25.36 -23.10 -6.80
O2 GOL RA . 24.97 -24.40 -6.42
C3 GOL RA . 25.45 -22.89 -8.30
O3 GOL RA . 26.07 -23.98 -8.95
#